data_7BDV
#
_entry.id   7BDV
#
_cell.length_a   75.860
_cell.length_b   85.970
_cell.length_c   237.910
_cell.angle_alpha   90.000
_cell.angle_beta   90.000
_cell.angle_gamma   90.000
#
_symmetry.space_group_name_H-M   'P 21 21 21'
#
loop_
_entity.id
_entity.type
_entity.pdbx_description
1 polymer Can2
2 polymer 'Cyclic tetraadenosine monophosphate (cA4)'
3 water water
#
loop_
_entity_poly.entity_id
_entity_poly.type
_entity_poly.pdbx_seq_one_letter_code
_entity_poly.pdbx_strand_id
1 'polypeptide(L)'
;(MSE)ARLDDLFIIHDTYVCLLSDHLLPNVIPVIQAPPQRVILLYTPNNKERVQRFRQATESVPTEIIEKQVHPYQYAQT
QRICDEILEQFPNAILNVTGGTKI(MSE)ALAAFDRFRHNHRPIIYVDSDSQRILYLHNGESERLGDPLTVKQYLACYGF
KADNINRQDNLPKTWREVEDLFAQNSTKWQNQLGRLNWIAAQQQPIFTLQTGELQDLLLKANLIKPAEAKNAGFQFTSDQ
ARQFINGGWFEHYVYSLLRQISAQYPIKNLTKNIEISNDSVSNELDVVFLYHNKLHVIECKTRHFTADGKINP(MSE)ET
IYKIDSVTNRVAGIKGKS(MSE)FASYYPLTQAAKKRCLNNSIYVSDQPSQLHHQLIKWINA
;
A,B,C,D
2 'polyribonucleotide' AAAA F,H
#
loop_
_chem_comp.id
_chem_comp.type
_chem_comp.name
_chem_comp.formula
A RNA linking ADENOSINE-5'-MONOPHOSPHATE 'C10 H14 N5 O7 P'
#
# COMPACT_ATOMS: atom_id res chain seq x y z
N ARG A 3 38.60 8.17 -41.90
CA ARG A 3 39.91 8.47 -41.21
C ARG A 3 39.85 9.89 -40.60
N LEU A 4 39.99 9.96 -39.28
CA LEU A 4 39.79 11.17 -38.45
C LEU A 4 40.98 12.14 -38.62
N ASP A 5 42.20 11.61 -38.74
CA ASP A 5 43.42 12.43 -39.01
C ASP A 5 43.19 13.21 -40.31
N ASP A 6 42.62 12.53 -41.33
CA ASP A 6 42.29 13.09 -42.67
C ASP A 6 41.25 14.20 -42.51
N LEU A 7 40.11 13.92 -41.84
CA LEU A 7 39.03 14.92 -41.64
C LEU A 7 39.61 16.20 -41.01
N PHE A 8 40.56 16.09 -40.07
CA PHE A 8 41.11 17.27 -39.34
C PHE A 8 42.20 17.98 -40.16
N ILE A 9 42.58 17.49 -41.35
CA ILE A 9 43.48 18.24 -42.29
C ILE A 9 42.60 19.20 -43.11
N ILE A 10 41.49 18.69 -43.65
CA ILE A 10 40.50 19.42 -44.49
C ILE A 10 39.60 20.31 -43.61
N HIS A 11 39.19 19.84 -42.44
CA HIS A 11 38.22 20.52 -41.54
C HIS A 11 38.96 21.05 -40.30
N ASP A 12 39.19 22.37 -40.22
CA ASP A 12 40.10 23.04 -39.25
C ASP A 12 39.47 23.12 -37.84
N THR A 13 38.15 23.11 -37.72
CA THR A 13 37.42 23.59 -36.52
C THR A 13 36.51 22.45 -36.02
N TYR A 14 36.72 22.04 -34.78
CA TYR A 14 35.97 20.95 -34.11
C TYR A 14 34.99 21.59 -33.11
N VAL A 15 33.69 21.36 -33.31
CA VAL A 15 32.63 21.95 -32.47
C VAL A 15 32.07 20.85 -31.58
N CYS A 16 32.10 21.04 -30.26
CA CYS A 16 31.50 20.02 -29.37
C CYS A 16 30.63 20.65 -28.31
N LEU A 17 29.67 19.84 -27.86
CA LEU A 17 28.61 20.27 -26.91
C LEU A 17 28.98 19.71 -25.54
N LEU A 18 29.26 20.55 -24.54
CA LEU A 18 29.72 20.08 -23.22
C LEU A 18 28.52 19.69 -22.34
N SER A 19 28.72 18.68 -21.52
CA SER A 19 27.66 18.03 -20.72
C SER A 19 28.31 17.20 -19.61
N ASP A 20 27.53 16.43 -18.84
CA ASP A 20 28.10 15.62 -17.72
C ASP A 20 29.32 14.84 -18.16
N HIS A 21 29.30 14.19 -19.33
CA HIS A 21 30.36 13.25 -19.75
C HIS A 21 31.18 13.88 -20.88
N LEU A 22 32.35 14.40 -20.55
CA LEU A 22 33.26 15.10 -21.49
C LEU A 22 34.01 14.11 -22.37
N LEU A 23 34.11 12.82 -21.97
CA LEU A 23 34.93 11.80 -22.66
C LEU A 23 34.73 11.75 -24.16
N PRO A 24 33.49 11.71 -24.69
CA PRO A 24 33.30 11.53 -26.12
C PRO A 24 33.70 12.80 -26.92
N ASN A 25 33.84 13.95 -26.28
CA ASN A 25 34.41 15.18 -26.92
C ASN A 25 35.94 15.16 -26.84
N VAL A 26 36.51 14.54 -25.82
CA VAL A 26 37.97 14.60 -25.53
C VAL A 26 38.70 13.52 -26.35
N ILE A 27 38.10 12.32 -26.48
CA ILE A 27 38.75 11.18 -27.13
C ILE A 27 39.17 11.52 -28.56
N PRO A 28 38.29 12.09 -29.42
CA PRO A 28 38.72 12.50 -30.76
C PRO A 28 39.84 13.56 -30.84
N VAL A 29 39.93 14.44 -29.85
CA VAL A 29 40.92 15.56 -29.77
C VAL A 29 42.30 14.99 -29.39
N ILE A 30 42.34 13.99 -28.51
CA ILE A 30 43.60 13.32 -28.07
C ILE A 30 44.12 12.45 -29.22
N GLN A 31 43.21 11.73 -29.90
CA GLN A 31 43.53 10.83 -31.03
C GLN A 31 44.18 11.65 -32.16
N ALA A 32 43.54 12.74 -32.57
CA ALA A 32 43.86 13.57 -33.77
C ALA A 32 43.68 15.06 -33.45
N PRO A 33 44.71 15.74 -32.93
CA PRO A 33 44.58 17.14 -32.51
C PRO A 33 44.11 18.09 -33.62
N PRO A 34 42.96 18.79 -33.48
CA PRO A 34 42.48 19.69 -34.53
C PRO A 34 43.11 21.07 -34.34
N GLN A 35 42.87 21.99 -35.28
CA GLN A 35 43.53 23.33 -35.27
C GLN A 35 42.83 24.21 -34.25
N ARG A 36 41.51 24.09 -34.18
CA ARG A 36 40.60 24.91 -33.34
C ARG A 36 39.52 24.02 -32.76
N VAL A 37 39.19 24.20 -31.49
CA VAL A 37 38.00 23.59 -30.83
C VAL A 37 37.05 24.71 -30.40
N ILE A 38 35.78 24.65 -30.81
CA ILE A 38 34.68 25.51 -30.29
C ILE A 38 33.90 24.67 -29.26
N LEU A 39 33.95 25.08 -27.99
CA LEU A 39 33.21 24.43 -26.88
C LEU A 39 31.89 25.19 -26.64
N LEU A 40 30.76 24.53 -26.88
CA LEU A 40 29.43 25.05 -26.51
C LEU A 40 29.13 24.61 -25.08
N TYR A 41 29.26 25.52 -24.11
CA TYR A 41 28.97 25.23 -22.68
C TYR A 41 27.64 25.91 -22.30
N THR A 42 27.09 25.56 -21.15
CA THR A 42 25.78 26.08 -20.70
C THR A 42 25.98 26.84 -19.39
N PRO A 43 25.01 27.70 -19.01
CA PRO A 43 25.07 28.45 -17.75
C PRO A 43 25.27 27.55 -16.52
N ASN A 44 26.11 28.04 -15.61
CA ASN A 44 26.50 27.40 -14.32
C ASN A 44 27.38 26.18 -14.56
N ASN A 45 27.88 25.97 -15.77
CA ASN A 45 28.69 24.77 -16.10
C ASN A 45 29.99 25.19 -16.78
N LYS A 46 30.48 26.39 -16.48
CA LYS A 46 31.76 26.88 -17.08
C LYS A 46 32.90 25.98 -16.57
N GLU A 47 32.73 25.31 -15.43
CA GLU A 47 33.75 24.38 -14.88
C GLU A 47 34.03 23.22 -15.87
N ARG A 48 33.09 22.88 -16.76
CA ARG A 48 33.29 21.83 -17.80
C ARG A 48 34.34 22.28 -18.82
N VAL A 49 34.38 23.57 -19.13
CA VAL A 49 35.42 24.15 -20.02
C VAL A 49 36.78 23.87 -19.38
N GLN A 50 36.91 24.05 -18.07
CA GLN A 50 38.20 23.91 -17.32
C GLN A 50 38.61 22.43 -17.29
N ARG A 51 37.66 21.52 -17.04
CA ARG A 51 37.93 20.06 -17.14
C ARG A 51 38.41 19.69 -18.55
N PHE A 52 37.78 20.22 -19.59
CA PHE A 52 38.15 19.93 -21.00
C PHE A 52 39.60 20.37 -21.25
N ARG A 53 39.98 21.56 -20.75
CA ARG A 53 41.35 22.11 -20.92
C ARG A 53 42.34 21.19 -20.21
N GLN A 54 42.02 20.78 -18.98
CA GLN A 54 42.88 19.91 -18.13
C GLN A 54 43.04 18.54 -18.78
N ALA A 55 41.96 17.96 -19.32
CA ALA A 55 42.00 16.64 -19.97
C ALA A 55 42.86 16.70 -21.24
N THR A 56 42.85 17.83 -21.96
CA THR A 56 43.55 17.95 -23.26
C THR A 56 44.84 18.78 -23.10
N GLU A 57 45.36 18.96 -21.88
CA GLU A 57 46.57 19.81 -21.62
C GLU A 57 47.76 19.33 -22.46
N SER A 58 47.90 18.01 -22.67
CA SER A 58 49.01 17.35 -23.42
C SER A 58 48.94 17.71 -24.92
N VAL A 59 47.80 18.24 -25.39
CA VAL A 59 47.50 18.51 -26.81
C VAL A 59 46.99 19.95 -26.89
N PRO A 60 47.81 20.97 -26.62
CA PRO A 60 47.34 22.36 -26.72
C PRO A 60 46.87 22.66 -28.15
N THR A 61 45.61 23.07 -28.30
CA THR A 61 45.05 23.71 -29.53
C THR A 61 44.53 25.10 -29.20
N GLU A 62 43.93 25.79 -30.18
CA GLU A 62 43.14 27.03 -29.98
C GLU A 62 41.75 26.61 -29.45
N ILE A 63 41.33 27.11 -28.29
CA ILE A 63 39.99 26.82 -27.69
C ILE A 63 39.17 28.11 -27.66
N ILE A 64 38.03 28.13 -28.37
CA ILE A 64 36.97 29.17 -28.32
C ILE A 64 35.81 28.64 -27.46
N GLU A 65 35.32 29.42 -26.48
CA GLU A 65 34.15 29.05 -25.63
C GLU A 65 32.93 29.84 -26.14
N LYS A 66 31.75 29.22 -26.21
CA LYS A 66 30.47 29.89 -26.59
C LYS A 66 29.33 29.36 -25.71
N GLN A 67 28.53 30.25 -25.15
CA GLN A 67 27.44 29.90 -24.22
C GLN A 67 26.19 29.59 -25.05
N VAL A 68 25.46 28.53 -24.70
CA VAL A 68 24.12 28.24 -25.27
C VAL A 68 23.21 27.78 -24.13
N HIS A 69 21.90 27.90 -24.30
CA HIS A 69 20.89 27.43 -23.31
C HIS A 69 20.63 25.95 -23.59
N PRO A 70 20.55 25.08 -22.57
CA PRO A 70 20.31 23.67 -22.82
C PRO A 70 18.99 23.34 -23.54
N TYR A 71 17.97 24.20 -23.49
CA TYR A 71 16.59 23.84 -23.93
C TYR A 71 16.00 24.89 -24.86
N GLN A 72 16.84 25.53 -25.70
CA GLN A 72 16.40 26.60 -26.65
C GLN A 72 16.82 26.25 -28.07
N TYR A 73 15.96 25.57 -28.82
CA TYR A 73 16.23 25.04 -30.18
C TYR A 73 16.71 26.17 -31.11
N ALA A 74 15.88 27.19 -31.30
CA ALA A 74 16.06 28.27 -32.30
C ALA A 74 17.33 29.08 -31.99
N GLN A 75 17.59 29.34 -30.71
CA GLN A 75 18.77 30.12 -30.28
C GLN A 75 20.05 29.34 -30.58
N THR A 76 20.03 27.99 -30.42
CA THR A 76 21.21 27.16 -30.70
C THR A 76 21.43 27.12 -32.20
N GLN A 77 20.35 27.03 -32.99
CA GLN A 77 20.40 27.10 -34.47
C GLN A 77 21.09 28.39 -34.91
N ARG A 78 20.78 29.52 -34.26
CA ARG A 78 21.38 30.84 -34.60
C ARG A 78 22.88 30.83 -34.28
N ILE A 79 23.30 30.26 -33.15
CA ILE A 79 24.74 30.22 -32.74
C ILE A 79 25.52 29.34 -33.73
N CYS A 80 24.95 28.19 -34.14
CA CYS A 80 25.60 27.27 -35.10
C CYS A 80 25.70 27.96 -36.48
N ASP A 81 24.65 28.64 -36.92
CA ASP A 81 24.67 29.50 -38.14
C ASP A 81 25.86 30.49 -38.04
N GLU A 82 26.03 31.18 -36.92
CA GLU A 82 27.12 32.18 -36.73
C GLU A 82 28.48 31.48 -36.84
N ILE A 83 28.63 30.29 -36.22
CA ILE A 83 29.90 29.50 -36.20
C ILE A 83 30.28 29.10 -37.62
N LEU A 84 29.30 28.67 -38.41
CA LEU A 84 29.48 28.17 -39.81
C LEU A 84 29.77 29.33 -40.77
N GLU A 85 29.30 30.53 -40.48
CA GLU A 85 29.64 31.77 -41.24
C GLU A 85 31.13 32.08 -41.04
N GLN A 86 31.61 32.05 -39.79
CA GLN A 86 33.01 32.42 -39.43
C GLN A 86 33.99 31.29 -39.73
N PHE A 87 33.56 30.02 -39.58
CA PHE A 87 34.39 28.82 -39.83
C PHE A 87 33.58 27.85 -40.69
N PRO A 88 33.58 28.05 -42.02
CA PRO A 88 32.79 27.20 -42.92
C PRO A 88 33.24 25.74 -43.00
N ASN A 89 34.49 25.44 -42.61
CA ASN A 89 35.08 24.08 -42.66
C ASN A 89 34.93 23.38 -41.29
N ALA A 90 33.94 23.77 -40.48
CA ALA A 90 33.73 23.24 -39.13
C ALA A 90 33.32 21.76 -39.24
N ILE A 91 33.66 20.93 -38.26
CA ILE A 91 33.12 19.55 -38.07
C ILE A 91 32.43 19.51 -36.70
N LEU A 92 31.27 18.84 -36.61
CA LEU A 92 30.44 18.76 -35.38
C LEU A 92 30.63 17.37 -34.76
N ASN A 93 30.97 17.35 -33.48
CA ASN A 93 30.80 16.20 -32.56
C ASN A 93 29.45 16.37 -31.87
N VAL A 94 28.46 15.55 -32.25
CA VAL A 94 27.04 15.70 -31.84
C VAL A 94 26.76 14.77 -30.62
N THR A 95 27.80 14.17 -30.03
CA THR A 95 27.66 13.14 -28.94
C THR A 95 27.26 13.83 -27.63
N GLY A 96 27.81 15.02 -27.36
CA GLY A 96 27.51 15.77 -26.14
C GLY A 96 26.15 16.46 -26.18
N GLY A 97 25.75 16.99 -25.03
CA GLY A 97 24.70 18.02 -24.88
C GLY A 97 23.36 17.39 -24.61
N THR A 98 22.33 18.21 -24.46
CA THR A 98 20.93 17.75 -24.42
C THR A 98 20.58 17.31 -25.83
N LYS A 99 19.46 16.62 -26.00
CA LYS A 99 18.92 16.37 -27.35
C LYS A 99 18.54 17.69 -28.04
N ILE A 100 18.10 18.72 -27.33
CA ILE A 100 17.73 20.02 -27.97
C ILE A 100 19.01 20.63 -28.56
N MSE A 101 20.10 20.71 -27.79
CA MSE A 101 21.38 21.23 -28.27
C MSE A 101 21.80 20.46 -29.52
O MSE A 101 22.12 21.03 -30.55
CB MSE A 101 22.44 21.11 -27.17
CG MSE A 101 22.22 22.02 -25.96
SE MSE A 101 23.35 21.68 -24.41
CE MSE A 101 25.19 21.95 -25.23
N ALA A 102 21.80 19.11 -29.38
CA ALA A 102 22.29 18.24 -30.42
C ALA A 102 21.39 18.33 -31.66
N LEU A 103 20.06 18.31 -31.52
CA LEU A 103 19.15 18.42 -32.69
C LEU A 103 19.40 19.75 -33.43
N ALA A 104 19.55 20.85 -32.70
CA ALA A 104 19.73 22.21 -33.27
C ALA A 104 21.00 22.22 -34.12
N ALA A 105 22.10 21.73 -33.57
CA ALA A 105 23.44 21.77 -34.19
C ALA A 105 23.48 20.81 -35.37
N PHE A 106 22.98 19.58 -35.19
CA PHE A 106 22.86 18.61 -36.30
C PHE A 106 22.17 19.26 -37.49
N ASP A 107 20.99 19.86 -37.27
CA ASP A 107 20.16 20.49 -38.32
C ASP A 107 20.98 21.47 -39.17
N ARG A 108 21.73 22.38 -38.56
CA ARG A 108 22.47 23.46 -39.27
C ARG A 108 23.72 22.87 -39.95
N PHE A 109 24.38 21.89 -39.32
CA PHE A 109 25.58 21.23 -39.89
C PHE A 109 25.16 20.35 -41.07
N ARG A 110 24.01 19.69 -41.00
CA ARG A 110 23.49 18.88 -42.13
C ARG A 110 23.13 19.82 -43.29
N HIS A 111 22.40 20.90 -43.01
CA HIS A 111 21.98 21.90 -44.02
C HIS A 111 23.20 22.42 -44.80
N ASN A 112 24.35 22.59 -44.14
CA ASN A 112 25.62 23.10 -44.75
C ASN A 112 26.53 21.96 -45.20
N HIS A 113 26.01 20.74 -45.35
CA HIS A 113 26.75 19.54 -45.84
C HIS A 113 28.10 19.39 -45.13
N ARG A 114 28.10 19.54 -43.79
CA ARG A 114 29.32 19.43 -42.95
C ARG A 114 29.45 18.01 -42.41
N PRO A 115 30.69 17.56 -42.14
CA PRO A 115 30.92 16.32 -41.41
C PRO A 115 30.38 16.37 -39.97
N ILE A 116 29.79 15.26 -39.55
CA ILE A 116 29.19 15.12 -38.21
C ILE A 116 29.58 13.74 -37.68
N ILE A 117 30.25 13.72 -36.53
CA ILE A 117 30.72 12.46 -35.89
C ILE A 117 29.93 12.22 -34.59
N TYR A 118 29.80 10.96 -34.22
CA TYR A 118 29.17 10.50 -32.97
C TYR A 118 30.02 9.36 -32.44
N VAL A 119 30.37 9.41 -31.15
CA VAL A 119 31.27 8.45 -30.48
C VAL A 119 30.43 7.38 -29.79
N ASP A 120 30.52 6.15 -30.29
CA ASP A 120 29.83 4.94 -29.73
C ASP A 120 30.85 4.18 -28.89
N SER A 121 30.80 4.31 -27.56
CA SER A 121 31.75 3.68 -26.63
C SER A 121 31.48 2.17 -26.51
N ASP A 122 30.25 1.72 -26.84
CA ASP A 122 29.86 0.28 -26.82
C ASP A 122 30.72 -0.48 -27.83
N SER A 123 30.70 -0.08 -29.11
CA SER A 123 31.43 -0.73 -30.22
C SER A 123 32.82 -0.07 -30.42
N GLN A 124 33.14 0.97 -29.68
CA GLN A 124 34.43 1.68 -29.78
C GLN A 124 34.64 2.23 -31.18
N ARG A 125 33.60 2.88 -31.72
CA ARG A 125 33.64 3.43 -33.09
C ARG A 125 33.26 4.90 -33.07
N ILE A 126 33.86 5.66 -33.97
CA ILE A 126 33.35 6.97 -34.46
C ILE A 126 32.40 6.68 -35.61
N LEU A 127 31.14 7.06 -35.49
CA LEU A 127 30.16 7.03 -36.61
C LEU A 127 30.23 8.37 -37.32
N TYR A 128 30.40 8.36 -38.65
CA TYR A 128 30.29 9.56 -39.52
C TYR A 128 28.85 9.61 -40.02
N LEU A 129 28.03 10.46 -39.41
CA LEU A 129 26.56 10.50 -39.62
C LEU A 129 26.24 11.12 -40.97
N HIS A 130 27.15 11.91 -41.54
CA HIS A 130 26.97 12.51 -42.90
C HIS A 130 27.00 11.43 -43.99
N ASN A 131 27.81 10.38 -43.87
CA ASN A 131 28.01 9.40 -44.99
C ASN A 131 27.79 7.93 -44.59
N GLY A 132 27.44 7.62 -43.33
CA GLY A 132 27.14 6.26 -42.87
C GLY A 132 28.39 5.41 -42.64
N GLU A 133 29.58 5.97 -42.80
CA GLU A 133 30.87 5.24 -42.60
C GLU A 133 31.17 5.25 -41.09
N SER A 134 32.24 4.56 -40.69
CA SER A 134 32.69 4.47 -39.28
C SER A 134 34.16 4.07 -39.23
N GLU A 135 34.78 4.28 -38.08
CA GLU A 135 36.24 4.07 -37.85
C GLU A 135 36.39 3.53 -36.42
N ARG A 136 37.29 2.56 -36.22
CA ARG A 136 37.65 2.06 -34.88
C ARG A 136 38.35 3.23 -34.17
N LEU A 137 38.03 3.46 -32.89
CA LEU A 137 38.78 4.38 -32.00
C LEU A 137 40.13 3.74 -31.70
N GLY A 138 41.17 4.54 -31.50
CA GLY A 138 42.43 4.05 -30.89
C GLY A 138 42.30 3.98 -29.38
N ASP A 139 43.44 3.89 -28.68
CA ASP A 139 43.51 3.92 -27.20
C ASP A 139 44.57 4.92 -26.76
N PRO A 140 44.53 6.19 -27.19
CA PRO A 140 45.51 7.20 -26.75
C PRO A 140 45.25 7.71 -25.31
N LEU A 141 44.02 7.57 -24.82
CA LEU A 141 43.57 8.07 -23.50
C LEU A 141 44.34 7.41 -22.35
N THR A 142 44.90 8.22 -21.44
CA THR A 142 45.61 7.79 -20.23
C THR A 142 44.61 7.86 -19.07
N VAL A 143 44.96 7.26 -17.93
CA VAL A 143 44.16 7.35 -16.67
C VAL A 143 44.12 8.80 -16.19
N LYS A 144 45.22 9.55 -16.31
CA LYS A 144 45.28 10.96 -15.88
C LYS A 144 44.18 11.75 -16.63
N GLN A 145 44.07 11.57 -17.94
CA GLN A 145 43.12 12.32 -18.80
C GLN A 145 41.69 11.89 -18.46
N TYR A 146 41.49 10.60 -18.27
CA TYR A 146 40.15 10.04 -17.97
C TYR A 146 39.65 10.72 -16.69
N LEU A 147 40.44 10.65 -15.62
CA LEU A 147 40.08 11.21 -14.29
C LEU A 147 39.85 12.72 -14.38
N ALA A 148 40.67 13.44 -15.17
CA ALA A 148 40.51 14.90 -15.40
C ALA A 148 39.10 15.22 -15.94
N CYS A 149 38.51 14.40 -16.79
CA CYS A 149 37.16 14.66 -17.34
C CYS A 149 36.11 14.68 -16.23
N TYR A 150 36.38 14.04 -15.09
CA TYR A 150 35.45 13.96 -13.93
C TYR A 150 36.00 14.82 -12.76
N GLY A 151 37.00 15.65 -13.02
CA GLY A 151 37.53 16.61 -12.03
C GLY A 151 38.44 15.97 -11.00
N PHE A 152 38.94 14.75 -11.24
CA PHE A 152 39.80 14.00 -10.30
C PHE A 152 41.26 14.04 -10.76
N LYS A 153 42.17 13.92 -9.81
CA LYS A 153 43.63 13.75 -10.02
C LYS A 153 44.07 12.53 -9.22
N ALA A 154 45.11 11.82 -9.68
CA ALA A 154 45.74 10.69 -8.96
C ALA A 154 46.87 11.25 -8.08
N ASP A 155 46.91 10.87 -6.80
CA ASP A 155 47.69 11.56 -5.73
C ASP A 155 48.97 10.79 -5.45
N LYS A 165 58.61 -10.68 -1.90
CA LYS A 165 59.65 -11.41 -1.12
C LYS A 165 59.69 -12.87 -1.57
N THR A 166 59.99 -13.80 -0.65
CA THR A 166 59.82 -15.27 -0.81
C THR A 166 58.35 -15.61 -1.18
N TRP A 167 57.39 -14.74 -0.85
CA TRP A 167 55.97 -15.06 -0.58
C TRP A 167 55.12 -15.23 -1.82
N ARG A 168 55.65 -15.01 -3.02
CA ARG A 168 54.94 -15.27 -4.30
C ARG A 168 54.46 -16.74 -4.35
N GLU A 169 55.29 -17.67 -3.90
CA GLU A 169 54.94 -19.12 -3.86
C GLU A 169 53.70 -19.32 -2.98
N VAL A 170 53.63 -18.62 -1.85
CA VAL A 170 52.53 -18.74 -0.85
C VAL A 170 51.24 -18.22 -1.50
N GLU A 171 51.34 -17.06 -2.16
CA GLU A 171 50.26 -16.37 -2.90
C GLU A 171 49.59 -17.35 -3.88
N ASP A 172 50.39 -18.04 -4.71
CA ASP A 172 49.92 -19.05 -5.70
C ASP A 172 49.23 -20.23 -4.96
N LEU A 173 49.81 -20.71 -3.85
CA LEU A 173 49.27 -21.88 -3.08
C LEU A 173 47.93 -21.49 -2.43
N PHE A 174 47.82 -20.26 -1.91
CA PHE A 174 46.59 -19.72 -1.29
C PHE A 174 45.47 -19.64 -2.32
N ALA A 175 45.80 -19.15 -3.51
CA ALA A 175 44.85 -18.99 -4.64
C ALA A 175 44.36 -20.38 -5.08
N GLN A 176 45.28 -21.33 -5.26
CA GLN A 176 44.97 -22.72 -5.73
C GLN A 176 44.19 -23.47 -4.64
N ASN A 177 44.44 -23.17 -3.36
CA ASN A 177 43.85 -23.90 -2.20
C ASN A 177 42.76 -23.10 -1.50
N SER A 178 42.23 -22.04 -2.12
CA SER A 178 41.29 -21.10 -1.47
C SER A 178 40.06 -21.87 -0.94
N THR A 179 39.59 -22.88 -1.67
CA THR A 179 38.40 -23.68 -1.25
C THR A 179 38.75 -24.48 0.00
N LYS A 180 39.84 -25.24 0.00
CA LYS A 180 40.18 -26.20 1.09
C LYS A 180 40.75 -25.46 2.31
N TRP A 181 41.30 -24.24 2.16
CA TRP A 181 41.87 -23.44 3.28
C TRP A 181 40.98 -22.25 3.59
N GLN A 182 39.75 -22.24 3.08
CA GLN A 182 38.78 -21.12 3.13
C GLN A 182 38.70 -20.56 4.55
N ASN A 183 38.35 -21.44 5.51
CA ASN A 183 38.10 -21.09 6.93
C ASN A 183 39.42 -20.66 7.61
N GLN A 184 40.51 -21.39 7.38
CA GLN A 184 41.80 -21.12 8.05
C GLN A 184 42.29 -19.73 7.60
N LEU A 185 42.22 -19.47 6.30
CA LEU A 185 42.72 -18.20 5.68
C LEU A 185 41.82 -17.04 6.09
N GLY A 186 40.50 -17.26 6.11
CA GLY A 186 39.52 -16.28 6.58
C GLY A 186 39.80 -15.87 8.01
N ARG A 187 39.99 -16.85 8.88
CA ARG A 187 40.30 -16.68 10.33
C ARG A 187 41.60 -15.90 10.47
N LEU A 188 42.66 -16.25 9.74
CA LEU A 188 43.96 -15.52 9.83
C LEU A 188 43.78 -14.08 9.35
N ASN A 189 42.95 -13.85 8.31
CA ASN A 189 42.61 -12.49 7.77
C ASN A 189 42.03 -11.64 8.90
N TRP A 190 41.10 -12.22 9.65
CA TRP A 190 40.40 -11.55 10.77
C TRP A 190 41.42 -11.18 11.85
N ILE A 191 42.18 -12.15 12.32
CA ILE A 191 43.28 -11.96 13.32
C ILE A 191 44.18 -10.81 12.86
N ALA A 192 44.60 -10.80 11.60
CA ALA A 192 45.54 -9.81 11.03
C ALA A 192 44.84 -8.45 11.02
N ALA A 193 43.54 -8.42 10.69
CA ALA A 193 42.71 -7.19 10.62
C ALA A 193 42.58 -6.56 12.01
N GLN A 194 42.32 -7.39 13.04
CA GLN A 194 42.16 -6.94 14.46
C GLN A 194 43.51 -6.60 15.08
N GLN A 195 44.63 -6.89 14.41
CA GLN A 195 46.02 -6.73 14.91
C GLN A 195 46.18 -7.47 16.24
N GLN A 196 45.49 -8.62 16.41
CA GLN A 196 45.71 -9.57 17.54
C GLN A 196 47.12 -10.14 17.39
N PRO A 197 48.07 -9.79 18.30
CA PRO A 197 49.49 -10.08 18.07
C PRO A 197 49.86 -11.57 18.12
N ILE A 198 49.23 -12.37 19.01
CA ILE A 198 49.56 -13.79 19.25
C ILE A 198 48.30 -14.64 19.04
N PHE A 199 48.43 -15.73 18.27
CA PHE A 199 47.26 -16.55 17.81
C PHE A 199 47.67 -18.01 17.76
N THR A 200 46.66 -18.88 17.80
CA THR A 200 46.78 -20.35 17.64
C THR A 200 46.55 -20.71 16.17
N LEU A 201 47.12 -21.84 15.75
CA LEU A 201 46.97 -22.43 14.41
C LEU A 201 47.08 -23.94 14.53
N GLN A 202 46.09 -24.71 14.07
CA GLN A 202 46.19 -26.19 14.01
C GLN A 202 47.47 -26.57 13.25
N THR A 203 48.15 -27.66 13.61
CA THR A 203 49.27 -28.24 12.84
C THR A 203 48.72 -28.77 11.51
N GLY A 204 49.48 -28.70 10.41
CA GLY A 204 48.99 -29.04 9.06
C GLY A 204 49.84 -28.40 7.98
N GLU A 205 49.49 -28.64 6.72
CA GLU A 205 50.15 -28.06 5.51
C GLU A 205 50.27 -26.54 5.65
N LEU A 206 49.22 -25.87 6.15
CA LEU A 206 49.14 -24.38 6.15
C LEU A 206 50.17 -23.83 7.15
N GLN A 207 50.23 -24.40 8.36
CA GLN A 207 51.18 -23.99 9.42
C GLN A 207 52.62 -24.18 8.93
N ASP A 208 52.93 -25.33 8.33
CA ASP A 208 54.26 -25.65 7.75
C ASP A 208 54.62 -24.58 6.72
N LEU A 209 53.68 -24.28 5.83
CA LEU A 209 53.88 -23.30 4.72
C LEU A 209 54.24 -21.92 5.29
N LEU A 210 53.45 -21.43 6.26
CA LEU A 210 53.62 -20.07 6.85
C LEU A 210 54.95 -20.02 7.63
N LEU A 211 55.29 -21.10 8.34
CA LEU A 211 56.60 -21.23 9.06
C LEU A 211 57.75 -21.20 8.06
N LYS A 212 57.70 -22.01 7.00
CA LYS A 212 58.75 -22.14 5.94
C LYS A 212 58.90 -20.81 5.19
N ALA A 213 57.79 -20.12 4.91
CA ALA A 213 57.77 -18.82 4.21
C ALA A 213 58.25 -17.69 5.13
N ASN A 214 58.35 -17.96 6.45
CA ASN A 214 58.72 -16.94 7.48
C ASN A 214 57.64 -15.85 7.51
N LEU A 215 56.36 -16.23 7.45
CA LEU A 215 55.21 -15.30 7.61
C LEU A 215 54.78 -15.27 9.08
N ILE A 216 54.85 -16.42 9.75
CA ILE A 216 54.63 -16.58 11.21
C ILE A 216 55.91 -17.15 11.83
N LYS A 217 56.14 -16.85 13.11
CA LYS A 217 57.14 -17.51 13.98
C LYS A 217 56.46 -17.90 15.27
N PRO A 218 57.00 -18.90 16.00
CA PRO A 218 56.42 -19.31 17.28
C PRO A 218 56.61 -18.21 18.32
N ALA A 219 55.67 -18.14 19.27
CA ALA A 219 55.56 -17.09 20.32
C ALA A 219 55.56 -17.76 21.70
N GLU A 220 55.13 -19.02 21.78
CA GLU A 220 55.19 -19.88 22.99
C GLU A 220 55.96 -21.17 22.64
N ALA A 221 56.39 -21.94 23.64
CA ALA A 221 56.95 -23.31 23.45
C ALA A 221 55.83 -24.24 23.01
N LYS A 222 56.18 -25.32 22.30
CA LYS A 222 55.29 -26.41 21.81
C LYS A 222 54.36 -25.88 20.70
N ASN A 223 54.63 -24.69 20.17
CA ASN A 223 53.80 -24.06 19.10
C ASN A 223 52.34 -23.96 19.59
N ALA A 224 52.12 -23.53 20.83
CA ALA A 224 50.79 -23.26 21.40
C ALA A 224 50.33 -21.89 20.92
N GLY A 225 51.27 -21.11 20.38
CA GLY A 225 50.98 -19.76 19.88
C GLY A 225 51.99 -19.33 18.83
N PHE A 226 51.54 -18.48 17.91
CA PHE A 226 52.38 -17.87 16.85
C PHE A 226 52.11 -16.38 16.79
N GLN A 227 53.02 -15.66 16.14
CA GLN A 227 52.88 -14.22 15.83
C GLN A 227 53.33 -14.00 14.38
N PHE A 228 52.90 -12.92 13.74
CA PHE A 228 53.40 -12.50 12.43
C PHE A 228 54.87 -12.09 12.60
N THR A 229 55.69 -12.33 11.59
CA THR A 229 57.15 -12.07 11.62
C THR A 229 57.41 -10.58 11.41
N SER A 230 56.40 -9.80 10.99
CA SER A 230 56.52 -8.36 10.66
C SER A 230 55.15 -7.77 10.35
N ASP A 231 55.06 -6.45 10.26
CA ASP A 231 53.82 -5.76 9.79
C ASP A 231 53.55 -6.15 8.32
N GLN A 232 54.60 -6.29 7.49
CA GLN A 232 54.37 -6.61 6.05
C GLN A 232 53.79 -8.01 5.96
N ALA A 233 54.23 -8.96 6.79
CA ALA A 233 53.67 -10.33 6.88
C ALA A 233 52.18 -10.25 7.26
N ARG A 234 51.84 -9.39 8.22
CA ARG A 234 50.45 -9.18 8.70
C ARG A 234 49.61 -8.67 7.53
N GLN A 235 50.07 -7.63 6.84
CA GLN A 235 49.37 -7.02 5.67
C GLN A 235 49.08 -8.10 4.62
N PHE A 236 50.07 -8.94 4.30
CA PHE A 236 49.98 -10.05 3.34
C PHE A 236 48.86 -11.01 3.78
N ILE A 237 48.74 -11.32 5.07
CA ILE A 237 47.71 -12.28 5.56
C ILE A 237 46.36 -11.57 5.64
N ASN A 238 46.39 -10.24 5.82
CA ASN A 238 45.19 -9.36 5.87
C ASN A 238 44.65 -9.13 4.45
N GLY A 239 44.40 -10.22 3.71
CA GLY A 239 43.89 -10.19 2.34
C GLY A 239 44.88 -9.62 1.32
N GLY A 240 46.08 -9.19 1.73
CA GLY A 240 47.07 -8.66 0.76
C GLY A 240 47.44 -9.70 -0.27
N TRP A 241 47.60 -10.97 0.13
CA TRP A 241 47.96 -12.06 -0.79
C TRP A 241 46.97 -12.11 -1.96
N PHE A 242 45.67 -11.90 -1.69
CA PHE A 242 44.63 -12.01 -2.75
C PHE A 242 44.68 -10.78 -3.66
N GLU A 243 44.97 -9.61 -3.11
CA GLU A 243 45.16 -8.37 -3.91
C GLU A 243 46.30 -8.61 -4.89
N HIS A 244 47.39 -9.24 -4.48
CA HIS A 244 48.56 -9.53 -5.35
C HIS A 244 48.14 -10.58 -6.39
N TYR A 245 47.34 -11.57 -5.98
CA TYR A 245 46.87 -12.61 -6.93
C TYR A 245 46.12 -11.93 -8.08
N VAL A 246 45.16 -11.06 -7.76
CA VAL A 246 44.33 -10.33 -8.74
C VAL A 246 45.25 -9.49 -9.66
N TYR A 247 46.19 -8.76 -9.09
CA TYR A 247 47.10 -7.88 -9.88
C TYR A 247 47.93 -8.74 -10.81
N SER A 248 48.40 -9.90 -10.35
CA SER A 248 49.24 -10.85 -11.14
C SER A 248 48.43 -11.49 -12.28
N LEU A 249 47.13 -11.77 -12.09
CA LEU A 249 46.27 -12.22 -13.23
C LEU A 249 46.21 -11.08 -14.28
N LEU A 250 46.16 -9.81 -13.86
CA LEU A 250 46.05 -8.68 -14.82
C LEU A 250 47.39 -8.50 -15.56
N ARG A 251 48.51 -8.78 -14.93
CA ARG A 251 49.84 -8.78 -15.61
C ARG A 251 49.90 -9.91 -16.64
N GLN A 252 49.42 -11.12 -16.32
CA GLN A 252 49.33 -12.23 -17.30
C GLN A 252 48.48 -11.77 -18.48
N ILE A 253 47.24 -11.30 -18.22
CA ILE A 253 46.29 -10.88 -19.27
C ILE A 253 46.92 -9.76 -20.14
N SER A 254 47.64 -8.82 -19.51
CA SER A 254 48.31 -7.69 -20.22
C SER A 254 49.21 -8.20 -21.34
N ALA A 255 49.72 -9.43 -21.23
CA ALA A 255 50.69 -9.99 -22.21
C ALA A 255 49.95 -10.22 -23.54
N GLN A 256 48.62 -10.34 -23.54
CA GLN A 256 47.85 -10.65 -24.78
C GLN A 256 46.77 -9.59 -25.08
N TYR A 257 46.31 -8.83 -24.08
CA TYR A 257 45.24 -7.81 -24.21
C TYR A 257 45.84 -6.45 -23.85
N PRO A 258 45.52 -5.39 -24.62
CA PRO A 258 46.07 -4.05 -24.39
C PRO A 258 45.43 -3.31 -23.20
N ILE A 259 45.58 -3.85 -22.00
CA ILE A 259 45.26 -3.17 -20.72
C ILE A 259 46.26 -2.01 -20.57
N LYS A 260 45.80 -0.80 -20.23
CA LYS A 260 46.66 0.42 -20.15
C LYS A 260 46.67 0.96 -18.72
N ASN A 261 47.83 1.47 -18.26
CA ASN A 261 47.97 2.25 -17.01
C ASN A 261 47.50 1.44 -15.81
N LEU A 262 47.79 0.13 -15.79
CA LEU A 262 47.44 -0.79 -14.67
C LEU A 262 48.13 -0.26 -13.42
N THR A 263 47.36 0.04 -12.38
CA THR A 263 47.85 0.63 -11.11
C THR A 263 47.20 -0.12 -9.94
N LYS A 264 47.92 -0.26 -8.83
CA LYS A 264 47.39 -0.83 -7.56
C LYS A 264 47.37 0.31 -6.53
N ASN A 265 46.41 0.31 -5.62
CA ASN A 265 46.32 1.24 -4.45
C ASN A 265 46.46 2.70 -4.93
N ILE A 266 45.59 3.13 -5.85
CA ILE A 266 45.55 4.54 -6.35
C ILE A 266 44.75 5.35 -5.35
N GLU A 267 45.21 6.58 -5.08
CA GLU A 267 44.47 7.63 -4.36
C GLU A 267 43.95 8.65 -5.39
N ILE A 268 42.64 8.82 -5.46
CA ILE A 268 41.95 9.74 -6.42
C ILE A 268 41.28 10.84 -5.58
N SER A 269 41.56 12.11 -5.88
CA SER A 269 41.00 13.27 -5.14
C SER A 269 40.43 14.30 -6.11
N ASN A 270 39.42 15.05 -5.70
CA ASN A 270 39.07 16.37 -6.28
C ASN A 270 39.38 17.43 -5.20
N ASP A 271 38.73 18.59 -5.19
CA ASP A 271 38.99 19.63 -4.15
C ASP A 271 38.52 19.10 -2.76
N SER A 272 37.47 18.27 -2.72
CA SER A 272 36.68 18.01 -1.49
C SER A 272 36.74 16.56 -0.99
N VAL A 273 36.87 15.53 -1.85
CA VAL A 273 36.92 14.11 -1.39
C VAL A 273 38.17 13.40 -1.94
N SER A 274 38.66 12.41 -1.22
CA SER A 274 39.65 11.42 -1.68
C SER A 274 39.07 10.01 -1.51
N ASN A 275 39.39 9.14 -2.47
CA ASN A 275 38.93 7.73 -2.58
C ASN A 275 40.19 6.90 -2.83
N GLU A 276 40.35 5.80 -2.09
CA GLU A 276 41.41 4.79 -2.35
C GLU A 276 40.78 3.64 -3.14
N LEU A 277 41.42 3.22 -4.23
CA LEU A 277 40.94 2.14 -5.14
C LEU A 277 42.02 1.06 -5.24
N ASP A 278 41.61 -0.21 -5.16
CA ASP A 278 42.51 -1.38 -5.03
C ASP A 278 43.31 -1.55 -6.33
N VAL A 279 42.63 -1.72 -7.46
CA VAL A 279 43.27 -1.94 -8.79
C VAL A 279 42.47 -1.17 -9.83
N VAL A 280 43.14 -0.41 -10.70
CA VAL A 280 42.49 0.36 -11.81
C VAL A 280 43.32 0.15 -13.08
N PHE A 281 42.65 0.10 -14.22
CA PHE A 281 43.28 0.14 -15.56
C PHE A 281 42.27 0.72 -16.53
N LEU A 282 42.79 1.06 -17.70
CA LEU A 282 41.99 1.43 -18.89
C LEU A 282 42.01 0.26 -19.85
N TYR A 283 40.89 0.00 -20.47
CA TYR A 283 40.76 -0.98 -21.56
C TYR A 283 39.65 -0.51 -22.46
N HIS A 284 39.95 -0.28 -23.74
CA HIS A 284 39.00 0.27 -24.75
C HIS A 284 38.46 1.60 -24.23
N ASN A 285 39.32 2.45 -23.67
CA ASN A 285 38.98 3.83 -23.24
C ASN A 285 37.95 3.84 -22.11
N LYS A 286 37.77 2.74 -21.39
CA LYS A 286 36.85 2.66 -20.22
C LYS A 286 37.67 2.38 -18.96
N LEU A 287 37.42 3.11 -17.88
CA LEU A 287 38.11 2.87 -16.61
C LEU A 287 37.49 1.65 -15.93
N HIS A 288 38.35 0.72 -15.55
CA HIS A 288 38.01 -0.55 -14.85
C HIS A 288 38.53 -0.43 -13.43
N VAL A 289 37.66 -0.63 -12.44
CA VAL A 289 38.01 -0.59 -11.00
C VAL A 289 37.70 -1.98 -10.41
N ILE A 290 38.68 -2.61 -9.76
CA ILE A 290 38.49 -3.86 -8.97
C ILE A 290 38.61 -3.52 -7.47
N GLU A 291 37.59 -3.88 -6.70
CA GLU A 291 37.63 -3.99 -5.21
C GLU A 291 38.01 -5.42 -4.84
N CYS A 292 39.19 -5.63 -4.24
CA CYS A 292 39.70 -6.98 -3.83
C CYS A 292 40.29 -6.97 -2.42
N LYS A 293 40.24 -5.84 -1.71
CA LYS A 293 40.61 -5.72 -0.27
C LYS A 293 39.61 -6.50 0.60
N THR A 294 40.12 -7.36 1.49
CA THR A 294 39.37 -8.05 2.58
C THR A 294 39.84 -7.44 3.91
N ARG A 295 39.12 -6.48 4.50
CA ARG A 295 39.54 -5.84 5.79
C ARG A 295 38.36 -5.46 6.70
N HIS A 296 37.11 -5.69 6.30
CA HIS A 296 35.89 -5.32 7.09
C HIS A 296 35.21 -6.61 7.58
N PHE A 297 35.28 -6.87 8.89
CA PHE A 297 34.63 -8.03 9.57
C PHE A 297 33.64 -7.55 10.62
N THR A 298 32.70 -8.43 10.99
CA THR A 298 31.78 -8.30 12.15
C THR A 298 32.53 -8.66 13.44
N ALA A 299 31.85 -8.69 14.59
CA ALA A 299 32.36 -9.20 15.89
C ALA A 299 32.60 -10.72 15.82
N ASP A 300 31.80 -11.45 15.03
CA ASP A 300 31.85 -12.93 14.87
C ASP A 300 32.90 -13.35 13.82
N GLY A 301 33.51 -12.39 13.12
CA GLY A 301 34.64 -12.64 12.20
C GLY A 301 34.20 -12.84 10.74
N LYS A 302 32.90 -12.92 10.46
CA LYS A 302 32.32 -13.00 9.10
C LYS A 302 32.60 -11.69 8.35
N ILE A 303 32.84 -11.75 7.04
CA ILE A 303 32.92 -10.57 6.12
C ILE A 303 31.49 -10.09 5.87
N ASN A 304 31.27 -8.76 5.88
CA ASN A 304 29.95 -8.13 5.59
C ASN A 304 30.07 -7.28 4.32
N PRO A 305 29.71 -7.86 3.14
CA PRO A 305 30.02 -7.23 1.86
C PRO A 305 29.15 -6.04 1.48
N MSE A 306 27.98 -5.91 2.12
CA MSE A 306 26.95 -4.99 1.66
C MSE A 306 27.46 -3.54 1.71
O MSE A 306 27.26 -2.79 0.76
CB MSE A 306 25.67 -5.16 2.47
CG MSE A 306 24.91 -6.45 2.17
SE MSE A 306 24.26 -6.50 0.31
CE MSE A 306 22.43 -7.22 0.27
N GLU A 307 28.12 -3.15 2.81
CA GLU A 307 28.67 -1.80 2.90
C GLU A 307 29.68 -1.57 1.77
N THR A 308 30.47 -2.57 1.39
CA THR A 308 31.51 -2.48 0.33
C THR A 308 30.84 -2.30 -1.03
N ILE A 309 29.73 -3.02 -1.27
CA ILE A 309 29.00 -2.91 -2.57
C ILE A 309 28.50 -1.47 -2.78
N TYR A 310 27.93 -0.84 -1.76
CA TYR A 310 27.38 0.53 -1.81
C TYR A 310 28.52 1.51 -2.10
N LYS A 311 29.67 1.32 -1.47
CA LYS A 311 30.85 2.19 -1.68
C LYS A 311 31.31 2.03 -3.14
N ILE A 312 31.49 0.80 -3.64
CA ILE A 312 31.90 0.51 -5.05
C ILE A 312 30.94 1.25 -6.00
N ASP A 313 29.63 1.06 -5.77
CA ASP A 313 28.59 1.68 -6.64
C ASP A 313 28.74 3.21 -6.62
N SER A 314 28.82 3.82 -5.43
CA SER A 314 28.89 5.29 -5.23
C SER A 314 30.16 5.86 -5.88
N VAL A 315 31.32 5.33 -5.50
CA VAL A 315 32.64 5.91 -5.92
C VAL A 315 32.84 5.73 -7.42
N THR A 316 32.59 4.54 -7.97
CA THR A 316 32.91 4.23 -9.39
C THR A 316 32.05 5.09 -10.30
N ASN A 317 30.80 5.35 -9.94
CA ASN A 317 29.90 6.22 -10.71
C ASN A 317 30.43 7.67 -10.70
N ARG A 318 30.96 8.16 -9.59
CA ARG A 318 31.50 9.54 -9.50
C ARG A 318 32.86 9.64 -10.24
N VAL A 319 33.71 8.62 -10.15
CA VAL A 319 35.14 8.71 -10.59
C VAL A 319 35.27 8.32 -12.06
N ALA A 320 34.47 7.33 -12.49
CA ALA A 320 34.58 6.65 -13.78
C ALA A 320 33.36 6.94 -14.67
N GLY A 321 32.32 7.60 -14.14
CA GLY A 321 31.11 7.93 -14.90
C GLY A 321 30.30 6.69 -15.27
N ILE A 322 29.33 6.84 -16.16
CA ILE A 322 28.25 5.83 -16.40
C ILE A 322 28.83 4.68 -17.23
N LYS A 323 29.87 4.92 -18.03
CA LYS A 323 30.50 3.88 -18.89
C LYS A 323 31.67 3.20 -18.16
N GLY A 324 32.03 3.66 -16.95
CA GLY A 324 33.04 3.02 -16.09
C GLY A 324 32.57 1.65 -15.63
N LYS A 325 33.50 0.74 -15.34
CA LYS A 325 33.21 -0.69 -15.06
C LYS A 325 33.84 -1.05 -13.72
N SER A 326 33.09 -1.75 -12.87
CA SER A 326 33.48 -2.08 -11.48
C SER A 326 33.34 -3.59 -11.29
N MSE A 327 34.29 -4.18 -10.55
CA MSE A 327 34.23 -5.59 -10.21
C MSE A 327 34.52 -5.75 -8.73
O MSE A 327 35.34 -5.02 -8.18
CB MSE A 327 35.24 -6.41 -11.00
CG MSE A 327 35.43 -7.81 -10.43
SE MSE A 327 36.57 -8.87 -11.55
CE MSE A 327 35.33 -9.81 -12.78
N PHE A 328 33.83 -6.72 -8.11
CA PHE A 328 34.09 -7.08 -6.74
C PHE A 328 34.64 -8.51 -6.73
N ALA A 329 35.91 -8.65 -6.36
CA ALA A 329 36.64 -9.93 -6.33
C ALA A 329 36.90 -10.31 -4.88
N SER A 330 36.65 -11.57 -4.53
CA SER A 330 36.75 -12.13 -3.16
C SER A 330 37.30 -13.56 -3.22
N TYR A 331 38.10 -13.99 -2.24
CA TYR A 331 38.51 -15.40 -2.05
C TYR A 331 37.46 -16.12 -1.20
N TYR A 332 36.61 -15.38 -0.47
CA TYR A 332 35.58 -15.93 0.45
C TYR A 332 34.23 -15.93 -0.26
N PRO A 333 33.41 -16.99 -0.12
CA PRO A 333 32.12 -17.03 -0.78
C PRO A 333 31.22 -15.87 -0.32
N LEU A 334 30.51 -15.24 -1.24
CA LEU A 334 29.53 -14.15 -0.98
C LEU A 334 28.15 -14.79 -0.91
N THR A 335 27.27 -14.26 -0.07
CA THR A 335 25.84 -14.63 0.05
C THR A 335 25.13 -14.31 -1.27
N GLN A 336 23.97 -14.93 -1.50
CA GLN A 336 23.20 -14.76 -2.76
C GLN A 336 22.75 -13.30 -2.88
N ALA A 337 22.32 -12.70 -1.76
CA ALA A 337 21.83 -11.31 -1.67
C ALA A 337 22.92 -10.34 -2.16
N ALA A 338 24.15 -10.53 -1.73
CA ALA A 338 25.31 -9.66 -2.08
C ALA A 338 25.54 -9.76 -3.58
N LYS A 339 25.43 -10.98 -4.14
CA LYS A 339 25.61 -11.23 -5.60
C LYS A 339 24.48 -10.57 -6.38
N LYS A 340 23.25 -10.65 -5.85
CA LYS A 340 22.07 -10.05 -6.51
C LYS A 340 22.20 -8.51 -6.52
N ARG A 341 22.71 -7.90 -5.45
CA ARG A 341 22.88 -6.42 -5.41
C ARG A 341 23.94 -6.01 -6.43
N CYS A 342 25.04 -6.76 -6.51
CA CYS A 342 26.10 -6.54 -7.53
C CYS A 342 25.51 -6.59 -8.94
N LEU A 343 24.74 -7.63 -9.26
CA LEU A 343 24.07 -7.75 -10.60
C LEU A 343 23.19 -6.52 -10.82
N ASN A 344 22.36 -6.17 -9.84
CA ASN A 344 21.45 -5.00 -9.92
C ASN A 344 22.24 -3.70 -10.18
N ASN A 345 23.47 -3.59 -9.67
CA ASN A 345 24.28 -2.33 -9.68
C ASN A 345 25.30 -2.36 -10.82
N SER A 346 25.23 -3.36 -11.71
CA SER A 346 26.15 -3.61 -12.84
C SER A 346 27.60 -3.80 -12.34
N ILE A 347 27.79 -4.40 -11.17
CA ILE A 347 29.12 -4.74 -10.61
C ILE A 347 29.37 -6.22 -10.91
N TYR A 348 30.40 -6.52 -11.69
CA TYR A 348 30.83 -7.94 -11.90
C TYR A 348 31.31 -8.52 -10.58
N VAL A 349 30.94 -9.77 -10.29
CA VAL A 349 31.27 -10.37 -8.98
C VAL A 349 31.95 -11.73 -9.18
N SER A 350 33.09 -11.93 -8.53
CA SER A 350 33.85 -13.21 -8.45
C SER A 350 34.14 -13.55 -6.99
N ASP A 351 33.65 -14.71 -6.53
CA ASP A 351 33.95 -15.22 -5.17
C ASP A 351 34.69 -16.58 -5.25
N GLN A 352 35.23 -16.94 -6.43
CA GLN A 352 35.85 -18.25 -6.71
C GLN A 352 37.16 -17.97 -7.44
N PRO A 353 38.28 -17.81 -6.71
CA PRO A 353 39.56 -17.51 -7.34
C PRO A 353 39.95 -18.39 -8.55
N SER A 354 39.54 -19.66 -8.56
CA SER A 354 39.70 -20.60 -9.70
C SER A 354 39.10 -20.04 -10.99
N GLN A 355 38.01 -19.26 -10.92
CA GLN A 355 37.28 -18.75 -12.10
C GLN A 355 37.72 -17.31 -12.47
N LEU A 356 38.58 -16.68 -11.68
CA LEU A 356 38.77 -15.21 -11.80
C LEU A 356 39.34 -14.86 -13.17
N HIS A 357 40.33 -15.60 -13.66
CA HIS A 357 41.01 -15.26 -14.94
C HIS A 357 39.95 -15.20 -16.02
N HIS A 358 39.14 -16.25 -16.11
CA HIS A 358 38.08 -16.33 -17.14
C HIS A 358 37.07 -15.19 -16.98
N GLN A 359 36.70 -14.86 -15.74
CA GLN A 359 35.74 -13.78 -15.43
C GLN A 359 36.35 -12.41 -15.80
N LEU A 360 37.62 -12.20 -15.53
CA LEU A 360 38.30 -10.93 -15.88
C LEU A 360 38.25 -10.73 -17.40
N ILE A 361 38.53 -11.78 -18.18
CA ILE A 361 38.51 -11.74 -19.67
C ILE A 361 37.07 -11.43 -20.13
N LYS A 362 36.07 -12.11 -19.56
CA LYS A 362 34.65 -11.85 -19.91
C LYS A 362 34.30 -10.37 -19.63
N TRP A 363 34.59 -9.90 -18.44
CA TRP A 363 34.30 -8.54 -17.95
C TRP A 363 34.92 -7.51 -18.88
N ILE A 364 36.21 -7.65 -19.20
CA ILE A 364 36.92 -6.59 -19.97
C ILE A 364 36.40 -6.51 -21.40
N ASN A 365 35.78 -7.57 -21.91
CA ASN A 365 35.21 -7.64 -23.29
C ASN A 365 33.69 -7.44 -23.32
N ALA A 366 33.04 -7.26 -22.16
CA ALA A 366 31.58 -7.07 -22.01
C ALA A 366 30.83 -8.14 -22.80
N HIS B 11 -3.88 13.13 -29.81
CA HIS B 11 -3.73 12.03 -28.78
C HIS B 11 -4.05 10.66 -29.41
N ASP B 12 -3.72 10.47 -30.69
CA ASP B 12 -3.99 9.24 -31.47
C ASP B 12 -2.87 8.20 -31.21
N THR B 13 -1.72 8.37 -31.84
CA THR B 13 -0.57 7.44 -31.76
C THR B 13 0.64 8.20 -31.20
N TYR B 14 1.15 7.76 -30.06
CA TYR B 14 2.34 8.33 -29.38
C TYR B 14 3.53 7.39 -29.62
N VAL B 15 4.61 7.91 -30.19
CA VAL B 15 5.87 7.14 -30.42
C VAL B 15 6.90 7.57 -29.38
N CYS B 16 7.39 6.60 -28.59
CA CYS B 16 8.39 6.82 -27.52
C CYS B 16 9.65 5.99 -27.82
N LEU B 17 10.81 6.55 -27.48
CA LEU B 17 12.11 5.84 -27.55
C LEU B 17 12.47 5.41 -26.12
N LEU B 18 12.55 4.12 -25.83
CA LEU B 18 12.85 3.62 -24.46
C LEU B 18 14.35 3.62 -24.21
N SER B 19 14.70 3.90 -22.97
CA SER B 19 16.08 4.12 -22.49
C SER B 19 16.09 4.03 -20.97
N ASP B 20 17.24 4.29 -20.34
CA ASP B 20 17.41 4.17 -18.88
C ASP B 20 16.26 4.85 -18.12
N HIS B 21 15.83 6.06 -18.51
CA HIS B 21 14.86 6.87 -17.75
C HIS B 21 13.54 6.91 -18.52
N LEU B 22 12.56 6.09 -18.13
CA LEU B 22 11.24 5.98 -18.79
C LEU B 22 10.33 7.17 -18.44
N LEU B 23 10.62 7.94 -17.39
CA LEU B 23 9.74 9.01 -16.84
C LEU B 23 9.26 9.99 -17.91
N PRO B 24 10.13 10.54 -18.78
CA PRO B 24 9.68 11.52 -19.76
C PRO B 24 8.78 10.93 -20.85
N ASN B 25 8.77 9.62 -21.03
CA ASN B 25 7.81 8.92 -21.93
C ASN B 25 6.49 8.64 -21.19
N VAL B 26 6.54 8.44 -19.88
CA VAL B 26 5.38 7.98 -19.07
C VAL B 26 4.52 9.18 -18.67
N ILE B 27 5.15 10.30 -18.31
CA ILE B 27 4.44 11.53 -17.82
C ILE B 27 3.38 11.96 -18.83
N PRO B 28 3.69 12.14 -20.14
CA PRO B 28 2.67 12.55 -21.10
C PRO B 28 1.50 11.56 -21.30
N VAL B 29 1.74 10.26 -21.11
CA VAL B 29 0.74 9.16 -21.30
C VAL B 29 -0.22 9.16 -20.10
N ILE B 30 0.27 9.42 -18.89
CA ILE B 30 -0.56 9.47 -17.66
C ILE B 30 -1.41 10.76 -17.68
N GLN B 31 -0.80 11.88 -18.11
CA GLN B 31 -1.45 13.22 -18.18
C GLN B 31 -2.65 13.16 -19.15
N ALA B 32 -2.42 12.63 -20.36
CA ALA B 32 -3.37 12.62 -21.49
C ALA B 32 -3.27 11.27 -22.21
N PRO B 33 -4.03 10.24 -21.79
CA PRO B 33 -3.93 8.92 -22.41
C PRO B 33 -4.16 8.93 -23.92
N PRO B 34 -3.20 8.46 -24.74
CA PRO B 34 -3.45 8.29 -26.17
C PRO B 34 -4.14 6.96 -26.42
N GLN B 35 -4.59 6.72 -27.65
CA GLN B 35 -5.27 5.47 -28.07
C GLN B 35 -4.21 4.37 -28.17
N ARG B 36 -3.03 4.73 -28.70
CA ARG B 36 -1.94 3.81 -29.06
C ARG B 36 -0.60 4.41 -28.65
N VAL B 37 0.26 3.59 -28.08
CA VAL B 37 1.71 3.92 -27.87
C VAL B 37 2.53 2.94 -28.71
N ILE B 38 3.44 3.47 -29.54
CA ILE B 38 4.49 2.66 -30.22
C ILE B 38 5.79 2.84 -29.42
N LEU B 39 6.28 1.77 -28.78
CA LEU B 39 7.52 1.75 -27.98
C LEU B 39 8.66 1.23 -28.86
N LEU B 40 9.66 2.07 -29.11
CA LEU B 40 10.92 1.67 -29.74
C LEU B 40 11.89 1.24 -28.66
N TYR B 41 12.06 -0.08 -28.48
CA TYR B 41 13.01 -0.66 -27.51
C TYR B 41 14.23 -1.19 -28.29
N THR B 42 15.28 -1.53 -27.56
CA THR B 42 16.58 -1.95 -28.11
C THR B 42 16.90 -3.35 -27.58
N PRO B 43 17.83 -4.07 -28.24
CA PRO B 43 18.20 -5.42 -27.84
C PRO B 43 18.64 -5.50 -26.37
N ASN B 44 18.25 -6.59 -25.70
CA ASN B 44 18.53 -6.91 -24.28
C ASN B 44 17.80 -5.96 -23.34
N ASN B 45 16.84 -5.17 -23.82
CA ASN B 45 16.14 -4.17 -22.98
C ASN B 45 14.63 -4.34 -23.15
N LYS B 46 14.14 -5.53 -23.50
CA LYS B 46 12.67 -5.73 -23.67
C LYS B 46 12.00 -5.56 -22.31
N GLU B 47 12.73 -5.73 -21.20
CA GLU B 47 12.17 -5.55 -19.83
C GLU B 47 11.71 -4.10 -19.62
N ARG B 48 12.25 -3.12 -20.38
CA ARG B 48 11.77 -1.71 -20.33
C ARG B 48 10.34 -1.59 -20.85
N VAL B 49 9.96 -2.39 -21.85
CA VAL B 49 8.56 -2.44 -22.36
C VAL B 49 7.66 -2.83 -21.17
N GLN B 50 8.08 -3.81 -20.36
CA GLN B 50 7.25 -4.36 -19.25
C GLN B 50 7.16 -3.29 -18.13
N ARG B 51 8.26 -2.60 -17.82
CA ARG B 51 8.23 -1.45 -16.89
C ARG B 51 7.23 -0.38 -17.36
N PHE B 52 7.24 -0.06 -18.65
CA PHE B 52 6.35 0.97 -19.25
C PHE B 52 4.89 0.56 -19.06
N ARG B 53 4.58 -0.72 -19.29
CA ARG B 53 3.21 -1.29 -19.12
C ARG B 53 2.79 -1.16 -17.65
N GLN B 54 3.68 -1.52 -16.72
CA GLN B 54 3.45 -1.49 -15.26
C GLN B 54 3.23 -0.05 -14.79
N ALA B 55 4.02 0.90 -15.30
CA ALA B 55 3.93 2.33 -14.92
C ALA B 55 2.59 2.91 -15.40
N THR B 56 2.09 2.45 -16.56
CA THR B 56 0.86 2.98 -17.19
C THR B 56 -0.32 2.02 -17.01
N GLU B 57 -0.25 1.08 -16.07
CA GLU B 57 -1.30 0.04 -15.83
C GLU B 57 -2.67 0.71 -15.57
N SER B 58 -2.67 1.88 -14.90
CA SER B 58 -3.87 2.65 -14.49
C SER B 58 -4.57 3.26 -15.71
N VAL B 59 -3.96 3.21 -16.89
CA VAL B 59 -4.44 3.92 -18.11
C VAL B 59 -4.70 2.93 -19.24
N PRO B 60 -5.97 2.64 -19.59
CA PRO B 60 -6.26 1.83 -20.78
C PRO B 60 -5.62 2.45 -22.03
N THR B 61 -4.70 1.73 -22.68
CA THR B 61 -3.95 2.17 -23.89
C THR B 61 -3.30 0.95 -24.54
N GLU B 62 -3.39 0.84 -25.86
CA GLU B 62 -2.80 -0.24 -26.68
C GLU B 62 -1.31 0.05 -26.84
N ILE B 63 -0.44 -0.90 -26.48
CA ILE B 63 1.04 -0.78 -26.62
C ILE B 63 1.53 -1.72 -27.73
N ILE B 64 2.10 -1.14 -28.80
CA ILE B 64 2.86 -1.85 -29.89
C ILE B 64 4.36 -1.69 -29.61
N GLU B 65 5.13 -2.78 -29.67
CA GLU B 65 6.60 -2.81 -29.47
C GLU B 65 7.28 -2.89 -30.84
N LYS B 66 8.39 -2.17 -31.03
CA LYS B 66 9.25 -2.27 -32.25
C LYS B 66 10.72 -2.20 -31.83
N GLN B 67 11.52 -3.15 -32.33
CA GLN B 67 12.97 -3.26 -31.99
C GLN B 67 13.74 -2.34 -32.92
N VAL B 68 14.72 -1.60 -32.40
CA VAL B 68 15.69 -0.84 -33.23
C VAL B 68 17.06 -0.98 -32.57
N HIS B 69 18.12 -0.76 -33.33
CA HIS B 69 19.51 -0.77 -32.79
C HIS B 69 19.81 0.62 -32.23
N PRO B 70 20.43 0.72 -31.04
CA PRO B 70 20.70 2.03 -30.47
C PRO B 70 21.60 2.95 -31.32
N TYR B 71 22.40 2.42 -32.24
CA TYR B 71 23.48 3.19 -32.94
C TYR B 71 23.42 3.01 -34.46
N GLN B 72 22.23 2.83 -35.02
CA GLN B 72 21.98 2.64 -36.47
C GLN B 72 20.96 3.67 -36.94
N TYR B 73 21.47 4.79 -37.48
CA TYR B 73 20.68 5.95 -37.95
C TYR B 73 19.61 5.50 -38.95
N ALA B 74 20.07 4.88 -40.05
CA ALA B 74 19.28 4.43 -41.22
C ALA B 74 18.15 3.49 -40.81
N GLN B 75 18.42 2.53 -39.94
CA GLN B 75 17.42 1.53 -39.50
C GLN B 75 16.32 2.22 -38.68
N THR B 76 16.66 3.23 -37.88
CA THR B 76 15.65 3.97 -37.08
C THR B 76 14.79 4.81 -38.03
N GLN B 77 15.42 5.42 -39.05
CA GLN B 77 14.73 6.19 -40.10
C GLN B 77 13.69 5.28 -40.80
N ARG B 78 14.06 4.04 -41.08
CA ARG B 78 13.18 3.06 -41.78
C ARG B 78 12.00 2.71 -40.90
N ILE B 79 12.21 2.50 -39.59
CA ILE B 79 11.13 2.09 -38.65
C ILE B 79 10.13 3.24 -38.51
N CYS B 80 10.62 4.48 -38.43
CA CYS B 80 9.75 5.68 -38.30
C CYS B 80 8.96 5.86 -39.59
N ASP B 81 9.59 5.71 -40.76
CA ASP B 81 8.89 5.69 -42.08
C ASP B 81 7.75 4.67 -42.04
N GLU B 82 8.01 3.44 -41.58
CA GLU B 82 6.97 2.36 -41.54
C GLU B 82 5.82 2.79 -40.61
N ILE B 83 6.14 3.38 -39.45
CA ILE B 83 5.14 3.80 -38.42
C ILE B 83 4.23 4.89 -39.00
N LEU B 84 4.82 5.84 -39.73
CA LEU B 84 4.12 7.03 -40.31
C LEU B 84 3.24 6.61 -41.49
N GLU B 85 3.62 5.55 -42.22
CA GLU B 85 2.77 4.94 -43.29
C GLU B 85 1.49 4.37 -42.64
N GLN B 86 1.64 3.59 -41.56
CA GLN B 86 0.53 2.86 -40.91
C GLN B 86 -0.30 3.78 -40.01
N PHE B 87 0.33 4.76 -39.37
CA PHE B 87 -0.30 5.74 -38.44
C PHE B 87 0.16 7.13 -38.83
N PRO B 88 -0.49 7.77 -39.83
CA PRO B 88 -0.09 9.09 -40.30
C PRO B 88 -0.28 10.22 -39.28
N ASN B 89 -1.14 10.04 -38.27
CA ASN B 89 -1.40 11.05 -37.21
C ASN B 89 -0.54 10.80 -35.96
N ALA B 90 0.61 10.15 -36.11
CA ALA B 90 1.53 9.80 -35.01
C ALA B 90 2.11 11.11 -34.46
N ILE B 91 2.41 11.14 -33.16
CA ILE B 91 3.20 12.22 -32.50
C ILE B 91 4.44 11.57 -31.89
N LEU B 92 5.60 12.25 -31.97
CA LEU B 92 6.90 11.75 -31.46
C LEU B 92 7.24 12.44 -30.16
N ASN B 93 7.52 11.65 -29.12
CA ASN B 93 8.27 12.05 -27.91
C ASN B 93 9.75 11.74 -28.19
N VAL B 94 10.56 12.76 -28.40
CA VAL B 94 11.98 12.65 -28.83
C VAL B 94 12.89 12.72 -27.58
N THR B 95 12.34 12.66 -26.36
CA THR B 95 13.11 12.86 -25.09
C THR B 95 13.95 11.60 -24.80
N GLY B 96 13.40 10.42 -25.09
CA GLY B 96 14.10 9.16 -24.81
C GLY B 96 15.15 8.84 -25.86
N GLY B 97 15.93 7.80 -25.60
CA GLY B 97 16.73 7.07 -26.61
C GLY B 97 18.15 7.62 -26.66
N THR B 98 18.98 7.05 -27.52
CA THR B 98 20.31 7.62 -27.82
C THR B 98 20.08 8.86 -28.67
N LYS B 99 21.11 9.69 -28.88
CA LYS B 99 20.99 10.80 -29.84
C LYS B 99 20.82 10.24 -31.26
N ILE B 100 21.37 9.07 -31.58
CA ILE B 100 21.22 8.46 -32.94
C ILE B 100 19.73 8.16 -33.15
N MSE B 101 19.10 7.49 -32.19
CA MSE B 101 17.69 7.14 -32.27
C MSE B 101 16.87 8.42 -32.43
O MSE B 101 16.04 8.53 -33.31
CB MSE B 101 17.27 6.36 -31.01
CG MSE B 101 17.89 4.95 -30.89
SE MSE B 101 17.56 4.09 -29.13
CE MSE B 101 15.58 4.07 -29.04
N ALA B 102 17.13 9.40 -31.56
CA ALA B 102 16.37 10.63 -31.50
C ALA B 102 16.59 11.44 -32.78
N LEU B 103 17.83 11.59 -33.27
CA LEU B 103 18.08 12.35 -34.53
C LEU B 103 17.31 11.71 -35.70
N ALA B 104 17.36 10.38 -35.80
CA ALA B 104 16.72 9.61 -36.89
C ALA B 104 15.21 9.88 -36.89
N ALA B 105 14.58 9.75 -35.73
CA ALA B 105 13.10 9.84 -35.57
C ALA B 105 12.66 11.28 -35.79
N PHE B 106 13.37 12.26 -35.19
CA PHE B 106 13.10 13.68 -35.42
C PHE B 106 13.07 13.96 -36.92
N ASP B 107 14.10 13.55 -37.65
CA ASP B 107 14.25 13.79 -39.11
C ASP B 107 12.98 13.35 -39.89
N ARG B 108 12.45 12.16 -39.62
CA ARG B 108 11.31 11.57 -40.38
C ARG B 108 10.01 12.24 -39.95
N PHE B 109 9.87 12.56 -38.66
CA PHE B 109 8.66 13.22 -38.12
C PHE B 109 8.61 14.68 -38.58
N ARG B 110 9.76 15.34 -38.68
CA ARG B 110 9.87 16.73 -39.19
C ARG B 110 9.48 16.73 -40.68
N HIS B 111 10.07 15.83 -41.46
CA HIS B 111 9.82 15.72 -42.92
C HIS B 111 8.31 15.55 -43.19
N ASN B 112 7.58 14.84 -42.32
CA ASN B 112 6.12 14.57 -42.46
C ASN B 112 5.29 15.58 -41.67
N HIS B 113 5.87 16.73 -41.28
CA HIS B 113 5.18 17.85 -40.58
C HIS B 113 4.34 17.33 -39.41
N ARG B 114 4.90 16.42 -38.60
CA ARG B 114 4.24 15.85 -37.40
C ARG B 114 4.63 16.65 -36.16
N PRO B 115 3.77 16.67 -35.13
CA PRO B 115 4.13 17.19 -33.82
C PRO B 115 5.26 16.38 -33.15
N ILE B 116 6.17 17.10 -32.51
CA ILE B 116 7.32 16.51 -31.78
C ILE B 116 7.44 17.21 -30.43
N ILE B 117 7.38 16.44 -29.36
CA ILE B 117 7.42 16.97 -27.96
C ILE B 117 8.73 16.52 -27.29
N TYR B 118 9.21 17.34 -26.37
CA TYR B 118 10.39 17.06 -25.54
C TYR B 118 10.03 17.49 -24.12
N VAL B 119 10.25 16.62 -23.13
CA VAL B 119 9.92 16.89 -21.71
C VAL B 119 11.15 17.47 -21.00
N ASP B 120 11.08 18.73 -20.57
CA ASP B 120 12.14 19.44 -19.82
C ASP B 120 11.77 19.40 -18.33
N SER B 121 12.38 18.52 -17.54
CA SER B 121 12.04 18.35 -16.10
C SER B 121 12.69 19.47 -15.27
N ASP B 122 13.70 20.17 -15.81
CA ASP B 122 14.34 21.35 -15.15
C ASP B 122 13.28 22.46 -14.97
N SER B 123 12.64 22.89 -16.06
CA SER B 123 11.62 23.97 -16.07
C SER B 123 10.19 23.40 -15.92
N GLN B 124 10.05 22.07 -15.87
CA GLN B 124 8.74 21.38 -15.76
C GLN B 124 7.84 21.77 -16.93
N ARG B 125 8.35 21.73 -18.15
CA ARG B 125 7.58 22.09 -19.37
C ARG B 125 7.68 20.97 -20.41
N ILE B 126 6.61 20.78 -21.20
CA ILE B 126 6.63 20.09 -22.51
C ILE B 126 6.98 21.13 -23.58
N LEU B 127 8.08 20.96 -24.29
CA LEU B 127 8.45 21.80 -25.46
C LEU B 127 7.85 21.16 -26.72
N TYR B 128 7.14 21.95 -27.53
CA TYR B 128 6.65 21.55 -28.87
C TYR B 128 7.69 22.00 -29.88
N LEU B 129 8.55 21.08 -30.33
CA LEU B 129 9.74 21.41 -31.17
C LEU B 129 9.31 21.76 -32.59
N HIS B 130 8.13 21.33 -33.03
CA HIS B 130 7.60 21.65 -34.38
C HIS B 130 7.25 23.15 -34.49
N ASN B 131 6.78 23.80 -33.43
CA ASN B 131 6.28 25.21 -33.53
C ASN B 131 6.91 26.16 -32.49
N GLY B 132 7.81 25.71 -31.62
CA GLY B 132 8.50 26.57 -30.63
C GLY B 132 7.64 26.92 -29.42
N GLU B 133 6.41 26.41 -29.34
CA GLU B 133 5.50 26.67 -28.18
C GLU B 133 5.89 25.75 -27.02
N SER B 134 5.23 25.88 -25.87
CA SER B 134 5.47 25.03 -24.67
C SER B 134 4.25 25.07 -23.74
N GLU B 135 4.19 24.15 -22.77
CA GLU B 135 3.07 23.96 -21.84
C GLU B 135 3.67 23.55 -20.49
N ARG B 136 3.12 24.03 -19.37
CA ARG B 136 3.50 23.57 -18.02
C ARG B 136 3.08 22.10 -17.92
N LEU B 137 3.92 21.26 -17.34
CA LEU B 137 3.55 19.89 -16.89
C LEU B 137 2.58 20.01 -15.71
N GLY B 138 1.69 19.05 -15.53
CA GLY B 138 0.97 18.85 -14.27
C GLY B 138 1.82 18.07 -13.28
N ASP B 139 1.15 17.37 -12.36
CA ASP B 139 1.78 16.49 -11.34
C ASP B 139 1.02 15.17 -11.36
N PRO B 140 1.04 14.44 -12.50
CA PRO B 140 0.19 13.27 -12.69
C PRO B 140 0.72 12.03 -11.95
N LEU B 141 2.03 11.96 -11.71
CA LEU B 141 2.69 10.73 -11.20
C LEU B 141 2.31 10.52 -9.74
N THR B 142 2.05 9.27 -9.38
CA THR B 142 2.06 8.75 -7.99
C THR B 142 3.45 8.18 -7.74
N VAL B 143 3.77 7.87 -6.48
CA VAL B 143 5.04 7.18 -6.08
C VAL B 143 5.05 5.77 -6.68
N LYS B 144 3.91 5.09 -6.71
CA LYS B 144 3.81 3.73 -7.32
C LYS B 144 4.30 3.77 -8.77
N GLN B 145 3.84 4.74 -9.56
CA GLN B 145 4.15 4.86 -11.00
C GLN B 145 5.63 5.22 -11.15
N TYR B 146 6.12 6.13 -10.33
CA TYR B 146 7.52 6.61 -10.39
C TYR B 146 8.42 5.39 -10.18
N LEU B 147 8.23 4.65 -9.09
CA LEU B 147 9.01 3.42 -8.75
C LEU B 147 8.92 2.40 -9.88
N ALA B 148 7.75 2.21 -10.49
CA ALA B 148 7.55 1.24 -11.58
C ALA B 148 8.48 1.56 -12.77
N CYS B 149 8.71 2.84 -13.07
CA CYS B 149 9.64 3.26 -14.16
C CYS B 149 11.06 2.73 -13.92
N TYR B 150 11.43 2.47 -12.67
CA TYR B 150 12.77 2.00 -12.25
C TYR B 150 12.72 0.53 -11.83
N GLY B 151 11.61 -0.14 -12.11
CA GLY B 151 11.49 -1.60 -11.89
C GLY B 151 11.12 -1.95 -10.48
N PHE B 152 10.73 -0.98 -9.64
CA PHE B 152 10.49 -1.22 -8.19
C PHE B 152 8.99 -1.24 -7.87
N LYS B 153 8.62 -2.09 -6.92
CA LYS B 153 7.24 -2.12 -6.35
C LYS B 153 7.39 -2.04 -4.82
N ALA B 154 6.38 -1.48 -4.15
CA ALA B 154 6.29 -1.36 -2.68
C ALA B 154 5.68 -2.63 -2.09
N ASP B 155 6.26 -3.12 -0.98
CA ASP B 155 5.70 -4.18 -0.09
C ASP B 155 4.82 -3.53 0.99
N ASN B 156 5.37 -2.66 1.84
CA ASN B 156 4.63 -1.87 2.86
C ASN B 156 4.77 -0.37 2.56
N PRO B 164 1.35 6.62 20.18
CA PRO B 164 0.89 7.14 21.48
C PRO B 164 1.08 8.65 21.63
N LYS B 165 0.06 9.36 22.13
CA LYS B 165 0.05 10.85 22.25
C LYS B 165 1.26 11.31 23.07
N THR B 166 1.55 10.58 24.15
CA THR B 166 2.60 10.93 25.15
C THR B 166 3.98 10.95 24.48
N TRP B 167 4.21 10.14 23.44
CA TRP B 167 5.56 9.95 22.83
C TRP B 167 5.87 11.06 21.81
N ARG B 168 4.86 11.60 21.12
CA ARG B 168 5.04 12.74 20.17
C ARG B 168 5.61 13.96 20.92
N GLU B 169 5.17 14.19 22.16
CA GLU B 169 5.69 15.30 23.02
C GLU B 169 7.19 15.11 23.23
N VAL B 170 7.64 13.87 23.46
CA VAL B 170 9.06 13.52 23.73
C VAL B 170 9.88 13.80 22.47
N GLU B 171 9.36 13.38 21.32
CA GLU B 171 9.93 13.59 19.96
C GLU B 171 10.27 15.08 19.75
N ASP B 172 9.34 15.98 20.03
CA ASP B 172 9.53 17.45 19.93
C ASP B 172 10.62 17.93 20.93
N LEU B 173 10.60 17.43 22.16
CA LEU B 173 11.61 17.81 23.21
C LEU B 173 13.01 17.31 22.82
N PHE B 174 13.12 16.10 22.26
CA PHE B 174 14.39 15.49 21.75
C PHE B 174 14.97 16.37 20.63
N ALA B 175 14.11 16.79 19.70
CA ALA B 175 14.49 17.64 18.55
C ALA B 175 14.98 19.01 19.05
N GLN B 176 14.24 19.64 19.97
CA GLN B 176 14.58 20.98 20.54
C GLN B 176 15.85 20.89 21.40
N ASN B 177 16.12 19.75 22.03
CA ASN B 177 17.25 19.57 22.99
C ASN B 177 18.40 18.73 22.38
N SER B 178 18.42 18.56 21.07
CA SER B 178 19.31 17.60 20.36
C SER B 178 20.77 17.89 20.70
N THR B 179 21.16 19.15 20.84
CA THR B 179 22.57 19.53 21.15
C THR B 179 22.94 19.02 22.55
N LYS B 180 22.15 19.34 23.57
CA LYS B 180 22.51 19.06 24.98
C LYS B 180 22.25 17.57 25.33
N TRP B 181 21.38 16.86 24.59
CA TRP B 181 21.08 15.43 24.84
C TRP B 181 21.71 14.51 23.78
N GLN B 182 22.60 15.08 22.96
CA GLN B 182 23.25 14.44 21.78
C GLN B 182 23.79 13.06 22.18
N ASN B 183 24.68 13.03 23.17
CA ASN B 183 25.42 11.82 23.60
C ASN B 183 24.46 10.83 24.26
N GLN B 184 23.56 11.30 25.12
CA GLN B 184 22.65 10.41 25.88
C GLN B 184 21.73 9.70 24.89
N LEU B 185 21.17 10.44 23.93
CA LEU B 185 20.20 9.91 22.94
C LEU B 185 20.94 8.98 21.95
N GLY B 186 22.15 9.35 21.54
CA GLY B 186 23.00 8.49 20.68
C GLY B 186 23.25 7.15 21.33
N ARG B 187 23.66 7.19 22.60
CA ARG B 187 23.94 6.00 23.45
C ARG B 187 22.67 5.14 23.59
N LEU B 188 21.52 5.74 23.87
CA LEU B 188 20.24 4.99 23.99
C LEU B 188 19.89 4.34 22.63
N ASN B 189 20.16 5.03 21.51
CA ASN B 189 19.92 4.52 20.13
C ASN B 189 20.72 3.22 19.96
N TRP B 190 21.99 3.23 20.39
CA TRP B 190 22.93 2.07 20.30
C TRP B 190 22.35 0.90 21.10
N ILE B 191 22.07 1.14 22.38
CA ILE B 191 21.47 0.14 23.32
C ILE B 191 20.23 -0.49 22.65
N ALA B 192 19.35 0.34 22.08
CA ALA B 192 18.09 -0.09 21.46
C ALA B 192 18.40 -0.92 20.22
N ALA B 193 19.41 -0.52 19.44
CA ALA B 193 19.84 -1.18 18.20
C ALA B 193 20.37 -2.59 18.51
N GLN B 194 21.18 -2.72 19.58
CA GLN B 194 21.79 -4.00 20.01
C GLN B 194 20.77 -4.90 20.72
N GLN B 195 19.58 -4.38 21.02
CA GLN B 195 18.52 -5.07 21.81
C GLN B 195 19.09 -5.52 23.17
N GLN B 196 20.01 -4.75 23.76
CA GLN B 196 20.54 -4.95 25.13
C GLN B 196 19.40 -4.78 26.12
N PRO B 197 18.95 -5.85 26.81
CA PRO B 197 17.70 -5.82 27.59
C PRO B 197 17.70 -4.89 28.82
N ILE B 198 18.82 -4.80 29.55
CA ILE B 198 18.96 -3.93 30.76
C ILE B 198 20.12 -2.95 30.53
N PHE B 199 19.94 -1.68 30.90
CA PHE B 199 20.95 -0.60 30.69
C PHE B 199 20.87 0.40 31.84
N THR B 200 21.97 1.15 32.02
CA THR B 200 22.09 2.32 32.91
C THR B 200 21.77 3.60 32.12
N LEU B 201 21.28 4.60 32.84
CA LEU B 201 21.15 6.01 32.37
C LEU B 201 21.35 6.91 33.59
N GLN B 202 22.29 7.86 33.53
CA GLN B 202 22.49 8.90 34.58
C GLN B 202 21.13 9.54 34.91
N THR B 203 20.91 9.93 36.17
CA THR B 203 19.74 10.75 36.60
C THR B 203 19.85 12.13 35.94
N GLY B 204 18.71 12.74 35.61
CA GLY B 204 18.62 14.01 34.86
C GLY B 204 17.27 14.15 34.18
N GLU B 205 17.06 15.28 33.49
CA GLU B 205 15.78 15.60 32.80
C GLU B 205 15.40 14.46 31.87
N LEU B 206 16.36 13.88 31.15
CA LEU B 206 16.11 12.87 30.08
C LEU B 206 15.54 11.59 30.68
N GLN B 207 16.15 11.08 31.77
CA GLN B 207 15.71 9.86 32.47
C GLN B 207 14.29 10.05 33.01
N ASP B 208 14.03 11.20 33.66
CA ASP B 208 12.69 11.57 34.20
C ASP B 208 11.67 11.54 33.06
N LEU B 209 12.02 12.16 31.93
CA LEU B 209 11.13 12.29 30.76
C LEU B 209 10.75 10.91 30.22
N LEU B 210 11.74 10.03 30.03
CA LEU B 210 11.53 8.66 29.48
C LEU B 210 10.71 7.81 30.47
N LEU B 211 10.97 7.97 31.77
CA LEU B 211 10.16 7.31 32.85
C LEU B 211 8.72 7.80 32.81
N LYS B 212 8.50 9.13 32.78
CA LYS B 212 7.16 9.79 32.78
C LYS B 212 6.39 9.42 31.50
N ALA B 213 7.08 9.37 30.35
CA ALA B 213 6.49 8.99 29.04
C ALA B 213 6.22 7.48 28.96
N ASN B 214 6.75 6.71 29.92
CA ASN B 214 6.61 5.22 29.97
C ASN B 214 7.32 4.60 28.76
N LEU B 215 8.51 5.09 28.44
CA LEU B 215 9.39 4.52 27.37
C LEU B 215 10.38 3.53 28.01
N ILE B 216 10.86 3.84 29.21
CA ILE B 216 11.70 2.95 30.06
C ILE B 216 10.98 2.72 31.40
N LYS B 217 11.25 1.58 32.04
CA LYS B 217 10.81 1.21 33.41
C LYS B 217 12.03 0.67 34.14
N PRO B 218 12.05 0.68 35.49
CA PRO B 218 13.18 0.14 36.24
C PRO B 218 13.28 -1.39 36.06
N ALA B 219 14.48 -1.94 36.19
CA ALA B 219 14.73 -3.40 36.18
C ALA B 219 14.47 -3.98 37.58
N GLU B 220 13.99 -5.23 37.66
CA GLU B 220 13.97 -6.06 38.90
C GLU B 220 15.40 -6.51 39.25
N GLY B 225 19.42 0.33 37.12
CA GLY B 225 19.22 -0.29 35.79
C GLY B 225 17.80 -0.09 35.30
N PHE B 226 17.63 0.02 33.97
CA PHE B 226 16.32 0.20 33.31
C PHE B 226 16.21 -0.76 32.12
N GLN B 227 14.99 -0.94 31.64
CA GLN B 227 14.65 -1.70 30.41
C GLN B 227 13.60 -0.91 29.62
N PHE B 228 13.46 -1.15 28.32
CA PHE B 228 12.38 -0.57 27.51
C PHE B 228 11.06 -1.18 27.98
N THR B 229 9.98 -0.40 27.95
CA THR B 229 8.63 -0.80 28.45
C THR B 229 7.95 -1.73 27.43
N SER B 230 8.50 -1.85 26.22
CA SER B 230 7.91 -2.61 25.08
C SER B 230 8.90 -2.63 23.91
N ASP B 231 8.65 -3.47 22.92
CA ASP B 231 9.42 -3.46 21.64
C ASP B 231 9.15 -2.13 20.92
N GLN B 232 7.90 -1.63 20.97
CA GLN B 232 7.50 -0.36 20.32
C GLN B 232 8.34 0.78 20.91
N ALA B 233 8.51 0.80 22.23
CA ALA B 233 9.33 1.79 22.95
C ALA B 233 10.79 1.70 22.49
N ARG B 234 11.31 0.49 22.33
CA ARG B 234 12.70 0.25 21.85
C ARG B 234 12.85 0.84 20.44
N GLN B 235 11.92 0.50 19.53
CA GLN B 235 11.93 0.98 18.13
C GLN B 235 11.96 2.50 18.11
N PHE B 236 11.13 3.13 18.93
CA PHE B 236 11.03 4.61 19.08
C PHE B 236 12.37 5.19 19.50
N ILE B 237 13.09 4.56 20.42
CA ILE B 237 14.40 5.08 20.90
C ILE B 237 15.49 4.75 19.89
N ASN B 238 15.27 3.70 19.09
CA ASN B 238 16.17 3.26 17.99
C ASN B 238 15.98 4.17 16.77
N GLY B 239 16.10 5.49 16.98
CA GLY B 239 15.94 6.50 15.91
C GLY B 239 14.52 6.61 15.36
N GLY B 240 13.56 5.80 15.83
CA GLY B 240 12.18 5.86 15.33
C GLY B 240 11.55 7.22 15.56
N TRP B 241 11.81 7.82 16.74
CA TRP B 241 11.31 9.16 17.09
C TRP B 241 11.69 10.16 16.00
N PHE B 242 12.92 10.10 15.49
CA PHE B 242 13.43 11.12 14.53
C PHE B 242 12.81 10.90 13.16
N GLU B 243 12.59 9.64 12.77
CA GLU B 243 11.88 9.30 11.51
C GLU B 243 10.50 9.93 11.56
N HIS B 244 9.79 9.80 12.67
CA HIS B 244 8.43 10.36 12.83
C HIS B 244 8.52 11.89 12.88
N TYR B 245 9.55 12.44 13.52
CA TYR B 245 9.71 13.91 13.61
C TYR B 245 9.77 14.48 12.19
N VAL B 246 10.64 13.91 11.36
CA VAL B 246 10.86 14.39 9.97
C VAL B 246 9.54 14.25 9.19
N TYR B 247 8.87 13.10 9.28
CA TYR B 247 7.58 12.86 8.58
C TYR B 247 6.56 13.92 9.02
N SER B 248 6.49 14.22 10.32
CA SER B 248 5.49 15.16 10.90
C SER B 248 5.78 16.60 10.44
N LEU B 249 7.05 17.00 10.32
CA LEU B 249 7.40 18.32 9.72
C LEU B 249 6.87 18.35 8.26
N LEU B 250 7.00 17.26 7.52
CA LEU B 250 6.59 17.25 6.09
C LEU B 250 5.06 17.24 5.98
N ARG B 251 4.32 16.68 6.93
CA ARG B 251 2.84 16.80 6.98
C ARG B 251 2.45 18.27 7.22
N GLN B 252 3.12 18.95 8.16
CA GLN B 252 2.90 20.41 8.37
C GLN B 252 3.19 21.16 7.07
N ILE B 253 4.38 20.98 6.49
CA ILE B 253 4.83 21.65 5.23
C ILE B 253 3.83 21.36 4.10
N SER B 254 3.30 20.14 4.00
CA SER B 254 2.30 19.75 2.98
C SER B 254 1.10 20.70 2.99
N ALA B 255 0.80 21.33 4.12
CA ALA B 255 -0.35 22.25 4.26
C ALA B 255 -0.13 23.48 3.38
N GLN B 256 1.12 23.83 3.07
CA GLN B 256 1.48 25.11 2.39
C GLN B 256 2.23 24.87 1.06
N TYR B 257 2.91 23.73 0.88
CA TYR B 257 3.54 23.33 -0.39
C TYR B 257 2.94 22.02 -0.85
N PRO B 258 2.65 21.84 -2.17
CA PRO B 258 1.95 20.64 -2.65
C PRO B 258 2.86 19.40 -2.78
N ILE B 259 3.42 18.92 -1.68
CA ILE B 259 4.14 17.62 -1.62
C ILE B 259 3.09 16.51 -1.81
N LYS B 260 3.34 15.51 -2.65
CA LYS B 260 2.38 14.41 -2.93
C LYS B 260 2.90 13.05 -2.42
N ASN B 261 1.99 12.18 -1.99
CA ASN B 261 2.24 10.74 -1.69
C ASN B 261 3.31 10.63 -0.59
N LEU B 262 3.30 11.51 0.41
CA LEU B 262 4.23 11.44 1.56
C LEU B 262 4.07 10.10 2.27
N THR B 263 5.14 9.31 2.35
CA THR B 263 5.13 7.94 2.93
C THR B 263 6.36 7.79 3.84
N LYS B 264 6.20 7.01 4.91
CA LYS B 264 7.28 6.68 5.88
C LYS B 264 7.54 5.18 5.77
N ASN B 265 8.80 4.76 5.94
CA ASN B 265 9.23 3.33 5.99
C ASN B 265 8.63 2.55 4.82
N ILE B 266 8.90 2.97 3.58
CA ILE B 266 8.50 2.21 2.36
C ILE B 266 9.54 1.11 2.14
N GLU B 267 9.09 -0.10 1.84
CA GLU B 267 9.94 -1.27 1.54
C GLU B 267 9.77 -1.56 0.06
N ILE B 268 10.83 -1.41 -0.74
CA ILE B 268 10.73 -1.52 -2.23
C ILE B 268 11.65 -2.63 -2.72
N SER B 269 11.18 -3.41 -3.69
CA SER B 269 11.93 -4.51 -4.31
C SER B 269 11.84 -4.40 -5.82
N ASN B 270 12.84 -4.92 -6.54
CA ASN B 270 12.72 -5.17 -8.00
C ASN B 270 12.77 -6.67 -8.31
N ASP B 271 12.78 -7.53 -7.31
CA ASP B 271 12.83 -9.00 -7.54
C ASP B 271 14.26 -9.52 -7.48
N SER B 272 15.29 -8.65 -7.55
CA SER B 272 16.70 -9.00 -7.22
C SER B 272 17.17 -8.41 -5.86
N VAL B 273 16.83 -7.14 -5.57
CA VAL B 273 17.20 -6.46 -4.31
C VAL B 273 15.94 -5.88 -3.64
N SER B 274 16.01 -5.67 -2.32
CA SER B 274 15.04 -4.86 -1.55
C SER B 274 15.79 -3.72 -0.83
N ASN B 275 15.17 -2.55 -0.79
CA ASN B 275 15.64 -1.33 -0.06
C ASN B 275 14.52 -0.85 0.86
N GLU B 276 14.87 -0.41 2.07
CA GLU B 276 13.97 0.37 2.95
C GLU B 276 14.31 1.85 2.76
N LEU B 277 13.29 2.70 2.60
CA LEU B 277 13.42 4.18 2.49
C LEU B 277 12.61 4.84 3.62
N ASP B 278 13.25 5.75 4.34
CA ASP B 278 12.74 6.29 5.63
C ASP B 278 11.54 7.18 5.35
N VAL B 279 11.70 8.21 4.52
CA VAL B 279 10.62 9.15 4.13
C VAL B 279 10.78 9.46 2.64
N VAL B 280 9.68 9.36 1.89
CA VAL B 280 9.65 9.66 0.44
C VAL B 280 8.40 10.51 0.17
N PHE B 281 8.53 11.42 -0.77
CA PHE B 281 7.40 12.16 -1.37
C PHE B 281 7.79 12.55 -2.78
N LEU B 282 6.76 12.93 -3.55
CA LEU B 282 6.89 13.53 -4.89
C LEU B 282 6.65 15.03 -4.77
N TYR B 283 7.44 15.81 -5.46
CA TYR B 283 7.25 17.27 -5.61
C TYR B 283 7.80 17.67 -6.96
N HIS B 284 6.93 18.24 -7.80
CA HIS B 284 7.23 18.62 -9.21
C HIS B 284 7.77 17.39 -9.96
N ASN B 285 7.15 16.22 -9.76
CA ASN B 285 7.46 14.98 -10.52
C ASN B 285 8.87 14.47 -10.21
N LYS B 286 9.48 14.91 -9.11
CA LYS B 286 10.79 14.37 -8.65
C LYS B 286 10.60 13.64 -7.33
N LEU B 287 11.09 12.41 -7.23
CA LEU B 287 11.08 11.66 -5.96
C LEU B 287 12.13 12.26 -5.03
N HIS B 288 11.69 12.57 -3.82
CA HIS B 288 12.50 13.12 -2.71
C HIS B 288 12.63 12.02 -1.68
N VAL B 289 13.86 11.66 -1.34
CA VAL B 289 14.17 10.58 -0.38
C VAL B 289 14.95 11.20 0.77
N ILE B 290 14.46 11.05 2.01
CA ILE B 290 15.20 11.44 3.24
C ILE B 290 15.64 10.17 3.95
N GLU B 291 16.93 10.07 4.23
CA GLU B 291 17.52 9.08 5.17
C GLU B 291 17.64 9.77 6.54
N CYS B 292 16.87 9.29 7.52
CA CYS B 292 16.81 9.88 8.89
C CYS B 292 16.82 8.82 9.98
N LYS B 293 16.76 7.53 9.64
CA LYS B 293 17.20 6.41 10.54
C LYS B 293 18.72 6.49 10.66
N THR B 294 19.24 6.45 11.89
CA THR B 294 20.68 6.63 12.22
C THR B 294 21.19 5.34 12.84
N ARG B 295 20.46 4.22 12.74
CA ARG B 295 20.78 2.94 13.41
C ARG B 295 21.75 2.07 12.59
N HIS B 296 22.37 2.59 11.52
CA HIS B 296 23.57 1.99 10.87
C HIS B 296 24.81 2.83 11.20
N PHE B 297 25.69 2.29 12.06
CA PHE B 297 26.96 2.91 12.49
N THR B 298 30.97 1.36 15.75
CA THR B 298 32.09 1.60 16.70
C THR B 298 31.73 1.00 18.07
CA LYS B 302 29.59 6.15 17.92
C LYS B 302 28.80 5.84 16.63
N ILE B 303 27.99 6.79 16.15
CA ILE B 303 27.27 6.72 14.85
C ILE B 303 28.29 6.94 13.73
N ASN B 304 28.21 6.16 12.65
CA ASN B 304 29.17 6.19 11.51
C ASN B 304 28.44 6.63 10.24
N PRO B 305 28.45 7.94 9.91
CA PRO B 305 27.65 8.45 8.80
C PRO B 305 28.19 8.12 7.41
N MSE B 306 29.49 7.82 7.30
CA MSE B 306 30.11 7.59 6.00
C MSE B 306 29.47 6.38 5.30
O MSE B 306 29.17 6.45 4.10
CB MSE B 306 31.62 7.45 6.13
CG MSE B 306 32.33 8.78 6.32
SE MSE B 306 32.20 9.91 4.71
CE MSE B 306 33.97 10.73 4.41
N GLU B 307 29.25 5.29 6.03
CA GLU B 307 28.63 4.11 5.42
C GLU B 307 27.22 4.49 4.93
N THR B 308 26.51 5.34 5.66
CA THR B 308 25.13 5.80 5.31
C THR B 308 25.17 6.66 4.04
N ILE B 309 26.17 7.52 3.89
CA ILE B 309 26.28 8.42 2.70
C ILE B 309 26.44 7.58 1.43
N TYR B 310 27.26 6.53 1.47
CA TYR B 310 27.51 5.63 0.32
C TYR B 310 26.22 4.90 -0.05
N LYS B 311 25.49 4.44 0.96
CA LYS B 311 24.19 3.75 0.74
C LYS B 311 23.21 4.74 0.09
N ILE B 312 23.06 5.95 0.64
CA ILE B 312 22.15 7.00 0.10
C ILE B 312 22.51 7.23 -1.38
N ASP B 313 23.79 7.44 -1.64
CA ASP B 313 24.24 7.73 -3.03
C ASP B 313 23.87 6.57 -3.96
N SER B 314 24.18 5.32 -3.56
CA SER B 314 23.95 4.10 -4.37
C SER B 314 22.45 3.89 -4.60
N VAL B 315 21.66 3.82 -3.53
CA VAL B 315 20.22 3.42 -3.59
C VAL B 315 19.41 4.52 -4.28
N THR B 316 19.60 5.79 -3.94
CA THR B 316 18.76 6.91 -4.43
C THR B 316 18.96 7.04 -5.94
N ASN B 317 20.18 6.81 -6.44
CA ASN B 317 20.45 6.87 -7.90
C ASN B 317 19.69 5.72 -8.59
N ARG B 318 19.63 4.53 -8.01
CA ARG B 318 18.94 3.37 -8.62
C ARG B 318 17.40 3.54 -8.49
N VAL B 319 16.89 4.09 -7.39
CA VAL B 319 15.43 4.04 -7.06
C VAL B 319 14.73 5.28 -7.64
N ALA B 320 15.40 6.41 -7.62
CA ALA B 320 14.85 7.75 -7.94
C ALA B 320 15.45 8.31 -9.24
N GLY B 321 16.49 7.68 -9.77
CA GLY B 321 17.14 8.11 -11.02
C GLY B 321 17.85 9.43 -10.89
N ILE B 322 18.26 10.01 -12.01
CA ILE B 322 19.21 11.16 -12.09
C ILE B 322 18.49 12.45 -11.65
N LYS B 323 17.16 12.55 -11.80
CA LYS B 323 16.39 13.76 -11.41
C LYS B 323 15.88 13.65 -9.95
N GLY B 324 16.06 12.50 -9.31
CA GLY B 324 15.69 12.27 -7.89
C GLY B 324 16.53 13.16 -6.97
N LYS B 325 16.01 13.47 -5.78
CA LYS B 325 16.71 14.33 -4.78
C LYS B 325 16.79 13.59 -3.46
N SER B 326 17.96 13.64 -2.82
CA SER B 326 18.26 12.89 -1.57
C SER B 326 18.68 13.88 -0.49
N MSE B 327 18.24 13.58 0.73
CA MSE B 327 18.68 14.33 1.89
C MSE B 327 19.11 13.35 2.97
O MSE B 327 18.55 12.27 3.13
CB MSE B 327 17.54 15.21 2.41
CG MSE B 327 17.81 15.77 3.77
SE MSE B 327 16.50 17.13 4.19
CE MSE B 327 17.54 18.38 5.29
N PHE B 328 20.14 13.77 3.72
CA PHE B 328 20.57 13.07 4.90
C PHE B 328 20.26 13.97 6.11
N ALA B 329 19.31 13.52 6.93
CA ALA B 329 18.86 14.23 8.14
C ALA B 329 19.36 13.45 9.35
N SER B 330 19.97 14.15 10.30
CA SER B 330 20.61 13.56 11.50
C SER B 330 20.30 14.43 12.72
N TYR B 331 20.12 13.80 13.88
CA TYR B 331 20.06 14.48 15.20
C TYR B 331 21.48 14.70 15.74
N TYR B 332 22.47 13.97 15.23
CA TYR B 332 23.88 14.00 15.71
C TYR B 332 24.72 14.81 14.73
N PRO B 333 25.64 15.66 15.22
CA PRO B 333 26.46 16.46 14.31
C PRO B 333 27.31 15.55 13.40
N LEU B 334 27.43 15.89 12.12
CA LEU B 334 28.31 15.19 11.14
C LEU B 334 29.66 15.90 11.09
N THR B 335 30.73 15.13 10.90
CA THR B 335 32.11 15.64 10.70
C THR B 335 32.16 16.46 9.38
N GLN B 336 33.20 17.26 9.21
CA GLN B 336 33.45 18.07 7.99
C GLN B 336 33.53 17.16 6.77
N ALA B 337 34.23 16.02 6.90
CA ALA B 337 34.48 15.05 5.81
C ALA B 337 33.14 14.52 5.27
N ALA B 338 32.23 14.16 6.18
CA ALA B 338 30.90 13.62 5.84
C ALA B 338 30.10 14.67 5.07
N LYS B 339 30.19 15.94 5.51
CA LYS B 339 29.48 17.08 4.88
C LYS B 339 30.06 17.32 3.48
N LYS B 340 31.39 17.23 3.35
CA LYS B 340 32.08 17.43 2.04
C LYS B 340 31.64 16.32 1.05
N ARG B 341 31.51 15.08 1.51
CA ARG B 341 31.11 13.96 0.61
C ARG B 341 29.66 14.18 0.18
N CYS B 342 28.78 14.57 1.11
CA CYS B 342 27.38 14.93 0.79
C CYS B 342 27.30 16.01 -0.28
N LEU B 343 28.06 17.11 -0.12
CA LEU B 343 28.10 18.20 -1.13
C LEU B 343 28.57 17.62 -2.47
N ASN B 344 29.65 16.84 -2.45
CA ASN B 344 30.24 16.20 -3.65
C ASN B 344 29.18 15.30 -4.34
N ASN B 345 28.28 14.67 -3.58
CA ASN B 345 27.35 13.63 -4.07
C ASN B 345 25.96 14.22 -4.31
N SER B 346 25.81 15.56 -4.19
CA SER B 346 24.54 16.33 -4.32
C SER B 346 23.49 15.82 -3.31
N ILE B 347 23.93 15.44 -2.11
CA ILE B 347 23.02 15.02 -1.00
C ILE B 347 22.87 16.21 -0.06
N TYR B 348 21.68 16.77 0.07
CA TYR B 348 21.42 17.86 1.06
C TYR B 348 21.58 17.25 2.46
N VAL B 349 22.19 18.02 3.36
CA VAL B 349 22.48 17.55 4.74
C VAL B 349 21.89 18.53 5.76
N SER B 350 21.20 17.99 6.76
CA SER B 350 20.78 18.66 8.02
C SER B 350 21.26 17.82 9.20
N ASP B 351 22.10 18.41 10.06
CA ASP B 351 22.57 17.76 11.32
C ASP B 351 22.13 18.60 12.52
N GLN B 352 21.15 19.49 12.35
CA GLN B 352 20.61 20.42 13.37
C GLN B 352 19.09 20.33 13.39
N PRO B 353 18.48 19.37 14.11
CA PRO B 353 17.02 19.24 14.15
C PRO B 353 16.21 20.52 14.42
N SER B 354 16.77 21.46 15.18
CA SER B 354 16.17 22.79 15.46
C SER B 354 15.88 23.54 14.15
N GLN B 355 16.72 23.36 13.13
CA GLN B 355 16.67 24.11 11.84
C GLN B 355 15.95 23.31 10.76
N LEU B 356 15.43 22.12 11.06
CA LEU B 356 15.02 21.17 9.98
C LEU B 356 13.89 21.77 9.16
N HIS B 357 12.87 22.35 9.80
CA HIS B 357 11.71 22.94 9.09
C HIS B 357 12.20 23.89 7.99
N HIS B 358 13.04 24.85 8.38
CA HIS B 358 13.62 25.86 7.47
C HIS B 358 14.42 25.16 6.35
N GLN B 359 15.22 24.14 6.72
CA GLN B 359 16.11 23.43 5.77
C GLN B 359 15.25 22.61 4.80
N LEU B 360 14.16 22.02 5.25
CA LEU B 360 13.27 21.24 4.36
C LEU B 360 12.70 22.17 3.29
N ILE B 361 12.26 23.36 3.70
CA ILE B 361 11.68 24.39 2.78
C ILE B 361 12.78 24.82 1.78
N LYS B 362 14.00 25.09 2.24
CA LYS B 362 15.14 25.47 1.36
C LYS B 362 15.38 24.36 0.32
N TRP B 363 15.51 23.09 0.77
CA TRP B 363 15.76 21.91 -0.09
C TRP B 363 14.69 21.79 -1.17
N ILE B 364 13.42 21.83 -0.77
CA ILE B 364 12.26 21.60 -1.67
C ILE B 364 12.20 22.69 -2.77
N ASN B 365 12.75 23.89 -2.51
CA ASN B 365 12.70 25.05 -3.44
C ASN B 365 14.06 25.29 -4.14
N ALA B 366 15.06 24.42 -3.91
CA ALA B 366 16.43 24.55 -4.46
CA ASP C 12 -11.60 16.88 -15.38
C ASP C 12 -12.34 17.36 -14.12
N THR C 13 -13.66 17.39 -14.17
CA THR C 13 -14.54 17.71 -13.01
C THR C 13 -15.45 16.50 -12.78
N TYR C 14 -15.31 15.89 -11.60
CA TYR C 14 -16.08 14.69 -11.18
C TYR C 14 -17.11 15.13 -10.15
N VAL C 15 -18.38 14.87 -10.42
CA VAL C 15 -19.51 15.15 -9.48
C VAL C 15 -19.96 13.83 -8.86
N CYS C 16 -19.89 13.74 -7.53
CA CYS C 16 -20.23 12.53 -6.74
C CYS C 16 -21.35 12.85 -5.74
N LEU C 17 -22.24 11.89 -5.53
CA LEU C 17 -23.32 11.98 -4.53
C LEU C 17 -22.90 11.15 -3.32
N LEU C 18 -22.68 11.76 -2.17
CA LEU C 18 -22.15 11.04 -0.97
C LEU C 18 -23.30 10.37 -0.21
N SER C 19 -23.03 9.21 0.34
CA SER C 19 -24.02 8.30 0.97
C SER C 19 -23.26 7.26 1.81
N ASP C 20 -23.97 6.26 2.37
CA ASP C 20 -23.34 5.25 3.27
C ASP C 20 -22.07 4.65 2.66
N HIS C 21 -22.05 4.32 1.37
CA HIS C 21 -20.92 3.62 0.73
C HIS C 21 -20.18 4.58 -0.21
N LEU C 22 -19.04 5.10 0.24
CA LEU C 22 -18.21 6.07 -0.52
C LEU C 22 -17.40 5.36 -1.63
N LEU C 23 -17.23 4.04 -1.55
CA LEU C 23 -16.30 3.28 -2.43
C LEU C 23 -16.52 3.54 -3.92
N PRO C 24 -17.77 3.51 -4.44
CA PRO C 24 -17.98 3.68 -5.87
C PRO C 24 -17.68 5.11 -6.36
N ASN C 25 -17.64 6.10 -5.46
CA ASN C 25 -17.17 7.47 -5.78
C ASN C 25 -15.65 7.57 -5.69
N VAL C 26 -15.02 6.78 -4.83
CA VAL C 26 -13.55 6.90 -4.52
C VAL C 26 -12.75 6.12 -5.57
N ILE C 27 -13.23 4.94 -5.99
CA ILE C 27 -12.49 4.03 -6.90
C ILE C 27 -12.14 4.77 -8.19
N PRO C 28 -13.08 5.44 -8.91
CA PRO C 28 -12.71 6.16 -10.14
C PRO C 28 -11.72 7.33 -9.97
N VAL C 29 -11.73 7.98 -8.80
CA VAL C 29 -10.84 9.13 -8.46
C VAL C 29 -9.41 8.63 -8.22
N ILE C 30 -9.24 7.47 -7.57
CA ILE C 30 -7.92 6.89 -7.25
C ILE C 30 -7.34 6.30 -8.54
N GLN C 31 -8.19 5.65 -9.35
CA GLN C 31 -7.82 4.99 -10.64
C GLN C 31 -7.24 6.03 -11.59
N ALA C 32 -7.94 7.15 -11.77
CA ALA C 32 -7.64 8.22 -12.76
C ALA C 32 -7.91 9.58 -12.13
N PRO C 33 -6.93 10.18 -11.41
CA PRO C 33 -7.18 11.41 -10.66
C PRO C 33 -7.71 12.55 -11.53
N PRO C 34 -8.90 13.12 -11.24
CA PRO C 34 -9.35 14.31 -11.95
C PRO C 34 -8.73 15.55 -11.30
N GLN C 35 -8.91 16.71 -11.93
CA GLN C 35 -8.46 18.02 -11.39
C GLN C 35 -9.34 18.38 -10.19
N ARG C 36 -10.64 18.12 -10.28
CA ARG C 36 -11.66 18.70 -9.37
C ARG C 36 -12.73 17.66 -9.08
N VAL C 37 -13.09 17.54 -7.81
CA VAL C 37 -14.26 16.73 -7.38
C VAL C 37 -15.28 17.67 -6.73
N ILE C 38 -16.53 17.62 -7.18
CA ILE C 38 -17.68 18.28 -6.52
C ILE C 38 -18.42 17.19 -5.72
N LEU C 39 -18.40 17.30 -4.38
CA LEU C 39 -19.09 16.38 -3.44
C LEU C 39 -20.45 16.96 -3.06
N LEU C 40 -21.53 16.30 -3.46
CA LEU C 40 -22.90 16.63 -3.02
C LEU C 40 -23.18 15.83 -1.74
N TYR C 41 -23.09 16.47 -0.57
CA TYR C 41 -23.34 15.85 0.74
C TYR C 41 -24.68 16.34 1.27
N THR C 42 -25.19 15.69 2.32
CA THR C 42 -26.52 15.97 2.89
C THR C 42 -26.35 16.41 4.34
N PRO C 43 -27.39 17.05 4.94
CA PRO C 43 -27.37 17.47 6.34
C PRO C 43 -27.00 16.34 7.30
N ASN C 44 -26.18 16.68 8.31
CA ASN C 44 -25.71 15.79 9.40
C ASN C 44 -24.74 14.73 8.87
N ASN C 45 -24.24 14.87 7.65
CA ASN C 45 -23.36 13.87 7.00
C ASN C 45 -22.12 14.57 6.46
N LYS C 46 -21.74 15.71 7.03
CA LYS C 46 -20.49 16.42 6.64
C LYS C 46 -19.30 15.50 6.97
N GLU C 47 -19.44 14.57 7.92
CA GLU C 47 -18.36 13.60 8.28
C GLU C 47 -17.97 12.74 7.07
N ARG C 48 -18.89 12.52 6.11
CA ARG C 48 -18.61 11.73 4.89
C ARG C 48 -17.66 12.50 3.98
N VAL C 49 -17.75 13.83 3.96
CA VAL C 49 -16.79 14.67 3.19
C VAL C 49 -15.39 14.39 3.75
N GLN C 50 -15.24 14.28 5.07
CA GLN C 50 -13.93 14.11 5.74
C GLN C 50 -13.39 12.69 5.47
N ARG C 51 -14.26 11.67 5.51
CA ARG C 51 -13.89 10.30 5.07
C ARG C 51 -13.38 10.30 3.62
N PHE C 52 -14.08 10.99 2.72
CA PHE C 52 -13.72 11.07 1.28
C PHE C 52 -12.34 11.70 1.13
N ARG C 53 -12.06 12.76 1.89
CA ARG C 53 -10.75 13.48 1.87
C ARG C 53 -9.66 12.53 2.36
N GLN C 54 -9.92 11.80 3.46
CA GLN C 54 -8.97 10.85 4.10
C GLN C 54 -8.67 9.70 3.13
N ALA C 55 -9.69 9.17 2.45
CA ALA C 55 -9.53 8.06 1.48
C ALA C 55 -8.70 8.51 0.27
N THR C 56 -8.84 9.77 -0.15
CA THR C 56 -8.17 10.29 -1.37
C THR C 56 -6.97 11.18 -1.01
N GLU C 57 -6.48 11.16 0.24
CA GLU C 57 -5.40 12.07 0.73
C GLU C 57 -4.14 11.87 -0.12
N SER C 58 -3.86 10.64 -0.54
CA SER C 58 -2.66 10.22 -1.32
C SER C 58 -2.70 10.81 -2.74
N VAL C 59 -3.85 11.31 -3.17
CA VAL C 59 -4.11 11.76 -4.57
C VAL C 59 -4.71 13.15 -4.47
N PRO C 60 -3.93 14.18 -4.05
CA PRO C 60 -4.47 15.50 -3.80
C PRO C 60 -5.14 16.06 -5.07
N THR C 61 -6.45 16.30 -4.99
CA THR C 61 -7.32 16.95 -5.98
C THR C 61 -7.99 18.12 -5.25
N GLU C 62 -8.54 19.07 -6.00
CA GLU C 62 -9.38 20.19 -5.46
C GLU C 62 -10.77 19.60 -5.16
N ILE C 63 -11.24 19.78 -3.91
CA ILE C 63 -12.55 19.28 -3.43
C ILE C 63 -13.46 20.49 -3.16
N ILE C 64 -14.56 20.57 -3.91
CA ILE C 64 -15.68 21.53 -3.68
C ILE C 64 -16.83 20.74 -3.01
N GLU C 65 -17.34 21.22 -1.88
CA GLU C 65 -18.48 20.60 -1.15
C GLU C 65 -19.75 21.41 -1.46
N LYS C 66 -20.88 20.74 -1.68
CA LYS C 66 -22.20 21.41 -1.89
C LYS C 66 -23.26 20.60 -1.13
N GLN C 67 -24.07 21.29 -0.31
CA GLN C 67 -25.13 20.65 0.50
C GLN C 67 -26.39 20.52 -0.36
N VAL C 68 -27.06 19.37 -0.29
CA VAL C 68 -28.40 19.16 -0.92
C VAL C 68 -29.25 18.38 0.08
N HIS C 69 -30.56 18.46 -0.06
CA HIS C 69 -31.50 17.63 0.75
C HIS C 69 -31.64 16.27 0.08
N PRO C 70 -31.62 15.16 0.84
CA PRO C 70 -31.71 13.85 0.22
C PRO C 70 -33.01 13.59 -0.57
N TYR C 71 -34.11 14.32 -0.32
CA TYR C 71 -35.44 13.98 -0.85
C TYR C 71 -36.13 15.19 -1.51
N GLN C 72 -35.35 16.07 -2.14
CA GLN C 72 -35.82 17.30 -2.83
C GLN C 72 -35.28 17.29 -4.26
N TYR C 73 -36.11 16.80 -5.19
CA TYR C 73 -35.81 16.66 -6.62
C TYR C 73 -35.33 17.98 -7.22
N ALA C 74 -36.17 19.02 -7.14
CA ALA C 74 -35.99 20.34 -7.77
C ALA C 74 -34.71 21.02 -7.27
N GLN C 75 -34.42 20.93 -5.98
CA GLN C 75 -33.23 21.58 -5.37
C GLN C 75 -31.95 20.91 -5.92
N THR C 76 -31.97 19.59 -6.13
CA THR C 76 -30.79 18.87 -6.65
C THR C 76 -30.61 19.24 -8.13
N GLN C 77 -31.72 19.36 -8.87
CA GLN C 77 -31.73 19.83 -10.28
C GLN C 77 -31.07 21.20 -10.39
N ARG C 78 -31.35 22.10 -9.45
CA ARG C 78 -30.81 23.49 -9.46
C ARG C 78 -29.29 23.45 -9.23
N ILE C 79 -28.82 22.61 -8.30
CA ILE C 79 -27.36 22.54 -7.97
C ILE C 79 -26.60 21.99 -9.19
N CYS C 80 -27.16 20.97 -9.85
CA CYS C 80 -26.53 20.35 -11.05
C CYS C 80 -26.52 21.36 -12.21
N ASP C 81 -27.61 22.10 -12.42
CA ASP C 81 -27.68 23.23 -13.39
C ASP C 81 -26.52 24.21 -13.11
N GLU C 82 -26.32 24.62 -11.85
CA GLU C 82 -25.25 25.60 -11.48
C GLU C 82 -23.88 24.99 -11.82
N ILE C 83 -23.66 23.70 -11.51
CA ILE C 83 -22.36 23.00 -11.72
C ILE C 83 -22.03 22.95 -13.23
N LEU C 84 -23.05 22.67 -14.05
CA LEU C 84 -22.91 22.51 -15.53
C LEU C 84 -22.66 23.87 -16.21
N GLU C 85 -23.18 24.96 -15.64
CA GLU C 85 -22.86 26.35 -16.07
C GLU C 85 -21.37 26.63 -15.85
N GLN C 86 -20.84 26.32 -14.67
CA GLN C 86 -19.47 26.66 -14.22
C GLN C 86 -18.43 25.66 -14.78
N PHE C 87 -18.80 24.38 -14.98
CA PHE C 87 -17.81 23.34 -15.38
C PHE C 87 -18.20 22.59 -16.65
N PRO C 88 -17.63 22.96 -17.82
CA PRO C 88 -18.01 22.38 -19.10
C PRO C 88 -17.68 20.90 -19.30
N ASN C 89 -16.60 20.39 -18.69
CA ASN C 89 -16.17 18.96 -18.88
C ASN C 89 -16.64 18.13 -17.70
N ALA C 90 -17.71 18.53 -16.99
CA ALA C 90 -18.13 17.85 -15.74
C ALA C 90 -18.65 16.46 -16.11
N ILE C 91 -18.31 15.46 -15.30
CA ILE C 91 -18.80 14.06 -15.45
C ILE C 91 -19.53 13.73 -14.14
N LEU C 92 -20.67 13.05 -14.23
CA LEU C 92 -21.49 12.64 -13.07
C LEU C 92 -21.24 11.16 -12.81
N ASN C 93 -20.88 10.85 -11.56
CA ASN C 93 -20.94 9.50 -10.96
C ASN C 93 -22.31 9.42 -10.27
N VAL C 94 -23.23 8.65 -10.83
CA VAL C 94 -24.65 8.58 -10.39
C VAL C 94 -24.83 7.37 -9.45
N THR C 95 -23.74 6.73 -9.00
CA THR C 95 -23.79 5.47 -8.18
C THR C 95 -24.21 5.81 -6.74
N GLY C 96 -23.74 6.93 -6.21
CA GLY C 96 -24.06 7.35 -4.84
C GLY C 96 -25.46 7.94 -4.72
N GLY C 97 -25.89 8.18 -3.49
CA GLY C 97 -27.00 9.08 -3.13
C GLY C 97 -28.33 8.35 -3.07
N THR C 98 -29.39 9.06 -2.72
CA THR C 98 -30.77 8.51 -2.78
C THR C 98 -31.13 8.37 -4.25
N LYS C 99 -32.21 7.68 -4.55
CA LYS C 99 -32.73 7.67 -5.94
C LYS C 99 -33.21 9.08 -6.32
N ILE C 100 -33.71 9.89 -5.39
CA ILE C 100 -34.17 11.28 -5.71
C ILE C 100 -32.94 12.07 -6.16
N MSE C 101 -31.85 12.04 -5.39
CA MSE C 101 -30.63 12.74 -5.76
C MSE C 101 -30.17 12.30 -7.14
O MSE C 101 -29.89 13.11 -8.01
CB MSE C 101 -29.55 12.49 -4.70
CG MSE C 101 -29.84 13.12 -3.31
SE MSE C 101 -28.59 12.49 -1.92
CE MSE C 101 -26.84 13.06 -2.58
N ALA C 102 -30.08 10.99 -7.33
CA ALA C 102 -29.56 10.41 -8.55
C ALA C 102 -30.48 10.71 -9.73
N LEU C 103 -31.80 10.58 -9.59
CA LEU C 103 -32.75 10.91 -10.69
C LEU C 103 -32.59 12.38 -11.12
N ALA C 104 -32.50 13.29 -10.15
CA ALA C 104 -32.38 14.75 -10.38
C ALA C 104 -31.13 15.04 -11.21
N ALA C 105 -29.99 14.50 -10.77
CA ALA C 105 -28.66 14.79 -11.34
C ALA C 105 -28.56 14.15 -12.73
N PHE C 106 -28.99 12.89 -12.86
CA PHE C 106 -29.05 12.19 -14.17
C PHE C 106 -29.78 13.09 -15.18
N ASP C 107 -31.00 13.53 -14.82
CA ASP C 107 -31.87 14.35 -15.69
C ASP C 107 -31.13 15.56 -16.28
N ARG C 108 -30.41 16.32 -15.46
CA ARG C 108 -29.73 17.58 -15.90
C ARG C 108 -28.48 17.24 -16.71
N PHE C 109 -27.75 16.18 -16.34
CA PHE C 109 -26.52 15.75 -17.06
C PHE C 109 -26.91 15.15 -18.42
N ARG C 110 -28.04 14.43 -18.48
CA ARG C 110 -28.56 13.89 -19.77
C ARG C 110 -28.96 15.06 -20.68
N HIS C 111 -29.74 16.00 -20.16
CA HIS C 111 -30.23 17.18 -20.92
C HIS C 111 -29.04 17.94 -21.53
N ASN C 112 -27.90 18.01 -20.84
CA ASN C 112 -26.69 18.74 -21.29
C ASN C 112 -25.70 17.81 -22.01
N HIS C 113 -26.14 16.61 -22.44
CA HIS C 113 -25.31 15.62 -23.19
C HIS C 113 -23.93 15.45 -22.53
N ARG C 114 -23.88 15.36 -21.19
CA ARG C 114 -22.64 15.10 -20.43
C ARG C 114 -22.50 13.61 -20.12
N PRO C 115 -21.27 13.13 -19.95
CA PRO C 115 -20.98 11.77 -19.52
C PRO C 115 -21.52 11.46 -18.12
N ILE C 116 -22.07 10.26 -17.99
CA ILE C 116 -22.58 9.72 -16.71
C ILE C 116 -22.09 8.29 -16.54
N ILE C 117 -21.40 8.05 -15.42
CA ILE C 117 -20.82 6.71 -15.09
C ILE C 117 -21.56 6.11 -13.91
N TYR C 118 -21.59 4.78 -13.87
CA TYR C 118 -22.18 4.00 -12.75
C TYR C 118 -21.22 2.83 -12.51
N VAL C 119 -20.83 2.61 -11.24
CA VAL C 119 -19.86 1.56 -10.86
C VAL C 119 -20.64 0.30 -10.46
N ASP C 120 -20.48 -0.77 -11.22
CA ASP C 120 -21.12 -2.10 -10.98
C ASP C 120 -20.07 -3.00 -10.35
N SER C 121 -20.11 -3.22 -9.04
CA SER C 121 -19.11 -4.04 -8.31
C SER C 121 -19.36 -5.54 -8.56
N ASP C 122 -20.57 -5.92 -8.99
CA ASP C 122 -20.91 -7.33 -9.35
C ASP C 122 -20.03 -7.78 -10.51
N SER C 123 -20.05 -7.06 -11.64
CA SER C 123 -19.28 -7.36 -12.87
C SER C 123 -17.92 -6.64 -12.89
N GLN C 124 -17.63 -5.81 -11.88
CA GLN C 124 -16.38 -5.03 -11.77
C GLN C 124 -16.21 -4.15 -13.01
N ARG C 125 -17.26 -3.43 -13.40
CA ARG C 125 -17.25 -2.56 -14.60
C ARG C 125 -17.75 -1.16 -14.24
N ILE C 126 -17.20 -0.15 -14.92
CA ILE C 126 -17.81 1.20 -15.06
C ILE C 126 -18.75 1.16 -16.26
N LEU C 127 -20.05 1.40 -16.03
CA LEU C 127 -21.03 1.56 -17.13
C LEU C 127 -21.07 3.05 -17.51
N TYR C 128 -20.93 3.36 -18.79
CA TYR C 128 -21.14 4.72 -19.35
C TYR C 128 -22.60 4.80 -19.81
N LEU C 129 -23.45 5.42 -19.00
CA LEU C 129 -24.92 5.40 -19.19
C LEU C 129 -25.31 6.30 -20.36
N HIS C 130 -24.47 7.28 -20.73
CA HIS C 130 -24.73 8.18 -21.88
C HIS C 130 -24.62 7.41 -23.22
N ASN C 131 -23.73 6.42 -23.33
CA ASN C 131 -23.25 5.76 -24.57
C ASN C 131 -23.64 4.27 -24.65
N GLY C 132 -23.94 3.62 -23.53
CA GLY C 132 -24.09 2.15 -23.45
C GLY C 132 -22.75 1.41 -23.48
N GLU C 133 -21.62 2.13 -23.47
CA GLU C 133 -20.27 1.52 -23.41
C GLU C 133 -19.98 1.07 -21.98
N SER C 134 -18.86 0.39 -21.76
CA SER C 134 -18.39 -0.01 -20.42
C SER C 134 -16.89 -0.30 -20.46
N GLU C 135 -16.27 -0.33 -19.28
CA GLU C 135 -14.80 -0.48 -19.10
C GLU C 135 -14.61 -1.36 -17.86
N ARG C 136 -13.62 -2.24 -17.86
CA ARG C 136 -13.23 -3.02 -16.66
C ARG C 136 -12.69 -2.01 -15.65
N LEU C 137 -13.02 -2.17 -14.36
CA LEU C 137 -12.34 -1.49 -13.24
C LEU C 137 -10.90 -2.03 -13.13
N GLY C 138 -9.96 -1.20 -12.68
CA GLY C 138 -8.64 -1.69 -12.22
C GLY C 138 -8.72 -2.17 -10.78
N ASP C 139 -7.59 -2.18 -10.07
CA ASP C 139 -7.52 -2.53 -8.63
C ASP C 139 -6.63 -1.49 -7.95
N PRO C 140 -7.04 -0.21 -7.96
CA PRO C 140 -6.20 0.89 -7.47
C PRO C 140 -6.11 1.00 -5.95
N LEU C 141 -7.11 0.46 -5.24
CA LEU C 141 -7.26 0.68 -3.77
C LEU C 141 -6.16 -0.04 -2.99
N THR C 142 -5.71 0.57 -1.91
CA THR C 142 -5.01 -0.09 -0.77
C THR C 142 -6.05 -0.39 0.32
N VAL C 143 -5.68 -1.21 1.31
CA VAL C 143 -6.53 -1.50 2.50
C VAL C 143 -6.68 -0.23 3.34
N LYS C 144 -5.64 0.59 3.45
CA LYS C 144 -5.73 1.89 4.19
C LYS C 144 -6.90 2.73 3.64
N GLN C 145 -6.97 2.88 2.32
CA GLN C 145 -7.98 3.72 1.62
C GLN C 145 -9.37 3.09 1.82
N TYR C 146 -9.44 1.78 1.69
CA TYR C 146 -10.73 1.04 1.79
C TYR C 146 -11.30 1.32 3.19
N LEU C 147 -10.52 1.06 4.23
CA LEU C 147 -10.92 1.27 5.65
C LEU C 147 -11.33 2.73 5.89
N ALA C 148 -10.61 3.69 5.31
CA ALA C 148 -10.90 5.14 5.45
C ALA C 148 -12.34 5.44 4.98
N CYS C 149 -12.83 4.78 3.93
CA CYS C 149 -14.20 5.00 3.41
C CYS C 149 -15.24 4.66 4.47
N TYR C 150 -14.91 3.79 5.45
CA TYR C 150 -15.82 3.34 6.53
C TYR C 150 -15.40 3.95 7.87
N GLY C 151 -14.51 4.94 7.85
CA GLY C 151 -14.13 5.70 9.05
C GLY C 151 -13.09 4.99 9.89
N PHE C 152 -12.43 3.94 9.38
CA PHE C 152 -11.47 3.12 10.15
C PHE C 152 -10.03 3.45 9.75
N LYS C 153 -9.13 3.39 10.74
CA LYS C 153 -7.65 3.48 10.55
C LYS C 153 -7.04 2.26 11.24
N ALA C 154 -5.83 1.85 10.86
CA ALA C 154 -5.01 0.80 11.53
C ALA C 154 -4.24 1.40 12.71
N ASP C 155 -4.24 0.70 13.86
CA ASP C 155 -3.47 1.05 15.09
C ASP C 155 -2.13 0.30 15.06
N ASN C 156 -2.15 -1.03 15.14
CA ASN C 156 -0.99 -1.94 14.93
C ASN C 156 -1.28 -2.84 13.73
N ILE C 157 -0.30 -3.06 12.84
CA ILE C 157 -0.51 -3.74 11.52
C ILE C 157 0.36 -5.01 11.43
N THR C 166 9.36 -22.22 12.77
CA THR C 166 10.18 -23.08 13.66
C THR C 166 9.46 -24.40 13.97
N TRP C 167 8.12 -24.39 14.05
CA TRP C 167 7.25 -25.60 14.21
C TRP C 167 6.33 -25.77 12.99
N ARG C 168 6.77 -25.28 11.84
CA ARG C 168 5.99 -25.31 10.58
C ARG C 168 5.65 -26.75 10.20
N GLU C 169 6.56 -27.70 10.41
CA GLU C 169 6.33 -29.15 10.16
C GLU C 169 5.14 -29.64 10.99
N VAL C 170 5.02 -29.18 12.24
CA VAL C 170 3.93 -29.63 13.19
C VAL C 170 2.60 -29.08 12.66
N GLU C 171 2.62 -27.81 12.27
CA GLU C 171 1.48 -27.06 11.68
C GLU C 171 0.89 -27.86 10.51
N ASP C 172 1.73 -28.28 9.54
CA ASP C 172 1.31 -29.08 8.37
C ASP C 172 0.76 -30.44 8.80
N LEU C 173 1.38 -31.11 9.77
CA LEU C 173 0.90 -32.44 10.28
C LEU C 173 -0.47 -32.30 10.97
N PHE C 174 -0.68 -31.22 11.75
CA PHE C 174 -1.98 -30.90 12.41
C PHE C 174 -3.08 -30.69 11.37
N ALA C 175 -2.76 -29.92 10.32
CA ALA C 175 -3.69 -29.60 9.20
C ALA C 175 -4.05 -30.89 8.45
N GLN C 176 -3.06 -31.71 8.12
CA GLN C 176 -3.24 -32.99 7.36
C GLN C 176 -3.99 -34.01 8.23
N ASN C 177 -3.82 -33.99 9.55
CA ASN C 177 -4.41 -34.98 10.50
C ASN C 177 -5.61 -34.41 11.29
N SER C 178 -6.18 -33.29 10.83
CA SER C 178 -7.17 -32.51 11.59
C SER C 178 -8.36 -33.40 11.95
N THR C 179 -8.77 -34.32 11.08
CA THR C 179 -9.93 -35.21 11.31
C THR C 179 -9.64 -36.12 12.51
N LYS C 180 -8.50 -36.84 12.47
CA LYS C 180 -8.19 -37.90 13.46
C LYS C 180 -7.69 -37.27 14.78
N TRP C 181 -7.16 -36.03 14.78
CA TRP C 181 -6.64 -35.36 16.01
C TRP C 181 -7.59 -34.23 16.49
N GLN C 182 -8.79 -34.18 15.90
CA GLN C 182 -9.81 -33.12 16.07
C GLN C 182 -9.98 -32.77 17.55
N ASN C 183 -10.38 -33.76 18.34
CA ASN C 183 -10.78 -33.61 19.76
C ASN C 183 -9.55 -33.28 20.61
N GLN C 184 -8.41 -33.95 20.36
CA GLN C 184 -7.20 -33.75 21.18
C GLN C 184 -6.72 -32.30 20.98
N LEU C 185 -6.69 -31.82 19.74
CA LEU C 185 -6.21 -30.45 19.41
C LEU C 185 -7.20 -29.40 19.95
N GLY C 186 -8.51 -29.65 19.83
CA GLY C 186 -9.53 -28.78 20.42
C GLY C 186 -9.35 -28.61 21.92
N ARG C 187 -9.18 -29.73 22.61
CA ARG C 187 -8.96 -29.82 24.07
C ARG C 187 -7.67 -29.08 24.45
N LEU C 188 -6.57 -29.29 23.71
CA LEU C 188 -5.29 -28.58 23.99
C LEU C 188 -5.47 -27.07 23.79
N ASN C 189 -6.27 -26.65 22.79
CA ASN C 189 -6.58 -25.22 22.50
C ASN C 189 -7.21 -24.61 23.77
N TRP C 190 -8.16 -25.31 24.36
CA TRP C 190 -8.90 -24.88 25.58
C TRP C 190 -7.90 -24.68 26.73
N ILE C 191 -7.13 -25.73 27.03
CA ILE C 191 -6.08 -25.72 28.09
C ILE C 191 -5.17 -24.52 27.90
N ALA C 192 -4.71 -24.29 26.67
CA ALA C 192 -3.75 -23.21 26.34
C ALA C 192 -4.45 -21.87 26.55
N ALA C 193 -5.74 -21.78 26.17
CA ALA C 193 -6.56 -20.55 26.27
C ALA C 193 -6.75 -20.17 27.75
N GLN C 194 -7.02 -21.14 28.61
CA GLN C 194 -7.23 -20.93 30.07
C GLN C 194 -5.90 -20.70 30.79
N GLN C 195 -4.77 -20.88 30.12
CA GLN C 195 -3.39 -20.78 30.68
C GLN C 195 -3.26 -21.74 31.88
N GLN C 196 -3.93 -22.89 31.83
CA GLN C 196 -3.81 -24.00 32.83
C GLN C 196 -2.39 -24.56 32.76
N PRO C 197 -1.55 -24.36 33.80
CA PRO C 197 -0.12 -24.64 33.71
C PRO C 197 0.27 -26.12 33.54
N ILE C 198 -0.43 -27.05 34.19
CA ILE C 198 -0.14 -28.52 34.12
C ILE C 198 -1.39 -29.25 33.63
N PHE C 199 -1.23 -30.21 32.71
CA PHE C 199 -2.37 -30.91 32.04
C PHE C 199 -1.97 -32.35 31.73
N THR C 200 -2.97 -33.21 31.55
CA THR C 200 -2.84 -34.62 31.10
C THR C 200 -3.04 -34.67 29.58
N LEU C 201 -2.53 -35.72 28.95
CA LEU C 201 -2.65 -36.00 27.50
C LEU C 201 -2.56 -37.51 27.30
N GLN C 202 -3.56 -38.13 26.66
CA GLN C 202 -3.55 -39.56 26.23
C GLN C 202 -2.20 -39.86 25.54
N THR C 203 -1.67 -41.07 25.75
CA THR C 203 -0.50 -41.62 25.02
C THR C 203 -0.88 -41.78 23.54
N GLY C 204 0.08 -41.61 22.62
CA GLY C 204 -0.11 -41.88 21.18
C GLY C 204 0.72 -40.96 20.30
N GLU C 205 0.46 -40.97 18.98
CA GLU C 205 1.22 -40.21 17.96
C GLU C 205 1.30 -38.72 18.36
N LEU C 206 0.20 -38.14 18.85
CA LEU C 206 0.13 -36.67 19.11
C LEU C 206 1.07 -36.29 20.27
N GLN C 207 1.04 -37.06 21.36
CA GLN C 207 1.90 -36.81 22.55
C GLN C 207 3.38 -36.93 22.16
N ASP C 208 3.73 -37.98 21.40
CA ASP C 208 5.11 -38.22 20.89
C ASP C 208 5.54 -37.01 20.07
N LEU C 209 4.66 -36.55 19.17
CA LEU C 209 4.94 -35.43 18.24
C LEU C 209 5.25 -34.15 19.04
N LEU C 210 4.39 -33.81 20.00
CA LEU C 210 4.53 -32.57 20.82
C LEU C 210 5.80 -32.66 21.68
N LEU C 211 6.10 -33.84 22.23
CA LEU C 211 7.35 -34.07 23.01
C LEU C 211 8.58 -33.89 22.10
N LYS C 212 8.59 -34.55 20.92
CA LYS C 212 9.70 -34.50 19.93
C LYS C 212 9.91 -33.08 19.40
N ALA C 213 8.80 -32.35 19.15
CA ALA C 213 8.81 -30.95 18.65
C ALA C 213 9.20 -29.98 19.78
N ASN C 214 9.23 -30.44 21.03
CA ASN C 214 9.56 -29.63 22.22
CA ASN C 214 9.56 -29.63 22.22
C ASN C 214 8.49 -28.54 22.40
N LEU C 215 7.22 -28.91 22.23
CA LEU C 215 6.06 -28.01 22.49
C LEU C 215 5.56 -28.23 23.93
N ILE C 216 5.59 -29.48 24.39
CA ILE C 216 5.30 -29.87 25.80
C ILE C 216 6.55 -30.56 26.38
N LYS C 217 6.70 -30.50 27.71
CA LYS C 217 7.67 -31.30 28.51
C LYS C 217 6.89 -31.88 29.69
N PRO C 218 7.38 -32.95 30.35
CA PRO C 218 6.70 -33.51 31.52
C PRO C 218 6.78 -32.53 32.70
N ALA C 219 5.79 -32.60 33.61
CA ALA C 219 5.70 -31.79 34.85
C ALA C 219 6.63 -32.35 35.93
N PHE C 226 1.88 -32.90 31.95
CA PHE C 226 2.76 -32.11 31.06
C PHE C 226 2.50 -30.61 31.27
N GLN C 227 3.44 -29.79 30.79
CA GLN C 227 3.31 -28.31 30.72
C GLN C 227 3.84 -27.85 29.36
N PHE C 228 3.46 -26.67 28.90
CA PHE C 228 4.03 -26.06 27.67
C PHE C 228 5.49 -25.70 27.96
N THR C 229 6.36 -25.80 26.96
CA THR C 229 7.82 -25.57 27.09
C THR C 229 8.10 -24.06 27.14
N SER C 230 7.11 -23.23 26.82
CA SER C 230 7.25 -21.75 26.73
C SER C 230 5.89 -21.12 26.48
N ASP C 231 5.79 -19.79 26.60
CA ASP C 231 4.58 -19.03 26.22
C ASP C 231 4.37 -19.15 24.70
N GLN C 232 5.45 -19.15 23.91
CA GLN C 232 5.39 -19.25 22.43
C GLN C 232 4.71 -20.59 22.07
N ALA C 233 5.11 -21.68 22.73
CA ALA C 233 4.54 -23.03 22.55
C ALA C 233 3.05 -23.01 22.90
N ARG C 234 2.68 -22.33 23.98
CA ARG C 234 1.25 -22.21 24.43
C ARG C 234 0.46 -21.49 23.33
N GLN C 235 0.95 -20.34 22.87
CA GLN C 235 0.30 -19.53 21.81
CA GLN C 235 0.27 -19.54 21.82
C GLN C 235 0.06 -20.39 20.57
N PHE C 236 1.07 -21.17 20.16
CA PHE C 236 1.03 -22.09 19.00
C PHE C 236 -0.11 -23.10 19.19
N ILE C 237 -0.28 -23.64 20.37
CA ILE C 237 -1.34 -24.68 20.64
C ILE C 237 -2.70 -23.99 20.79
N ASN C 238 -2.69 -22.71 21.20
CA ASN C 238 -3.88 -21.84 21.34
C ASN C 238 -4.35 -21.35 19.96
N GLY C 239 -4.54 -22.29 19.02
CA GLY C 239 -4.98 -22.04 17.65
C GLY C 239 -3.96 -21.27 16.82
N GLY C 240 -2.80 -20.90 17.38
CA GLY C 240 -1.78 -20.13 16.64
C GLY C 240 -1.30 -20.90 15.43
N TRP C 241 -1.10 -22.22 15.57
CA TRP C 241 -0.70 -23.08 14.44
C TRP C 241 -1.64 -22.89 13.24
N PHE C 242 -2.95 -22.81 13.48
CA PHE C 242 -3.94 -22.75 12.37
C PHE C 242 -3.97 -21.36 11.77
N GLU C 243 -3.78 -20.31 12.56
CA GLU C 243 -3.68 -18.92 12.09
C GLU C 243 -2.49 -18.85 11.12
N HIS C 244 -1.37 -19.47 11.45
CA HIS C 244 -0.16 -19.43 10.59
C HIS C 244 -0.42 -20.29 9.36
N TYR C 245 -1.11 -21.41 9.51
CA TYR C 245 -1.44 -22.27 8.35
C TYR C 245 -2.18 -21.44 7.29
N VAL C 246 -3.25 -20.76 7.72
CA VAL C 246 -4.12 -19.93 6.83
C VAL C 246 -3.25 -18.82 6.19
N TYR C 247 -2.48 -18.11 6.99
CA TYR C 247 -1.71 -16.94 6.49
C TYR C 247 -0.68 -17.44 5.48
N SER C 248 -0.06 -18.58 5.74
CA SER C 248 0.98 -19.19 4.88
C SER C 248 0.37 -19.66 3.55
N LEU C 249 -0.85 -20.19 3.53
CA LEU C 249 -1.55 -20.47 2.25
C LEU C 249 -1.71 -19.17 1.45
N LEU C 250 -2.04 -18.07 2.10
CA LEU C 250 -2.29 -16.79 1.38
C LEU C 250 -0.97 -16.20 0.86
N ARG C 251 0.15 -16.41 1.55
CA ARG C 251 1.50 -16.02 1.04
C ARG C 251 1.84 -16.85 -0.20
N GLN C 252 1.59 -18.17 -0.19
CA GLN C 252 1.77 -19.03 -1.38
C GLN C 252 0.92 -18.48 -2.52
N ILE C 253 -0.39 -18.34 -2.30
CA ILE C 253 -1.34 -17.86 -3.34
C ILE C 253 -0.90 -16.46 -3.86
N SER C 254 -0.43 -15.58 -2.99
CA SER C 254 0.07 -14.22 -3.38
C SER C 254 1.12 -14.31 -4.48
N ALA C 255 1.84 -15.44 -4.58
CA ALA C 255 2.97 -15.57 -5.52
C ALA C 255 2.39 -15.63 -6.94
N GLN C 256 1.09 -15.97 -7.11
CA GLN C 256 0.45 -16.07 -8.45
C GLN C 256 -0.73 -15.11 -8.62
N TYR C 257 -1.45 -14.77 -7.55
CA TYR C 257 -2.59 -13.83 -7.64
C TYR C 257 -2.21 -12.54 -6.91
N PRO C 258 -2.53 -11.37 -7.50
CA PRO C 258 -2.17 -10.08 -6.91
C PRO C 258 -3.08 -9.65 -5.74
N ILE C 259 -3.10 -10.45 -4.66
CA ILE C 259 -3.67 -10.10 -3.33
C ILE C 259 -2.89 -8.88 -2.80
N LYS C 260 -3.58 -7.83 -2.35
CA LYS C 260 -2.92 -6.55 -1.96
C LYS C 260 -3.03 -6.37 -0.45
N ASN C 261 -1.90 -5.98 0.17
CA ASN C 261 -1.84 -5.52 1.57
C ASN C 261 -2.27 -6.65 2.49
N LEU C 262 -1.87 -7.89 2.19
CA LEU C 262 -2.10 -9.07 3.06
C LEU C 262 -1.51 -8.80 4.45
N THR C 263 -2.35 -8.81 5.49
CA THR C 263 -1.96 -8.51 6.87
C THR C 263 -2.61 -9.53 7.81
N LYS C 264 -1.88 -9.89 8.87
CA LYS C 264 -2.34 -10.78 9.97
C LYS C 264 -2.51 -9.92 11.22
N ASN C 265 -3.50 -10.23 12.06
CA ASN C 265 -3.75 -9.59 13.39
C ASN C 265 -3.72 -8.06 13.27
N ILE C 266 -4.57 -7.50 12.42
CA ILE C 266 -4.67 -6.02 12.25
C ILE C 266 -5.63 -5.51 13.33
N GLU C 267 -5.30 -4.39 13.95
CA GLU C 267 -6.16 -3.67 14.91
C GLU C 267 -6.68 -2.42 14.19
N ILE C 268 -7.99 -2.30 14.00
CA ILE C 268 -8.61 -1.11 13.35
C ILE C 268 -9.53 -0.39 14.35
N SER C 269 -9.55 0.93 14.29
CA SER C 269 -10.40 1.79 15.17
C SER C 269 -11.12 2.82 14.30
N ASN C 270 -12.31 3.26 14.74
CA ASN C 270 -12.91 4.55 14.30
C ASN C 270 -12.85 5.48 15.53
N ASP C 271 -13.73 6.49 15.62
CA ASP C 271 -13.75 7.44 16.77
C ASP C 271 -14.08 6.70 18.08
N SER C 272 -14.90 5.64 18.02
CA SER C 272 -15.57 5.05 19.22
C SER C 272 -15.13 3.60 19.52
N VAL C 273 -14.88 2.73 18.53
CA VAL C 273 -14.64 1.27 18.78
C VAL C 273 -13.32 0.81 18.13
N SER C 274 -12.76 -0.28 18.64
CA SER C 274 -11.65 -1.02 17.99
C SER C 274 -12.09 -2.46 17.69
N ASN C 275 -11.67 -2.97 16.54
CA ASN C 275 -11.85 -4.37 16.09
C ASN C 275 -10.50 -4.97 15.76
N GLU C 276 -10.25 -6.19 16.23
CA GLU C 276 -9.10 -7.04 15.85
C GLU C 276 -9.59 -8.00 14.76
N LEU C 277 -8.84 -8.10 13.66
CA LEU C 277 -9.16 -8.96 12.49
C LEU C 277 -7.99 -9.89 12.22
N ASP C 278 -8.28 -11.18 12.03
CA ASP C 278 -7.25 -12.24 11.98
C ASP C 278 -6.40 -12.08 10.72
N VAL C 279 -7.02 -12.07 9.54
CA VAL C 279 -6.31 -11.97 8.23
C VAL C 279 -7.16 -11.12 7.30
N VAL C 280 -6.56 -10.12 6.66
CA VAL C 280 -7.25 -9.18 5.72
C VAL C 280 -6.35 -9.00 4.52
N PHE C 281 -6.96 -8.88 3.36
CA PHE C 281 -6.34 -8.44 2.09
C PHE C 281 -7.42 -7.79 1.24
N LEU C 282 -6.95 -7.08 0.22
CA LEU C 282 -7.76 -6.53 -0.88
C LEU C 282 -7.53 -7.39 -2.11
N TYR C 283 -8.59 -7.60 -2.88
CA TYR C 283 -8.53 -8.28 -4.19
C TYR C 283 -9.74 -7.88 -5.01
N HIS C 284 -9.53 -7.29 -6.21
CA HIS C 284 -10.60 -6.82 -7.10
C HIS C 284 -11.51 -5.85 -6.33
N ASN C 285 -10.88 -4.91 -5.63
CA ASN C 285 -11.57 -3.76 -4.96
C ASN C 285 -12.44 -4.22 -3.81
N LYS C 286 -12.30 -5.47 -3.32
CA LYS C 286 -13.12 -5.98 -2.20
C LYS C 286 -12.20 -6.33 -1.05
N LEU C 287 -12.55 -5.87 0.16
CA LEU C 287 -11.83 -6.28 1.38
C LEU C 287 -12.28 -7.70 1.71
N HIS C 288 -11.32 -8.56 1.93
CA HIS C 288 -11.50 -9.98 2.32
C HIS C 288 -11.04 -10.10 3.76
N VAL C 289 -11.91 -10.59 4.63
CA VAL C 289 -11.63 -10.78 6.08
C VAL C 289 -11.79 -12.29 6.37
N ILE C 290 -10.76 -12.91 6.95
CA ILE C 290 -10.82 -14.33 7.42
C ILE C 290 -10.76 -14.31 8.94
N GLU C 291 -11.74 -14.97 9.58
CA GLU C 291 -11.72 -15.34 11.01
C GLU C 291 -11.17 -16.77 11.12
N CYS C 292 -10.00 -16.94 11.73
CA CYS C 292 -9.34 -18.27 11.91
C CYS C 292 -8.79 -18.46 13.33
N LYS C 293 -8.86 -17.44 14.22
CA LYS C 293 -8.59 -17.59 15.66
C LYS C 293 -9.67 -18.48 16.29
N THR C 294 -9.24 -19.47 17.10
CA THR C 294 -10.11 -20.35 17.93
C THR C 294 -10.01 -19.89 19.39
N ARG C 295 -10.95 -19.08 19.87
CA ARG C 295 -10.88 -18.42 21.21
C ARG C 295 -12.26 -18.26 21.88
N HIS C 296 -13.33 -18.83 21.33
CA HIS C 296 -14.68 -18.86 21.96
C HIS C 296 -14.99 -20.31 22.34
N PHE C 297 -14.94 -20.61 23.64
CA PHE C 297 -15.24 -21.94 24.24
C PHE C 297 -16.41 -21.78 25.23
N THR C 298 -17.09 -22.89 25.52
CA THR C 298 -18.10 -23.01 26.61
C THR C 298 -17.37 -23.22 27.93
N ALA C 299 -18.10 -23.37 29.04
CA ALA C 299 -17.56 -23.74 30.37
C ALA C 299 -17.08 -25.21 30.35
N ASP C 300 -17.72 -26.05 29.54
CA ASP C 300 -17.46 -27.52 29.39
C ASP C 300 -16.28 -27.78 28.44
N GLY C 301 -15.71 -26.73 27.83
CA GLY C 301 -14.46 -26.80 27.05
C GLY C 301 -14.66 -27.00 25.56
N LYS C 302 -15.89 -27.29 25.12
CA LYS C 302 -16.25 -27.42 23.67
C LYS C 302 -16.07 -26.06 22.98
N ILE C 303 -15.63 -26.06 21.72
CA ILE C 303 -15.47 -24.86 20.85
C ILE C 303 -16.87 -24.40 20.44
N ASN C 304 -17.12 -23.08 20.46
CA ASN C 304 -18.46 -22.48 20.26
C ASN C 304 -18.45 -21.56 19.05
N PRO C 305 -18.77 -22.06 17.82
CA PRO C 305 -18.69 -21.24 16.63
C PRO C 305 -19.80 -20.20 16.48
N MSE C 306 -20.94 -20.40 17.17
CA MSE C 306 -22.06 -19.49 17.01
C MSE C 306 -21.70 -18.06 17.45
O MSE C 306 -22.01 -17.10 16.74
CB MSE C 306 -23.30 -20.01 17.74
CG MSE C 306 -24.01 -21.12 16.97
SE MSE C 306 -24.75 -20.52 15.23
CE MSE C 306 -26.50 -21.42 14.99
N GLU C 307 -21.01 -17.92 18.60
CA GLU C 307 -20.60 -16.59 19.04
C GLU C 307 -19.70 -15.95 17.97
N THR C 308 -18.84 -16.73 17.31
CA THR C 308 -17.88 -16.25 16.29
C THR C 308 -18.65 -15.78 15.04
N ILE C 309 -19.67 -16.52 14.64
CA ILE C 309 -20.47 -16.16 13.43
C ILE C 309 -21.12 -14.80 13.61
N TYR C 310 -21.70 -14.52 14.78
CA TYR C 310 -22.40 -13.24 15.09
C TYR C 310 -21.40 -12.10 15.02
N LYS C 311 -20.21 -12.31 15.58
CA LYS C 311 -19.14 -11.29 15.58
C LYS C 311 -18.72 -11.02 14.12
N ILE C 312 -18.43 -12.07 13.35
CA ILE C 312 -18.03 -11.95 11.90
C ILE C 312 -19.10 -11.15 11.18
N ASP C 313 -20.36 -11.55 11.32
CA ASP C 313 -21.47 -10.86 10.62
C ASP C 313 -21.48 -9.36 11.00
N SER C 314 -21.46 -9.05 12.29
CA SER C 314 -21.59 -7.65 12.82
C SER C 314 -20.38 -6.81 12.35
N VAL C 315 -19.16 -7.27 12.64
CA VAL C 315 -17.94 -6.44 12.44
C VAL C 315 -17.66 -6.28 10.93
N THR C 316 -17.73 -7.35 10.15
CA THR C 316 -17.33 -7.32 8.71
C THR C 316 -18.27 -6.43 7.93
N ASN C 317 -19.55 -6.39 8.31
CA ASN C 317 -20.55 -5.50 7.65
C ASN C 317 -20.19 -4.05 7.94
N ARG C 318 -19.77 -3.73 9.16
CA ARG C 318 -19.41 -2.33 9.54
C ARG C 318 -18.05 -1.94 8.93
N VAL C 319 -17.08 -2.85 8.84
CA VAL C 319 -15.67 -2.51 8.49
C VAL C 319 -15.49 -2.56 6.96
N ALA C 320 -16.15 -3.51 6.30
CA ALA C 320 -15.95 -3.86 4.88
C ALA C 320 -17.17 -3.50 4.03
N GLY C 321 -18.29 -3.13 4.65
CA GLY C 321 -19.52 -2.77 3.94
C GLY C 321 -20.15 -3.98 3.26
N ILE C 322 -21.17 -3.74 2.45
CA ILE C 322 -22.08 -4.79 1.91
C ILE C 322 -21.34 -5.63 0.86
N LYS C 323 -20.35 -5.06 0.15
CA LYS C 323 -19.63 -5.76 -0.95
C LYS C 323 -18.35 -6.42 -0.40
N GLY C 324 -18.02 -6.22 0.88
CA GLY C 324 -16.92 -6.92 1.57
C GLY C 324 -17.17 -8.41 1.63
N LYS C 325 -16.11 -9.22 1.73
CA LYS C 325 -16.21 -10.72 1.73
C LYS C 325 -15.60 -11.27 3.02
N SER C 326 -16.32 -12.16 3.69
CA SER C 326 -15.93 -12.72 4.99
C SER C 326 -15.85 -14.23 4.87
N MSE C 327 -14.86 -14.81 5.55
CA MSE C 327 -14.73 -16.25 5.59
C MSE C 327 -14.51 -16.66 7.04
O MSE C 327 -13.84 -15.96 7.80
CB MSE C 327 -13.58 -16.74 4.73
CG MSE C 327 -13.23 -18.18 4.99
SE MSE C 327 -11.75 -18.67 3.81
CE MSE C 327 -12.14 -20.58 3.74
N PHE C 328 -15.07 -17.83 7.37
CA PHE C 328 -14.80 -18.45 8.66
C PHE C 328 -14.07 -19.76 8.40
N ALA C 329 -12.81 -19.79 8.80
CA ALA C 329 -11.89 -20.93 8.62
C ALA C 329 -11.68 -21.57 9.99
N SER C 330 -11.84 -22.90 10.04
CA SER C 330 -11.78 -23.70 11.28
C SER C 330 -11.05 -25.02 10.99
N TYR C 331 -10.31 -25.54 11.97
CA TYR C 331 -9.77 -26.93 11.93
C TYR C 331 -10.79 -27.91 12.50
N TYR C 332 -11.82 -27.43 13.20
CA TYR C 332 -12.85 -28.26 13.88
C TYR C 332 -14.12 -28.23 13.04
N PRO C 333 -14.81 -29.37 12.86
CA PRO C 333 -16.02 -29.39 12.04
C PRO C 333 -17.09 -28.48 12.65
N LEU C 334 -17.82 -27.75 11.81
CA LEU C 334 -18.99 -26.93 12.20
C LEU C 334 -20.26 -27.82 12.15
N THR C 335 -21.18 -27.62 13.09
CA THR C 335 -22.53 -28.25 13.10
C THR C 335 -23.30 -27.75 11.89
N GLN C 336 -24.39 -28.43 11.50
CA GLN C 336 -25.24 -28.04 10.35
C GLN C 336 -25.84 -26.64 10.60
N ALA C 337 -26.27 -26.34 11.82
CA ALA C 337 -26.89 -25.06 12.21
C ALA C 337 -25.91 -23.90 11.95
N ALA C 338 -24.66 -24.06 12.34
CA ALA C 338 -23.60 -23.03 12.20
C ALA C 338 -23.36 -22.80 10.71
N LYS C 339 -23.35 -23.86 9.90
CA LYS C 339 -23.14 -23.80 8.43
C LYS C 339 -24.34 -23.09 7.79
N LYS C 340 -25.57 -23.38 8.26
CA LYS C 340 -26.80 -22.74 7.73
C LYS C 340 -26.75 -21.23 8.03
N ARG C 341 -26.31 -20.82 9.22
CA ARG C 341 -26.26 -19.38 9.58
C ARG C 341 -25.21 -18.70 8.70
N CYS C 342 -24.05 -19.31 8.50
CA CYS C 342 -22.99 -18.80 7.57
C CYS C 342 -23.55 -18.59 6.17
N LEU C 343 -24.24 -19.59 5.61
CA LEU C 343 -24.88 -19.47 4.27
C LEU C 343 -25.85 -18.29 4.29
N ASN C 344 -26.72 -18.24 5.29
CA ASN C 344 -27.74 -17.16 5.45
C ASN C 344 -27.04 -15.78 5.51
N ASN C 345 -25.83 -15.69 6.08
CA ASN C 345 -25.14 -14.41 6.38
C ASN C 345 -24.09 -14.10 5.29
N SER C 346 -24.05 -14.89 4.22
CA SER C 346 -23.07 -14.83 3.10
C SER C 346 -21.62 -14.92 3.62
N ILE C 347 -21.38 -15.74 4.64
CA ILE C 347 -20.01 -16.00 5.17
C ILE C 347 -19.53 -17.33 4.59
N TYR C 348 -18.47 -17.29 3.79
CA TYR C 348 -17.83 -18.52 3.24
C TYR C 348 -17.26 -19.31 4.42
N VAL C 349 -17.40 -20.63 4.34
CA VAL C 349 -16.98 -21.55 5.45
C VAL C 349 -15.96 -22.57 4.90
N SER C 350 -14.86 -22.75 5.61
CA SER C 350 -13.95 -23.92 5.51
C SER C 350 -13.77 -24.53 6.90
N ASP C 351 -14.20 -25.77 7.08
CA ASP C 351 -13.98 -26.52 8.35
C ASP C 351 -13.10 -27.75 8.11
N GLN C 352 -12.39 -27.79 6.97
CA GLN C 352 -11.54 -28.91 6.48
C GLN C 352 -10.21 -28.33 6.03
N PRO C 353 -9.22 -28.19 6.93
CA PRO C 353 -7.90 -27.66 6.56
C PRO C 353 -7.25 -28.22 5.29
N SER C 354 -7.47 -29.49 4.99
CA SER C 354 -6.96 -30.18 3.77
C SER C 354 -7.46 -29.48 2.51
N GLN C 355 -8.67 -28.88 2.54
CA GLN C 355 -9.32 -28.26 1.36
C GLN C 355 -9.09 -26.73 1.33
N LEU C 356 -8.39 -26.15 2.28
CA LEU C 356 -8.40 -24.68 2.45
C LEU C 356 -7.79 -24.00 1.22
N HIS C 357 -6.67 -24.49 0.71
CA HIS C 357 -5.96 -23.83 -0.43
C HIS C 357 -6.96 -23.71 -1.56
N HIS C 358 -7.60 -24.81 -1.90
CA HIS C 358 -8.60 -24.85 -3.00
C HIS C 358 -9.75 -23.90 -2.73
N GLN C 359 -10.25 -23.88 -1.49
CA GLN C 359 -11.39 -23.02 -1.07
C GLN C 359 -10.98 -21.54 -1.13
N LEU C 360 -9.76 -21.21 -0.76
CA LEU C 360 -9.29 -19.81 -0.79
C LEU C 360 -9.27 -19.34 -2.24
N ILE C 361 -8.78 -20.16 -3.17
CA ILE C 361 -8.72 -19.84 -4.62
C ILE C 361 -10.16 -19.66 -5.13
N LYS C 362 -11.08 -20.56 -4.79
CA LYS C 362 -12.52 -20.45 -5.19
C LYS C 362 -13.09 -19.11 -4.68
N TRP C 363 -12.93 -18.82 -3.40
CA TRP C 363 -13.49 -17.63 -2.70
C TRP C 363 -12.97 -16.35 -3.36
N ILE C 364 -11.66 -16.27 -3.56
CA ILE C 364 -10.96 -15.08 -4.13
C ILE C 364 -11.45 -14.79 -5.55
N ASN C 365 -11.93 -15.79 -6.30
CA ASN C 365 -12.40 -15.66 -7.71
C ASN C 365 -13.93 -15.63 -7.81
N ALA C 366 -14.67 -15.71 -6.71
CA ALA C 366 -16.15 -15.85 -6.71
C ALA C 366 -16.81 -14.57 -6.18
N ARG D 3 -55.12 10.52 -0.66
CA ARG D 3 -54.50 10.89 -1.96
C ARG D 3 -54.15 9.61 -2.73
N LEU D 4 -53.58 8.61 -2.05
CA LEU D 4 -53.16 7.30 -2.63
C LEU D 4 -54.37 6.44 -3.00
N ASP D 5 -55.42 6.45 -2.15
CA ASP D 5 -56.71 5.76 -2.40
C ASP D 5 -57.26 6.25 -3.75
N ASP D 6 -57.21 7.57 -3.97
CA ASP D 6 -57.70 8.28 -5.19
C ASP D 6 -56.89 7.79 -6.41
N LEU D 7 -55.56 7.86 -6.35
CA LEU D 7 -54.66 7.44 -7.46
C LEU D 7 -55.02 6.02 -7.90
N PHE D 8 -55.31 5.10 -6.96
CA PHE D 8 -55.55 3.68 -7.27
C PHE D 8 -57.00 3.45 -7.73
N ILE D 9 -57.86 4.47 -7.78
CA ILE D 9 -59.21 4.38 -8.45
C ILE D 9 -59.00 4.61 -9.95
N ILE D 10 -58.27 5.67 -10.32
CA ILE D 10 -57.98 6.10 -11.71
C ILE D 10 -56.90 5.20 -12.33
N HIS D 11 -55.87 4.83 -11.57
CA HIS D 11 -54.65 4.11 -12.05
C HIS D 11 -54.69 2.66 -11.53
N ASP D 12 -54.96 1.69 -12.41
CA ASP D 12 -55.33 0.29 -12.06
C ASP D 12 -54.10 -0.55 -11.66
N THR D 13 -52.92 -0.19 -12.17
CA THR D 13 -51.72 -1.06 -12.22
C THR D 13 -50.57 -0.38 -11.47
N TYR D 14 -50.05 -1.06 -10.46
CA TYR D 14 -48.92 -0.59 -9.61
C TYR D 14 -47.67 -1.38 -10.00
N VAL D 15 -46.63 -0.66 -10.41
CA VAL D 15 -45.35 -1.29 -10.88
C VAL D 15 -44.30 -1.07 -9.81
N CYS D 16 -43.70 -2.16 -9.30
CA CYS D 16 -42.66 -2.14 -8.24
C CYS D 16 -41.38 -2.80 -8.74
N LEU D 17 -40.23 -2.28 -8.30
CA LEU D 17 -38.89 -2.86 -8.53
C LEU D 17 -38.48 -3.59 -7.25
N LEU D 18 -38.33 -4.91 -7.30
CA LEU D 18 -38.00 -5.72 -6.10
C LEU D 18 -36.48 -5.73 -5.88
N SER D 19 -36.10 -5.75 -4.61
CA SER D 19 -34.70 -5.58 -4.14
C SER D 19 -34.63 -6.06 -2.70
N ASP D 20 -33.47 -5.89 -2.05
CA ASP D 20 -33.26 -6.34 -0.65
C ASP D 20 -34.40 -5.90 0.28
N HIS D 21 -34.89 -4.67 0.18
CA HIS D 21 -35.91 -4.13 1.12
C HIS D 21 -37.23 -3.98 0.41
N LEU D 22 -38.14 -4.93 0.60
CA LEU D 22 -39.49 -4.96 -0.02
C LEU D 22 -40.45 -3.96 0.65
N LEU D 23 -40.15 -3.46 1.86
CA LEU D 23 -41.11 -2.67 2.68
C LEU D 23 -41.69 -1.46 1.93
N PRO D 24 -40.86 -0.64 1.23
CA PRO D 24 -41.41 0.52 0.54
C PRO D 24 -42.33 0.17 -0.64
N ASN D 25 -42.27 -1.04 -1.17
CA ASN D 25 -43.21 -1.54 -2.20
C ASN D 25 -44.49 -2.09 -1.54
N VAL D 26 -44.37 -2.64 -0.34
CA VAL D 26 -45.49 -3.38 0.35
C VAL D 26 -46.40 -2.38 1.08
N ILE D 27 -45.81 -1.36 1.71
CA ILE D 27 -46.56 -0.40 2.57
C ILE D 27 -47.67 0.27 1.75
N PRO D 28 -47.42 0.83 0.55
CA PRO D 28 -48.50 1.43 -0.25
C PRO D 28 -49.63 0.46 -0.69
N VAL D 29 -49.31 -0.82 -0.87
CA VAL D 29 -50.26 -1.88 -1.33
C VAL D 29 -51.17 -2.27 -0.16
N ILE D 30 -50.65 -2.33 1.06
CA ILE D 30 -51.45 -2.67 2.27
C ILE D 30 -52.35 -1.48 2.63
N GLN D 31 -51.82 -0.25 2.53
CA GLN D 31 -52.53 1.02 2.84
C GLN D 31 -53.76 1.15 1.93
N ALA D 32 -53.56 0.98 0.60
CA ALA D 32 -54.55 1.23 -0.47
C ALA D 32 -54.41 0.15 -1.53
N PRO D 33 -55.10 -1.00 -1.40
CA PRO D 33 -54.96 -2.09 -2.38
C PRO D 33 -55.25 -1.68 -3.82
N PRO D 34 -54.30 -1.84 -4.77
CA PRO D 34 -54.56 -1.57 -6.18
C PRO D 34 -55.21 -2.80 -6.84
N GLN D 35 -55.64 -2.68 -8.09
CA GLN D 35 -56.30 -3.79 -8.83
C GLN D 35 -55.25 -4.83 -9.23
N ARG D 36 -54.09 -4.36 -9.65
CA ARG D 36 -53.01 -5.17 -10.30
C ARG D 36 -51.66 -4.65 -9.81
N VAL D 37 -50.75 -5.56 -9.49
CA VAL D 37 -49.33 -5.24 -9.17
C VAL D 37 -48.44 -5.94 -10.21
N ILE D 38 -47.56 -5.20 -10.88
CA ILE D 38 -46.49 -5.75 -11.74
C ILE D 38 -45.19 -5.70 -10.93
N LEU D 39 -44.64 -6.87 -10.60
CA LEU D 39 -43.36 -7.01 -9.85
C LEU D 39 -42.22 -7.23 -10.85
N LEU D 40 -41.29 -6.29 -10.92
CA LEU D 40 -40.03 -6.43 -11.68
C LEU D 40 -38.99 -7.05 -10.75
N TYR D 41 -38.73 -8.34 -10.90
CA TYR D 41 -37.70 -9.07 -10.14
C TYR D 41 -36.47 -9.30 -11.03
N THR D 42 -35.36 -9.72 -10.44
CA THR D 42 -34.09 -9.93 -11.16
C THR D 42 -33.67 -11.39 -11.03
N PRO D 43 -32.74 -11.88 -11.89
CA PRO D 43 -32.34 -13.29 -11.86
C PRO D 43 -31.85 -13.76 -10.49
N ASN D 44 -32.27 -14.97 -10.09
CA ASN D 44 -31.93 -15.64 -8.81
C ASN D 44 -32.60 -14.95 -7.62
N ASN D 45 -33.58 -14.09 -7.86
CA ASN D 45 -34.28 -13.36 -6.79
C ASN D 45 -35.79 -13.54 -6.96
N LYS D 46 -36.24 -14.62 -7.61
CA LYS D 46 -37.68 -14.92 -7.76
C LYS D 46 -38.29 -15.13 -6.35
N GLU D 47 -37.48 -15.52 -5.35
CA GLU D 47 -37.97 -15.73 -3.96
C GLU D 47 -38.52 -14.41 -3.39
N ARG D 48 -38.10 -13.23 -3.89
CA ARG D 48 -38.64 -11.92 -3.46
C ARG D 48 -40.10 -11.77 -3.91
N VAL D 49 -40.46 -12.32 -5.07
CA VAL D 49 -41.87 -12.35 -5.54
C VAL D 49 -42.69 -13.08 -4.48
N GLN D 50 -42.18 -14.20 -3.94
CA GLN D 50 -42.94 -15.06 -3.00
C GLN D 50 -43.05 -14.36 -1.64
N ARG D 51 -42.00 -13.69 -1.19
CA ARG D 51 -42.06 -12.80 0.01
C ARG D 51 -43.16 -11.73 -0.16
N PHE D 52 -43.21 -11.08 -1.32
CA PHE D 52 -44.18 -10.02 -1.61
C PHE D 52 -45.62 -10.58 -1.55
N ARG D 53 -45.83 -11.78 -2.08
CA ARG D 53 -47.15 -12.47 -2.06
C ARG D 53 -47.53 -12.77 -0.60
N GLN D 54 -46.59 -13.29 0.18
CA GLN D 54 -46.79 -13.66 1.61
C GLN D 54 -47.12 -12.42 2.44
N ALA D 55 -46.42 -11.30 2.18
CA ALA D 55 -46.62 -10.02 2.93
C ALA D 55 -48.01 -9.46 2.59
N THR D 56 -48.50 -9.63 1.37
CA THR D 56 -49.77 -9.03 0.89
C THR D 56 -50.88 -10.10 0.81
N GLU D 57 -50.73 -11.26 1.45
CA GLU D 57 -51.72 -12.38 1.38
C GLU D 57 -53.11 -11.90 1.83
N SER D 58 -53.16 -11.01 2.83
CA SER D 58 -54.40 -10.44 3.44
C SER D 58 -55.15 -9.53 2.45
N VAL D 59 -54.54 -9.19 1.31
CA VAL D 59 -55.05 -8.14 0.39
C VAL D 59 -55.29 -8.73 -1.01
N PRO D 60 -56.56 -8.91 -1.43
CA PRO D 60 -56.85 -9.37 -2.79
C PRO D 60 -56.23 -8.39 -3.82
N THR D 61 -55.34 -8.91 -4.66
CA THR D 61 -54.72 -8.17 -5.79
C THR D 61 -54.17 -9.19 -6.80
N GLU D 62 -54.31 -8.89 -8.10
CA GLU D 62 -53.73 -9.66 -9.22
C GLU D 62 -52.23 -9.34 -9.29
N ILE D 63 -51.36 -10.35 -9.23
CA ILE D 63 -49.87 -10.16 -9.24
C ILE D 63 -49.30 -10.73 -10.55
N ILE D 64 -48.70 -9.88 -11.38
CA ILE D 64 -47.89 -10.24 -12.58
C ILE D 64 -46.41 -10.11 -12.23
N GLU D 65 -45.58 -11.11 -12.54
CA GLU D 65 -44.11 -11.10 -12.35
C GLU D 65 -43.45 -10.83 -13.71
N LYS D 66 -42.39 -10.01 -13.77
CA LYS D 66 -41.59 -9.76 -14.99
C LYS D 66 -40.10 -9.67 -14.63
N GLN D 67 -39.25 -10.39 -15.36
CA GLN D 67 -37.79 -10.45 -15.09
C GLN D 67 -37.11 -9.28 -15.80
N VAL D 68 -36.16 -8.63 -15.13
CA VAL D 68 -35.26 -7.60 -15.75
C VAL D 68 -33.86 -7.81 -15.20
N HIS D 69 -32.84 -7.35 -15.90
CA HIS D 69 -31.43 -7.42 -15.44
CA HIS D 69 -31.44 -7.44 -15.43
C HIS D 69 -31.16 -6.22 -14.56
N PRO D 70 -30.47 -6.36 -13.41
CA PRO D 70 -30.23 -5.22 -12.53
C PRO D 70 -29.41 -4.08 -13.16
N TYR D 71 -28.63 -4.32 -14.22
CA TYR D 71 -27.63 -3.34 -14.72
C TYR D 71 -27.72 -3.15 -16.24
N GLN D 72 -28.91 -3.24 -16.81
CA GLN D 72 -29.14 -3.09 -18.28
C GLN D 72 -30.18 -1.99 -18.55
N TYR D 73 -29.73 -0.76 -18.76
CA TYR D 73 -30.59 0.44 -18.92
C TYR D 73 -31.63 0.24 -20.01
N ALA D 74 -31.18 0.02 -21.24
CA ALA D 74 -31.99 -0.04 -22.49
C ALA D 74 -32.99 -1.19 -22.42
N GLN D 75 -32.60 -2.34 -21.89
CA GLN D 75 -33.50 -3.52 -21.81
C GLN D 75 -34.63 -3.24 -20.81
N THR D 76 -34.35 -2.51 -19.73
CA THR D 76 -35.39 -2.16 -18.72
C THR D 76 -36.33 -1.13 -19.35
N GLN D 77 -35.80 -0.18 -20.11
CA GLN D 77 -36.60 0.82 -20.89
C GLN D 77 -37.58 0.08 -21.82
N ARG D 78 -37.14 -0.98 -22.48
CA ARG D 78 -37.98 -1.77 -23.41
C ARG D 78 -39.10 -2.48 -22.63
N ILE D 79 -38.80 -3.05 -21.46
CA ILE D 79 -39.82 -3.77 -20.64
C ILE D 79 -40.87 -2.78 -20.13
N CYS D 80 -40.45 -1.59 -19.70
CA CYS D 80 -41.37 -0.52 -19.19
C CYS D 80 -42.24 -0.01 -20.35
N ASP D 81 -41.66 0.21 -21.54
CA ASP D 81 -42.40 0.51 -22.79
C ASP D 81 -43.50 -0.56 -23.00
N GLU D 82 -43.15 -1.85 -22.92
CA GLU D 82 -44.12 -2.96 -23.14
C GLU D 82 -45.23 -2.89 -22.09
N ILE D 83 -44.90 -2.61 -20.82
CA ILE D 83 -45.86 -2.55 -19.67
C ILE D 83 -46.87 -1.43 -19.91
N LEU D 84 -46.38 -0.27 -20.37
CA LEU D 84 -47.19 0.97 -20.60
C LEU D 84 -48.08 0.81 -21.84
N GLU D 85 -47.67 0.02 -22.82
CA GLU D 85 -48.51 -0.35 -24.00
C GLU D 85 -49.71 -1.17 -23.52
N GLN D 86 -49.47 -2.18 -22.69
CA GLN D 86 -50.51 -3.16 -22.23
C GLN D 86 -51.36 -2.58 -21.11
N PHE D 87 -50.77 -1.76 -20.24
CA PHE D 87 -51.43 -1.11 -19.07
C PHE D 87 -51.08 0.37 -19.11
N PRO D 88 -51.81 1.18 -19.90
CA PRO D 88 -51.51 2.62 -20.03
C PRO D 88 -51.77 3.44 -18.76
N ASN D 89 -52.57 2.94 -17.81
CA ASN D 89 -52.93 3.66 -16.55
C ASN D 89 -52.00 3.21 -15.40
N ALA D 90 -50.82 2.67 -15.71
CA ALA D 90 -49.84 2.16 -14.73
C ALA D 90 -49.35 3.32 -13.86
N ILE D 91 -49.06 3.07 -12.58
CA ILE D 91 -48.31 3.99 -11.66
C ILE D 91 -47.04 3.29 -11.20
N LEU D 92 -45.92 4.01 -11.12
CA LEU D 92 -44.58 3.46 -10.77
C LEU D 92 -44.24 3.83 -9.33
N ASN D 93 -43.90 2.81 -8.53
CA ASN D 93 -43.13 2.96 -7.27
C ASN D 93 -41.64 2.81 -7.62
N VAL D 94 -40.89 3.91 -7.58
CA VAL D 94 -39.48 3.97 -8.07
C VAL D 94 -38.51 3.78 -6.90
N THR D 95 -39.02 3.41 -5.70
CA THR D 95 -38.21 3.34 -4.45
C THR D 95 -37.26 2.14 -4.48
N GLY D 96 -37.72 1.00 -5.01
CA GLY D 96 -36.92 -0.23 -5.03
C GLY D 96 -35.92 -0.22 -6.18
N GLY D 97 -35.08 -1.25 -6.21
CA GLY D 97 -34.25 -1.64 -7.37
C GLY D 97 -32.89 -0.99 -7.34
N THR D 98 -32.06 -1.26 -8.32
CA THR D 98 -30.77 -0.55 -8.51
C THR D 98 -31.10 0.84 -9.01
N LYS D 99 -30.13 1.75 -9.03
CA LYS D 99 -30.32 3.05 -9.73
C LYS D 99 -30.54 2.82 -11.23
N ILE D 100 -29.93 1.82 -11.85
CA ILE D 100 -30.11 1.55 -13.31
C ILE D 100 -31.57 1.20 -13.54
N MSE D 101 -32.12 0.25 -12.76
CA MSE D 101 -33.51 -0.15 -12.89
C MSE D 101 -34.42 1.08 -12.74
O MSE D 101 -35.30 1.32 -13.56
CB MSE D 101 -33.85 -1.21 -11.83
CG MSE D 101 -33.17 -2.55 -12.04
SE MSE D 101 -33.37 -3.80 -10.53
CE MSE D 101 -35.34 -3.99 -10.41
N ALA D 102 -34.18 1.83 -11.66
CA ALA D 102 -35.01 2.96 -11.30
C ALA D 102 -34.89 4.06 -12.35
N LEU D 103 -33.69 4.39 -12.82
CA LEU D 103 -33.51 5.45 -13.86
C LEU D 103 -34.28 5.04 -15.13
N ALA D 104 -34.18 3.78 -15.55
CA ALA D 104 -34.81 3.27 -16.79
C ALA D 104 -36.32 3.43 -16.69
N ALA D 105 -36.91 2.98 -15.58
CA ALA D 105 -38.38 2.95 -15.37
C ALA D 105 -38.89 4.39 -15.22
N PHE D 106 -38.23 5.20 -14.41
CA PHE D 106 -38.57 6.63 -14.25
C PHE D 106 -38.67 7.29 -15.62
N ASP D 107 -37.63 7.13 -16.44
CA ASP D 107 -37.53 7.77 -17.77
C ASP D 107 -38.78 7.49 -18.61
N ARG D 108 -39.23 6.24 -18.70
CA ARG D 108 -40.36 5.83 -19.58
C ARG D 108 -41.70 6.28 -18.96
N PHE D 109 -41.83 6.23 -17.64
CA PHE D 109 -43.05 6.66 -16.92
C PHE D 109 -43.18 8.18 -16.99
N ARG D 110 -42.08 8.92 -16.92
CA ARG D 110 -42.08 10.39 -17.04
C ARG D 110 -42.48 10.76 -18.48
N HIS D 111 -41.84 10.14 -19.47
CA HIS D 111 -42.13 10.38 -20.91
C HIS D 111 -43.62 10.20 -21.20
N ASN D 112 -44.29 9.25 -20.54
CA ASN D 112 -45.73 8.93 -20.73
C ASN D 112 -46.61 9.66 -19.71
N HIS D 113 -46.10 10.70 -19.04
CA HIS D 113 -46.84 11.54 -18.07
C HIS D 113 -47.63 10.69 -17.07
N ARG D 114 -46.99 9.65 -16.52
CA ARG D 114 -47.58 8.75 -15.50
C ARG D 114 -47.24 9.23 -14.09
N PRO D 115 -48.10 8.89 -13.10
CA PRO D 115 -47.76 9.10 -11.70
C PRO D 115 -46.56 8.24 -11.24
N ILE D 116 -45.68 8.84 -10.45
CA ILE D 116 -44.48 8.18 -9.88
C ILE D 116 -44.39 8.52 -8.40
N ILE D 117 -44.37 7.49 -7.55
CA ILE D 117 -44.28 7.65 -6.07
C ILE D 117 -42.93 7.14 -5.57
N TYR D 118 -42.48 7.70 -4.45
CA TYR D 118 -41.23 7.31 -3.75
C TYR D 118 -41.52 7.36 -2.26
N VAL D 119 -41.19 6.30 -1.53
CA VAL D 119 -41.44 6.18 -0.07
C VAL D 119 -40.20 6.64 0.69
N ASP D 120 -40.33 7.73 1.45
CA ASP D 120 -39.28 8.27 2.36
C ASP D 120 -39.60 7.81 3.79
N SER D 121 -38.89 6.79 4.31
CA SER D 121 -39.14 6.26 5.67
C SER D 121 -38.57 7.18 6.75
N ASP D 122 -37.63 8.07 6.40
CA ASP D 122 -37.07 9.10 7.34
C ASP D 122 -38.19 10.03 7.82
N SER D 123 -38.92 10.67 6.89
CA SER D 123 -40.02 11.62 7.16
C SER D 123 -41.38 10.90 7.17
N GLN D 124 -41.42 9.60 6.89
CA GLN D 124 -42.67 8.79 6.86
C GLN D 124 -43.65 9.41 5.84
N ARG D 125 -43.18 9.73 4.64
CA ARG D 125 -44.01 10.35 3.59
C ARG D 125 -43.89 9.56 2.29
N ILE D 126 -44.97 9.50 1.53
CA ILE D 126 -44.99 9.17 0.07
C ILE D 126 -44.78 10.47 -0.71
N LEU D 127 -43.71 10.59 -1.47
CA LEU D 127 -43.47 11.72 -2.41
C LEU D 127 -44.11 11.37 -3.76
N TYR D 128 -44.93 12.26 -4.30
CA TYR D 128 -45.45 12.17 -5.69
C TYR D 128 -44.53 12.99 -6.58
N LEU D 129 -43.59 12.32 -7.27
CA LEU D 129 -42.47 12.97 -7.97
C LEU D 129 -42.97 13.67 -9.24
N HIS D 130 -44.11 13.24 -9.79
CA HIS D 130 -44.72 13.86 -10.99
C HIS D 130 -45.21 15.29 -10.69
N ASN D 131 -45.72 15.58 -9.50
CA ASN D 131 -46.36 16.90 -9.21
C ASN D 131 -45.79 17.61 -7.97
N GLY D 132 -44.81 17.02 -7.26
CA GLY D 132 -44.15 17.64 -6.10
C GLY D 132 -44.99 17.58 -4.82
N GLU D 133 -46.17 16.95 -4.85
CA GLU D 133 -47.03 16.77 -3.65
C GLU D 133 -46.45 15.66 -2.77
N SER D 134 -47.04 15.45 -1.60
CA SER D 134 -46.66 14.35 -0.67
C SER D 134 -47.82 14.04 0.27
N GLU D 135 -47.76 12.89 0.92
CA GLU D 135 -48.82 12.37 1.81
C GLU D 135 -48.11 11.69 3.00
N ARG D 136 -48.63 11.86 4.21
CA ARG D 136 -48.14 11.14 5.41
C ARG D 136 -48.47 9.66 5.16
N LEU D 137 -47.55 8.76 5.51
CA LEU D 137 -47.83 7.29 5.62
C LEU D 137 -48.76 7.07 6.82
N GLY D 138 -49.62 6.06 6.76
CA GLY D 138 -50.32 5.54 7.93
C GLY D 138 -49.42 4.55 8.67
N ASP D 139 -50.05 3.63 9.40
CA ASP D 139 -49.38 2.50 10.11
C ASP D 139 -50.16 1.24 9.77
N PRO D 140 -50.21 0.85 8.48
CA PRO D 140 -51.07 -0.27 8.05
C PRO D 140 -50.50 -1.66 8.41
N LEU D 141 -49.18 -1.74 8.56
CA LEU D 141 -48.43 -3.03 8.68
C LEU D 141 -48.72 -3.68 10.03
N THR D 142 -48.82 -5.01 10.01
CA THR D 142 -48.69 -5.89 11.19
C THR D 142 -47.23 -6.37 11.26
N VAL D 143 -46.84 -6.95 12.38
CA VAL D 143 -45.51 -7.61 12.59
C VAL D 143 -45.41 -8.82 11.66
N LYS D 144 -46.49 -9.58 11.45
CA LYS D 144 -46.50 -10.74 10.52
C LYS D 144 -46.05 -10.29 9.13
N GLN D 145 -46.61 -9.19 8.62
CA GLN D 145 -46.35 -8.68 7.25
C GLN D 145 -44.91 -8.16 7.20
N TYR D 146 -44.48 -7.44 8.23
CA TYR D 146 -43.12 -6.85 8.27
C TYR D 146 -42.11 -7.99 8.16
N LEU D 147 -42.23 -9.02 9.03
CA LEU D 147 -41.34 -10.20 9.04
C LEU D 147 -41.36 -10.92 7.70
N ALA D 148 -42.53 -11.06 7.07
CA ALA D 148 -42.68 -11.72 5.75
C ALA D 148 -41.80 -11.01 4.70
N CYS D 149 -41.67 -9.69 4.74
CA CYS D 149 -40.81 -8.94 3.79
C CYS D 149 -39.34 -9.38 3.88
N TYR D 150 -38.92 -9.94 5.02
CA TYR D 150 -37.51 -10.40 5.25
C TYR D 150 -37.47 -11.93 5.29
N GLY D 151 -38.53 -12.59 4.87
CA GLY D 151 -38.59 -14.05 4.71
C GLY D 151 -38.85 -14.76 6.00
N PHE D 152 -39.26 -14.06 7.06
CA PHE D 152 -39.44 -14.68 8.39
C PHE D 152 -40.92 -14.94 8.70
N LYS D 153 -41.18 -16.04 9.38
CA LYS D 153 -42.53 -16.40 9.93
C LYS D 153 -42.33 -16.77 11.39
N ALA D 154 -43.37 -16.65 12.23
CA ALA D 154 -43.39 -17.03 13.66
C ALA D 154 -43.71 -18.52 13.82
N ASP D 155 -42.98 -19.21 14.70
CA ASP D 155 -43.23 -20.61 15.14
C ASP D 155 -44.09 -20.59 16.41
N LEU D 163 -49.12 -15.35 36.05
CA LEU D 163 -48.13 -14.71 36.97
C LEU D 163 -48.86 -13.87 38.03
N PRO D 164 -48.64 -14.15 39.35
CA PRO D 164 -49.39 -13.51 40.44
C PRO D 164 -49.34 -11.98 40.43
N LYS D 165 -50.47 -11.34 40.73
CA LYS D 165 -50.62 -9.85 40.75
C LYS D 165 -49.58 -9.23 41.68
N THR D 166 -49.30 -9.89 42.81
CA THR D 166 -48.36 -9.49 43.88
C THR D 166 -46.97 -9.18 43.31
N TRP D 167 -46.55 -9.84 42.21
CA TRP D 167 -45.14 -9.82 41.72
C TRP D 167 -44.87 -8.56 40.88
N ARG D 168 -45.87 -7.97 40.22
CA ARG D 168 -45.71 -6.71 39.44
C ARG D 168 -45.24 -5.56 40.36
N GLU D 169 -45.77 -5.51 41.59
CA GLU D 169 -45.37 -4.50 42.61
C GLU D 169 -43.88 -4.65 42.90
N VAL D 170 -43.39 -5.88 43.01
CA VAL D 170 -41.96 -6.21 43.35
C VAL D 170 -41.08 -5.72 42.20
N GLU D 171 -41.49 -6.01 40.97
CA GLU D 171 -40.83 -5.61 39.69
C GLU D 171 -40.54 -4.10 39.73
N ASP D 172 -41.57 -3.29 40.01
CA ASP D 172 -41.46 -1.80 40.07
C ASP D 172 -40.50 -1.40 41.21
N LEU D 173 -40.58 -2.03 42.38
CA LEU D 173 -39.71 -1.72 43.55
C LEU D 173 -38.25 -2.07 43.24
N PHE D 174 -37.99 -3.19 42.58
CA PHE D 174 -36.63 -3.62 42.15
C PHE D 174 -36.01 -2.61 41.19
N ALA D 175 -36.81 -2.15 40.22
CA ALA D 175 -36.39 -1.17 39.20
C ALA D 175 -36.07 0.17 39.86
N GLN D 176 -36.96 0.65 40.74
CA GLN D 176 -36.81 1.96 41.44
C GLN D 176 -35.63 1.91 42.41
N ASN D 177 -35.37 0.74 43.00
CA ASN D 177 -34.37 0.58 44.09
C ASN D 177 -33.11 -0.14 43.59
N SER D 178 -32.88 -0.22 42.28
CA SER D 178 -31.79 -1.04 41.69
C SER D 178 -30.43 -0.63 42.28
N THR D 179 -30.21 0.67 42.50
CA THR D 179 -28.94 1.20 43.06
C THR D 179 -28.77 0.68 44.50
N LYS D 180 -29.78 0.89 45.36
CA LYS D 180 -29.66 0.64 46.82
C LYS D 180 -29.78 -0.86 47.13
N TRP D 181 -30.40 -1.67 46.26
CA TRP D 181 -30.57 -3.14 46.47
C TRP D 181 -29.66 -3.93 45.52
N GLN D 182 -28.72 -3.26 44.86
CA GLN D 182 -27.79 -3.82 43.85
C GLN D 182 -27.18 -5.14 44.36
N ASN D 183 -26.51 -5.10 45.50
CA ASN D 183 -25.75 -6.24 46.09
C ASN D 183 -26.73 -7.34 46.54
N GLN D 184 -27.83 -6.98 47.21
CA GLN D 184 -28.78 -7.98 47.77
C GLN D 184 -29.41 -8.74 46.60
N LEU D 185 -29.81 -8.03 45.54
CA LEU D 185 -30.49 -8.61 44.36
C LEU D 185 -29.50 -9.44 43.56
N GLY D 186 -28.25 -8.96 43.41
CA GLY D 186 -27.17 -9.72 42.75
C GLY D 186 -26.95 -11.07 43.43
N ARG D 187 -26.83 -11.03 44.76
CA ARG D 187 -26.65 -12.22 45.63
C ARG D 187 -27.84 -13.18 45.48
N LEU D 188 -29.07 -12.68 45.52
CA LEU D 188 -30.29 -13.53 45.35
C LEU D 188 -30.29 -14.15 43.93
N ASN D 189 -29.84 -13.41 42.91
CA ASN D 189 -29.74 -13.87 41.50
C ASN D 189 -28.82 -15.09 41.45
N TRP D 190 -27.68 -15.00 42.15
CA TRP D 190 -26.65 -16.08 42.24
C TRP D 190 -27.30 -17.31 42.86
N ILE D 191 -27.86 -17.16 44.07
CA ILE D 191 -28.57 -18.24 44.82
C ILE D 191 -29.56 -18.94 43.89
N ALA D 192 -30.37 -18.15 43.16
CA ALA D 192 -31.44 -18.67 42.28
C ALA D 192 -30.80 -19.43 41.12
N ALA D 193 -29.70 -18.89 40.59
CA ALA D 193 -28.96 -19.45 39.43
C ALA D 193 -28.36 -20.82 39.82
N GLN D 194 -27.76 -20.90 41.02
CA GLN D 194 -27.10 -22.13 41.53
C GLN D 194 -28.13 -23.15 42.03
N GLN D 195 -29.42 -22.77 42.08
CA GLN D 195 -30.53 -23.61 42.60
C GLN D 195 -30.22 -24.10 44.03
N GLN D 196 -29.56 -23.24 44.83
CA GLN D 196 -29.32 -23.45 46.28
C GLN D 196 -30.66 -23.53 47.00
N PRO D 197 -31.06 -24.70 47.55
CA PRO D 197 -32.41 -24.90 48.07
C PRO D 197 -32.77 -24.06 49.32
N ILE D 198 -31.83 -23.86 50.25
CA ILE D 198 -32.03 -23.04 51.49
C ILE D 198 -30.95 -21.95 51.51
N PHE D 199 -31.32 -20.72 51.85
CA PHE D 199 -30.40 -19.55 51.85
C PHE D 199 -30.79 -18.59 52.99
N THR D 200 -29.84 -17.77 53.42
CA THR D 200 -30.03 -16.68 54.40
C THR D 200 -30.22 -15.37 53.63
N LEU D 201 -30.84 -14.38 54.29
CA LEU D 201 -31.00 -12.99 53.81
C LEU D 201 -31.12 -12.09 55.04
N GLN D 202 -30.31 -11.02 55.18
CA GLN D 202 -30.44 -10.07 56.31
C GLN D 202 -31.88 -9.55 56.35
N THR D 203 -32.38 -9.25 57.56
CA THR D 203 -33.69 -8.56 57.78
C THR D 203 -33.59 -7.15 57.19
N GLY D 204 -34.71 -6.62 56.68
CA GLY D 204 -34.77 -5.30 56.00
C GLY D 204 -35.93 -5.25 55.03
N GLU D 205 -36.07 -4.11 54.31
CA GLU D 205 -37.20 -3.85 53.39
C GLU D 205 -37.33 -4.99 52.37
N LEU D 206 -36.20 -5.49 51.84
CA LEU D 206 -36.19 -6.46 50.72
C LEU D 206 -36.75 -7.81 51.20
N GLN D 207 -36.31 -8.28 52.38
CA GLN D 207 -36.78 -9.56 52.96
C GLN D 207 -38.29 -9.50 53.22
N ASP D 208 -38.76 -8.40 53.82
CA ASP D 208 -40.20 -8.16 54.11
C ASP D 208 -40.99 -8.23 52.79
N LEU D 209 -40.48 -7.54 51.77
CA LEU D 209 -41.14 -7.44 50.43
C LEU D 209 -41.30 -8.84 49.83
N LEU D 210 -40.23 -9.63 49.80
CA LEU D 210 -40.21 -10.99 49.19
C LEU D 210 -41.12 -11.92 49.99
N LEU D 211 -41.13 -11.80 51.33
CA LEU D 211 -42.03 -12.58 52.21
C LEU D 211 -43.49 -12.21 51.92
N LYS D 212 -43.82 -10.91 51.89
CA LYS D 212 -45.20 -10.38 51.66
C LYS D 212 -45.68 -10.76 50.25
N ALA D 213 -44.80 -10.70 49.25
CA ALA D 213 -45.08 -11.06 47.84
C ALA D 213 -45.18 -12.57 47.67
N ASN D 214 -44.78 -13.35 48.67
CA ASN D 214 -44.79 -14.84 48.66
C ASN D 214 -43.82 -15.33 47.57
N LEU D 215 -42.64 -14.73 47.48
CA LEU D 215 -41.53 -15.17 46.57
C LEU D 215 -40.59 -16.10 47.35
N ILE D 216 -40.37 -15.81 48.64
CA ILE D 216 -39.64 -16.70 49.60
C ILE D 216 -40.57 -17.06 50.76
N LYS D 217 -40.33 -18.21 51.39
CA LYS D 217 -40.95 -18.66 52.66
C LYS D 217 -39.83 -19.19 53.55
N PRO D 218 -40.01 -19.28 54.89
CA PRO D 218 -38.98 -19.82 55.78
C PRO D 218 -38.80 -21.33 55.52
N ALA D 219 -37.59 -21.85 55.75
CA ALA D 219 -37.15 -23.17 55.25
C ALA D 219 -37.53 -24.26 56.26
N GLU D 220 -37.97 -25.42 55.76
CA GLU D 220 -38.52 -26.54 56.56
C GLU D 220 -37.36 -27.35 57.15
N PHE D 226 -34.34 -19.35 54.42
CA PHE D 226 -35.50 -19.27 53.50
C PHE D 226 -35.29 -20.18 52.29
N GLN D 227 -36.36 -20.43 51.56
CA GLN D 227 -36.36 -21.13 50.25
C GLN D 227 -37.33 -20.37 49.33
N PHE D 228 -37.21 -20.53 48.03
CA PHE D 228 -38.17 -19.98 47.05
C PHE D 228 -39.49 -20.75 47.22
N THR D 229 -40.62 -20.06 47.03
CA THR D 229 -41.98 -20.62 47.27
C THR D 229 -42.38 -21.55 46.12
N SER D 230 -41.62 -21.55 45.02
CA SER D 230 -41.88 -22.34 43.79
C SER D 230 -40.69 -22.17 42.84
N ASP D 231 -40.64 -23.00 41.78
CA ASP D 231 -39.64 -22.83 40.69
C ASP D 231 -39.92 -21.51 39.96
N GLN D 232 -41.19 -21.13 39.80
CA GLN D 232 -41.59 -19.87 39.11
C GLN D 232 -41.01 -18.68 39.89
N ALA D 233 -41.09 -18.69 41.22
CA ALA D 233 -40.51 -17.67 42.11
C ALA D 233 -38.98 -17.63 41.93
N ARG D 234 -38.33 -18.78 41.81
CA ARG D 234 -36.86 -18.88 41.62
C ARG D 234 -36.50 -18.22 40.29
N GLN D 235 -37.20 -18.60 39.21
CA GLN D 235 -36.96 -18.06 37.85
C GLN D 235 -37.07 -16.54 37.89
N PHE D 236 -38.11 -16.02 38.55
CA PHE D 236 -38.40 -14.58 38.72
C PHE D 236 -37.22 -13.89 39.40
N ILE D 237 -36.61 -14.50 40.41
CA ILE D 237 -35.49 -13.87 41.16
C ILE D 237 -34.20 -14.03 40.35
N ASN D 238 -34.15 -15.06 39.50
CA ASN D 238 -33.02 -15.36 38.58
C ASN D 238 -33.06 -14.42 37.37
N GLY D 239 -33.15 -13.11 37.59
CA GLY D 239 -33.31 -12.08 36.54
C GLY D 239 -34.62 -12.13 35.74
N GLY D 240 -35.50 -13.10 35.98
CA GLY D 240 -36.75 -13.22 35.20
C GLY D 240 -37.68 -12.02 35.36
N TRP D 241 -37.72 -11.43 36.55
CA TRP D 241 -38.57 -10.25 36.86
C TRP D 241 -38.37 -9.15 35.82
N PHE D 242 -37.14 -8.92 35.35
CA PHE D 242 -36.82 -7.77 34.49
C PHE D 242 -37.42 -7.92 33.09
N GLU D 243 -37.41 -9.14 32.54
CA GLU D 243 -38.07 -9.45 31.25
C GLU D 243 -39.54 -9.03 31.32
N HIS D 244 -40.22 -9.42 32.40
CA HIS D 244 -41.67 -9.15 32.57
C HIS D 244 -41.84 -7.64 32.84
N TYR D 245 -40.92 -7.02 33.57
CA TYR D 245 -41.00 -5.57 33.85
C TYR D 245 -41.03 -4.81 32.53
N VAL D 246 -40.09 -5.10 31.63
CA VAL D 246 -40.00 -4.42 30.30
C VAL D 246 -41.32 -4.66 29.53
N TYR D 247 -41.80 -5.89 29.45
CA TYR D 247 -43.06 -6.20 28.73
C TYR D 247 -44.23 -5.40 29.34
N SER D 248 -44.30 -5.33 30.68
CA SER D 248 -45.40 -4.67 31.43
C SER D 248 -45.37 -3.16 31.21
N LEU D 249 -44.18 -2.55 31.11
CA LEU D 249 -44.09 -1.11 30.77
C LEU D 249 -44.65 -0.90 29.37
N LEU D 250 -44.40 -1.82 28.43
CA LEU D 250 -44.85 -1.62 27.04
C LEU D 250 -46.37 -1.81 26.94
N ARG D 251 -46.97 -2.67 27.77
CA ARG D 251 -48.45 -2.78 27.86
C ARG D 251 -49.04 -1.45 28.39
N GLN D 252 -48.46 -0.87 29.43
CA GLN D 252 -48.89 0.46 29.94
C GLN D 252 -48.77 1.50 28.82
N ILE D 253 -47.59 1.61 28.22
CA ILE D 253 -47.28 2.60 27.14
C ILE D 253 -48.25 2.40 25.96
N SER D 254 -48.61 1.16 25.62
CA SER D 254 -49.59 0.84 24.55
C SER D 254 -50.90 1.60 24.76
N ALA D 255 -51.25 1.96 25.99
CA ALA D 255 -52.51 2.67 26.28
C ALA D 255 -52.46 4.08 25.67
N GLN D 256 -51.27 4.64 25.43
CA GLN D 256 -51.08 6.07 25.05
C GLN D 256 -50.35 6.21 23.71
N TYR D 257 -49.54 5.21 23.30
CA TYR D 257 -48.94 5.15 21.95
C TYR D 257 -49.47 3.91 21.25
N PRO D 258 -49.87 3.99 19.96
CA PRO D 258 -50.38 2.83 19.23
C PRO D 258 -49.26 1.87 18.77
N ILE D 259 -48.55 1.24 19.72
CA ILE D 259 -47.60 0.16 19.40
C ILE D 259 -48.41 -1.05 18.96
N LYS D 260 -47.99 -1.72 17.87
CA LYS D 260 -48.78 -2.79 17.21
C LYS D 260 -48.10 -4.14 17.42
N ASN D 261 -48.93 -5.14 17.75
CA ASN D 261 -48.58 -6.59 17.77
C ASN D 261 -47.43 -6.82 18.75
N LEU D 262 -47.49 -6.17 19.90
CA LEU D 262 -46.55 -6.38 21.03
C LEU D 262 -46.50 -7.87 21.38
N THR D 263 -45.31 -8.48 21.30
CA THR D 263 -45.12 -9.93 21.52
C THR D 263 -43.89 -10.12 22.41
N LYS D 264 -43.93 -11.13 23.29
CA LYS D 264 -42.78 -11.55 24.11
C LYS D 264 -42.34 -12.94 23.62
N ASN D 265 -41.04 -13.23 23.67
CA ASN D 265 -40.44 -14.56 23.37
C ASN D 265 -40.98 -15.10 22.04
N ILE D 266 -40.82 -14.35 20.95
CA ILE D 266 -41.20 -14.79 19.58
C ILE D 266 -40.06 -15.67 19.07
N GLU D 267 -40.39 -16.82 18.46
CA GLU D 267 -39.44 -17.69 17.73
C GLU D 267 -39.76 -17.49 16.25
N ILE D 268 -38.78 -17.00 15.49
CA ILE D 268 -38.99 -16.70 14.05
C ILE D 268 -37.98 -17.50 13.23
N SER D 269 -38.40 -17.99 12.07
CA SER D 269 -37.55 -18.77 11.13
C SER D 269 -37.69 -18.20 9.72
N ASN D 270 -36.63 -18.31 8.91
CA ASN D 270 -36.71 -18.22 7.44
C ASN D 270 -36.41 -19.62 6.91
N ASP D 271 -35.93 -19.76 5.67
CA ASP D 271 -35.59 -21.08 5.07
C ASP D 271 -34.45 -21.74 5.84
N SER D 272 -33.51 -20.98 6.43
CA SER D 272 -32.20 -21.48 6.90
C SER D 272 -32.03 -21.39 8.44
N VAL D 273 -32.50 -20.33 9.12
CA VAL D 273 -32.18 -20.08 10.56
C VAL D 273 -33.46 -19.85 11.36
N SER D 274 -33.38 -20.06 12.66
CA SER D 274 -34.35 -19.58 13.68
C SER D 274 -33.65 -18.62 14.64
N ASN D 275 -34.37 -17.55 15.00
CA ASN D 275 -33.98 -16.55 16.04
C ASN D 275 -35.08 -16.50 17.10
N GLU D 276 -34.69 -16.41 18.36
CA GLU D 276 -35.57 -16.04 19.50
C GLU D 276 -35.39 -14.55 19.78
N LEU D 277 -36.51 -13.82 19.91
CA LEU D 277 -36.52 -12.35 20.19
C LEU D 277 -37.36 -12.11 21.45
N ASP D 278 -36.81 -11.34 22.39
CA ASP D 278 -37.35 -11.19 23.77
C ASP D 278 -38.66 -10.40 23.72
N VAL D 279 -38.64 -9.20 23.14
CA VAL D 279 -39.84 -8.34 22.96
C VAL D 279 -39.77 -7.69 21.59
N VAL D 280 -40.87 -7.71 20.85
CA VAL D 280 -40.99 -7.13 19.49
C VAL D 280 -42.33 -6.36 19.45
N PHE D 281 -42.34 -5.25 18.71
CA PHE D 281 -43.56 -4.53 18.31
C PHE D 281 -43.25 -3.73 17.06
N LEU D 282 -44.31 -3.27 16.41
CA LEU D 282 -44.28 -2.32 15.29
C LEU D 282 -44.70 -0.95 15.80
N TYR D 283 -44.04 0.10 15.33
CA TYR D 283 -44.44 1.50 15.59
C TYR D 283 -43.92 2.38 14.46
N HIS D 284 -44.80 3.10 13.75
CA HIS D 284 -44.44 3.97 12.60
C HIS D 284 -43.72 3.15 11.55
N ASN D 285 -44.22 1.94 11.28
CA ASN D 285 -43.74 1.07 10.16
C ASN D 285 -42.31 0.60 10.42
N LYS D 286 -41.81 0.69 11.66
CA LYS D 286 -40.47 0.19 12.03
C LYS D 286 -40.64 -0.95 13.05
N LEU D 287 -39.96 -2.07 12.82
CA LEU D 287 -39.91 -3.16 13.82
C LEU D 287 -38.92 -2.74 14.92
N HIS D 288 -39.38 -2.86 16.16
CA HIS D 288 -38.63 -2.58 17.39
C HIS D 288 -38.35 -3.92 18.05
N VAL D 289 -37.08 -4.19 18.34
CA VAL D 289 -36.62 -5.44 19.02
C VAL D 289 -35.90 -5.03 20.32
N ILE D 290 -36.32 -5.59 21.46
CA ILE D 290 -35.63 -5.41 22.77
C ILE D 290 -34.98 -6.74 23.15
N GLU D 291 -33.68 -6.70 23.45
CA GLU D 291 -32.93 -7.76 24.17
C GLU D 291 -32.94 -7.42 25.67
N CYS D 292 -33.64 -8.21 26.49
CA CYS D 292 -33.76 -7.98 27.96
C CYS D 292 -33.64 -9.31 28.73
N LYS D 293 -33.50 -10.44 28.02
CA LYS D 293 -33.36 -11.82 28.58
C LYS D 293 -31.91 -12.27 28.46
N PRO D 305 -21.26 -8.39 28.21
CA PRO D 305 -22.29 -7.94 27.25
C PRO D 305 -21.88 -7.98 25.77
N MSE D 306 -20.56 -8.03 25.51
CA MSE D 306 -20.04 -7.87 24.17
C MSE D 306 -20.58 -8.96 23.23
O MSE D 306 -20.97 -8.63 22.12
CB MSE D 306 -18.50 -7.85 24.19
CG MSE D 306 -17.91 -6.56 24.72
SE MSE D 306 -18.29 -5.02 23.56
CE MSE D 306 -16.67 -3.89 23.48
N GLU D 307 -20.59 -10.22 23.67
CA GLU D 307 -21.13 -11.29 22.82
C GLU D 307 -22.60 -10.98 22.47
N THR D 308 -23.38 -10.44 23.42
CA THR D 308 -24.82 -10.12 23.22
C THR D 308 -24.95 -8.97 22.22
N ILE D 309 -24.08 -7.97 22.29
CA ILE D 309 -24.16 -6.79 21.38
C ILE D 309 -23.97 -7.26 19.93
N TYR D 310 -23.00 -8.14 19.66
CA TYR D 310 -22.71 -8.68 18.30
C TYR D 310 -23.93 -9.44 17.77
N LYS D 311 -24.54 -10.25 18.63
CA LYS D 311 -25.75 -11.03 18.27
C LYS D 311 -26.89 -10.05 17.93
N ILE D 312 -27.17 -9.07 18.79
CA ILE D 312 -28.24 -8.04 18.58
C ILE D 312 -27.99 -7.38 17.22
N ASP D 313 -26.77 -6.92 16.99
CA ASP D 313 -26.41 -6.24 15.72
C ASP D 313 -26.70 -7.17 14.53
N SER D 314 -26.22 -8.42 14.56
CA SER D 314 -26.34 -9.40 13.45
C SER D 314 -27.82 -9.72 13.18
N VAL D 315 -28.54 -10.17 14.20
CA VAL D 315 -29.94 -10.67 14.05
C VAL D 315 -30.90 -9.53 13.66
N THR D 316 -30.82 -8.37 14.31
CA THR D 316 -31.79 -7.25 14.14
C THR D 316 -31.66 -6.71 12.71
N ASN D 317 -30.43 -6.68 12.18
CA ASN D 317 -30.20 -6.21 10.79
C ASN D 317 -30.84 -7.21 9.82
N ARG D 318 -30.78 -8.50 10.07
CA ARG D 318 -31.36 -9.52 9.17
C ARG D 318 -32.90 -9.56 9.31
N VAL D 319 -33.44 -9.37 10.51
CA VAL D 319 -34.90 -9.60 10.79
C VAL D 319 -35.70 -8.33 10.52
N ALA D 320 -35.12 -7.17 10.82
CA ALA D 320 -35.79 -5.86 10.83
C ALA D 320 -35.26 -4.94 9.72
N GLY D 321 -34.18 -5.32 9.05
CA GLY D 321 -33.57 -4.53 7.97
C GLY D 321 -32.93 -3.26 8.50
N ILE D 322 -32.56 -2.34 7.60
CA ILE D 322 -31.67 -1.18 7.93
C ILE D 322 -32.45 -0.15 8.75
N LYS D 323 -33.77 -0.07 8.59
CA LYS D 323 -34.64 0.94 9.27
C LYS D 323 -35.20 0.37 10.59
N GLY D 324 -34.96 -0.92 10.88
CA GLY D 324 -35.37 -1.55 12.15
C GLY D 324 -34.63 -0.95 13.33
N LYS D 325 -35.18 -1.06 14.53
CA LYS D 325 -34.63 -0.42 15.76
C LYS D 325 -34.44 -1.47 16.85
N SER D 326 -33.26 -1.43 17.50
CA SER D 326 -32.85 -2.43 18.52
C SER D 326 -32.54 -1.71 19.82
N MSE D 327 -32.90 -2.35 20.93
CA MSE D 327 -32.56 -1.84 22.24
C MSE D 327 -31.98 -2.97 23.07
O MSE D 327 -32.42 -4.11 22.96
CB MSE D 327 -33.78 -1.26 22.96
CG MSE D 327 -33.52 -0.99 24.43
SE MSE D 327 -35.13 -0.47 25.44
CE MSE D 327 -35.07 1.46 25.71
N PHE D 328 -31.00 -2.62 23.90
CA PHE D 328 -30.46 -3.53 24.87
C PHE D 328 -30.81 -2.99 26.27
N ALA D 329 -31.68 -3.70 26.96
CA ALA D 329 -32.18 -3.34 28.31
C ALA D 329 -31.55 -4.28 29.32
N SER D 330 -30.96 -3.72 30.38
CA SER D 330 -30.21 -4.44 31.44
C SER D 330 -30.53 -3.85 32.82
N TYR D 331 -30.58 -4.69 33.85
CA TYR D 331 -30.66 -4.24 35.26
C TYR D 331 -29.25 -3.93 35.80
N TYR D 332 -28.20 -4.44 35.14
CA TYR D 332 -26.79 -4.24 35.57
C TYR D 332 -26.15 -3.15 34.71
N PRO D 333 -25.36 -2.23 35.31
CA PRO D 333 -24.69 -1.19 34.54
C PRO D 333 -23.76 -1.84 33.50
N LEU D 334 -23.69 -1.28 32.29
CA LEU D 334 -22.78 -1.72 31.22
C LEU D 334 -21.48 -0.93 31.31
N THR D 335 -20.35 -1.57 30.98
CA THR D 335 -19.01 -0.93 30.85
C THR D 335 -19.05 0.14 29.75
N GLN D 336 -18.13 1.09 29.75
CA GLN D 336 -18.14 2.20 28.76
C GLN D 336 -17.91 1.64 27.36
N ALA D 337 -17.05 0.63 27.21
CA ALA D 337 -16.73 -0.01 25.91
C ALA D 337 -18.00 -0.60 25.28
N ALA D 338 -18.78 -1.30 26.08
CA ALA D 338 -20.04 -1.95 25.65
C ALA D 338 -21.02 -0.88 25.18
N LYS D 339 -21.10 0.24 25.91
CA LYS D 339 -21.99 1.39 25.58
C LYS D 339 -21.51 2.05 24.29
N LYS D 340 -20.19 2.19 24.10
CA LYS D 340 -19.63 2.81 22.87
C LYS D 340 -19.96 1.92 21.66
N ARG D 341 -19.89 0.59 21.79
CA ARG D 341 -20.19 -0.31 20.65
C ARG D 341 -21.68 -0.19 20.31
N CYS D 342 -22.55 -0.17 21.32
CA CYS D 342 -24.01 0.03 21.14
C CYS D 342 -24.28 1.35 20.40
N LEU D 343 -23.68 2.46 20.82
CA LEU D 343 -23.83 3.78 20.14
C LEU D 343 -23.39 3.63 18.68
N ASN D 344 -22.21 3.06 18.47
CA ASN D 344 -21.65 2.82 17.11
C ASN D 344 -22.62 1.99 16.26
N ASN D 345 -23.36 1.05 16.86
CA ASN D 345 -24.19 0.05 16.14
C ASN D 345 -25.66 0.49 16.08
N SER D 346 -25.96 1.71 16.54
CA SER D 346 -27.31 2.31 16.66
C SER D 346 -28.21 1.44 17.54
N ILE D 347 -27.66 0.82 18.59
CA ILE D 347 -28.44 0.04 19.58
C ILE D 347 -28.67 0.91 20.80
N TYR D 348 -29.92 1.28 21.06
CA TYR D 348 -30.30 2.06 22.25
C TYR D 348 -30.01 1.19 23.48
N VAL D 349 -29.48 1.82 24.52
CA VAL D 349 -29.11 1.14 25.78
C VAL D 349 -29.92 1.75 26.95
N SER D 350 -30.56 0.91 27.76
CA SER D 350 -31.02 1.23 29.13
C SER D 350 -30.36 0.25 30.11
N ASP D 351 -29.50 0.78 30.95
CA ASP D 351 -28.82 0.05 32.05
C ASP D 351 -29.15 0.74 33.37
N GLN D 352 -30.24 1.52 33.43
CA GLN D 352 -30.71 2.31 34.61
C GLN D 352 -32.19 2.03 34.85
N PRO D 353 -32.53 0.90 35.51
CA PRO D 353 -33.90 0.41 35.52
C PRO D 353 -34.98 1.41 35.95
N SER D 354 -34.64 2.36 36.83
CA SER D 354 -35.57 3.41 37.33
C SER D 354 -36.06 4.25 36.16
N GLN D 355 -35.21 4.45 35.13
CA GLN D 355 -35.49 5.33 33.97
C GLN D 355 -36.01 4.55 32.76
N LEU D 356 -36.29 3.26 32.87
CA LEU D 356 -36.67 2.45 31.67
C LEU D 356 -37.92 3.03 31.00
N HIS D 357 -38.94 3.37 31.76
CA HIS D 357 -40.24 3.84 31.21
C HIS D 357 -39.97 5.03 30.32
N HIS D 358 -39.25 6.02 30.86
CA HIS D 358 -38.89 7.25 30.11
C HIS D 358 -38.08 6.90 28.87
N GLN D 359 -37.13 5.98 28.99
CA GLN D 359 -36.20 5.60 27.89
C GLN D 359 -36.97 4.84 26.81
N LEU D 360 -37.94 4.00 27.19
CA LEU D 360 -38.76 3.27 26.18
C LEU D 360 -39.50 4.30 25.32
N ILE D 361 -40.09 5.30 25.96
CA ILE D 361 -40.89 6.36 25.28
C ILE D 361 -39.94 7.20 24.40
N LYS D 362 -38.76 7.56 24.88
CA LYS D 362 -37.76 8.33 24.09
C LYS D 362 -37.39 7.52 22.83
N TRP D 363 -37.03 6.25 22.99
CA TRP D 363 -36.61 5.35 21.90
C TRP D 363 -37.73 5.26 20.84
N ILE D 364 -38.95 4.98 21.27
CA ILE D 364 -40.14 4.77 20.39
C ILE D 364 -40.42 6.04 19.55
N ASN D 365 -40.04 7.23 20.04
CA ASN D 365 -40.29 8.54 19.36
C ASN D 365 -39.03 9.08 18.65
N ALA D 366 -37.91 8.36 18.66
CA ALA D 366 -36.59 8.84 18.16
#